data_8T3K
#
_entry.id   8T3K
#
_cell.length_a   1.00
_cell.length_b   1.00
_cell.length_c   1.00
_cell.angle_alpha   90.00
_cell.angle_beta   90.00
_cell.angle_gamma   90.00
#
_symmetry.space_group_name_H-M   'P 1'
#
loop_
_entity.id
_entity.type
_entity.pdbx_description
1 polymer 'Probable multidrug resistance ABC transporter ATP-binding/permease protein YheH'
2 polymer 'Probable multidrug resistance ABC transporter ATP-binding/permease protein YheI'
3 non-polymer '(2S)-3-(hexadecanoyloxy)-2-[(9Z)-octadec-9-enoyloxy]propyl 2-(trimethylammonio)ethyl phosphate'
4 non-polymer "ADENOSINE-5'-TRIPHOSPHATE"
#
loop_
_entity_poly.entity_id
_entity_poly.type
_entity_poly.pdbx_seq_one_letter_code
_entity_poly.pdbx_strand_id
1 'polypeptide(L)'
;MKIGKTLWRYALLYRKLLITAVLLLTVAVGAELTGPFIGKKMIDDHILGIEKTWYEAAEKDKNAVQFHGVSYVREDRLQE
PVSKAKEAHIYQVGMAFYFVDQAVSFDGNRTVSDGKLTITNGDKSRAYAAEKLTKQELFQFYQPEIKGMVLLIALYGGLL
VFSVFFQYGQHYLLQMSANRIIQKMRQDVFSHIQKMPIRYFDNLPAGKVVARITNDTEAIRDLYVTVLSTFVTSGIYMFG
IFTALFLLDVKLAFVALAIVPIIWLWSVIYRRYASYYNQKIRSINSDINAKMNESIQGMTIIQAFRHQKETMREFEELNE
SHFYFQNRMLNLNSLMSHNLVNVIRNLAFVALIWHFGGASLNAAGIVSIGVLYAFVDYLNRLFQPITGIVNQFSKLELAR
VSAGRVFELLEEKNTEEAGEPAKERALGRVEFRDVSFAYQEGEEVLKHISFTAQKGETVALVGHTGSGKSSILNLLFRFY
DAQKGDVLIDGKSIYNMSRQELRSHMGIVLQDPYLFSGTIGSNVSLDDERMTEEEIKNALRQVGAEPLLKKLPKGINEPV
IEKGSTLSSGERQLISFARALAFDPAILILDQATAHIDTETEAVIQKALDVVKQGRTTFVIAHRLSTIRNADQILVLDKG
EIVERGNHEELMALEGQYYQMYELQKGQKHSIALEHHHHHH
;
D
2 'polypeptide(L)'
;MGSSHHHHHHSSGLVPRGSHMLEFSVLKKLGWFFKAYWLRYTIAIVLLLAVNVIEMFPPKLLGNAIDDMKAGAFTAEGLL
FYIGIFFVLTAAVYIMSYFWMHQLFGGANLMEKILRTKLMGHLLTMSPPFYEKNRTGDLMARGTNDLQAVSLTTGFGILT
LVDSTMFMMTIFLTMGFLISWKLTFAAIIPLPVMAIAISLYGSKIHERFTEAQNAFGALNDRVLESVSGVRVIRAYVQET
NDVRRFNEMTADVYQKNMKVAFIDSLFEPTVKLLVGASYLIGLGYGAFLVFRNELTLGELVSFNVYLGMMIWPMFAIGEL
INVMQRGNASLDRVNETLSYETDVTDPKQPADLKEPGDIVFSHVSFTYPSSTSDNLQDISFTVRKGQTVGIAGKTGSGKT
TIIKQLLRQYPPGEGSITFSGVPIQQIPLDRLRGWIGYVPQDHLLFSRTVKENILYGKQDATDKEVQQAIAEAHFEKDLH
MLPSGLETMVGEKGVALSGGQKQRISIARALMANPEILILDQSLSAVDAKTEAAIIKNIRENRKGKTTFILTHRLSAVEH
ADLILVMDGGVIAERGTHQELLANNGWYREQYERQQLFTAEEGGAGA
;
C
#
loop_
_chem_comp.id
_chem_comp.type
_chem_comp.name
_chem_comp.formula
ATP non-polymer ADENOSINE-5'-TRIPHOSPHATE 'C10 H16 N5 O13 P3'
POV non-polymer '(2S)-3-(hexadecanoyloxy)-2-[(9Z)-octadec-9-enoyloxy]propyl 2-(trimethylammonio)ethyl phosphate' 'C42 H82 N O8 P'
#
# COMPACT_ATOMS: atom_id res chain seq x y z
N MET A 1 3.03 -25.93 14.25
CA MET A 1 3.17 -25.34 12.89
C MET A 1 4.15 -24.16 12.94
N LYS A 2 5.15 -24.21 12.07
CA LYS A 2 6.14 -23.15 11.95
C LYS A 2 6.04 -22.52 10.58
N ILE A 3 6.02 -21.19 10.52
CA ILE A 3 5.93 -20.48 9.25
C ILE A 3 7.16 -20.79 8.40
N GLY A 4 8.34 -20.76 9.01
CA GLY A 4 9.55 -20.95 8.25
C GLY A 4 9.65 -22.33 7.61
N LYS A 5 9.15 -23.35 8.31
CA LYS A 5 9.23 -24.71 7.78
C LYS A 5 8.45 -24.82 6.47
N THR A 6 7.22 -24.29 6.45
CA THR A 6 6.43 -24.34 5.23
C THR A 6 6.98 -23.41 4.17
N LEU A 7 7.56 -22.28 4.57
CA LEU A 7 8.20 -21.42 3.59
C LEU A 7 9.35 -22.14 2.89
N TRP A 8 10.17 -22.87 3.67
CA TRP A 8 11.25 -23.65 3.07
C TRP A 8 10.69 -24.77 2.20
N ARG A 9 9.64 -25.44 2.67
CA ARG A 9 9.05 -26.52 1.89
C ARG A 9 8.50 -26.01 0.57
N TYR A 10 8.03 -24.76 0.53
CA TYR A 10 7.51 -24.13 -0.71
C TYR A 10 8.69 -23.71 -1.58
N ALA A 11 9.79 -23.22 -0.98
CA ALA A 11 10.97 -22.86 -1.75
C ALA A 11 11.62 -24.07 -2.39
N LEU A 12 11.53 -25.24 -1.77
CA LEU A 12 12.11 -26.44 -2.36
C LEU A 12 11.55 -26.70 -3.75
N LEU A 13 10.30 -26.33 -3.98
CA LEU A 13 9.78 -26.30 -5.34
C LEU A 13 10.47 -25.19 -6.13
N TYR A 14 10.66 -25.42 -7.42
CA TYR A 14 11.40 -24.47 -8.27
C TYR A 14 12.82 -24.31 -7.75
N ARG A 15 13.37 -25.39 -7.20
CA ARG A 15 14.72 -25.38 -6.66
C ARG A 15 15.80 -25.27 -7.73
N LYS A 16 15.50 -25.67 -8.97
CA LYS A 16 16.49 -25.56 -10.03
C LYS A 16 16.84 -24.10 -10.28
N LEU A 17 15.84 -23.24 -10.38
CA LEU A 17 16.10 -21.82 -10.56
C LEU A 17 16.86 -21.25 -9.38
N LEU A 18 16.50 -21.66 -8.16
CA LEU A 18 17.18 -21.14 -6.97
C LEU A 18 18.65 -21.53 -6.96
N ILE A 19 18.96 -22.79 -7.27
CA ILE A 19 20.35 -23.22 -7.29
C ILE A 19 21.12 -22.51 -8.40
N THR A 20 20.52 -22.39 -9.59
CA THR A 20 21.18 -21.67 -10.66
C THR A 20 21.49 -20.24 -10.24
N ALA A 21 20.52 -19.56 -9.62
CA ALA A 21 20.73 -18.19 -9.18
C ALA A 21 21.81 -18.11 -8.12
N VAL A 22 21.78 -19.01 -7.14
CA VAL A 22 22.75 -18.96 -6.06
C VAL A 22 24.16 -19.14 -6.61
N LEU A 23 24.34 -20.09 -7.53
CA LEU A 23 25.68 -20.34 -8.05
C LEU A 23 26.14 -19.20 -8.95
N LEU A 24 25.26 -18.67 -9.81
CA LEU A 24 25.62 -17.51 -10.61
C LEU A 24 26.03 -16.34 -9.71
N LEU A 25 25.26 -16.08 -8.66
CA LEU A 25 25.59 -15.00 -7.74
C LEU A 25 26.92 -15.26 -7.04
N THR A 26 27.17 -16.50 -6.62
CA THR A 26 28.43 -16.81 -5.96
C THR A 26 29.61 -16.52 -6.88
N VAL A 27 29.52 -16.98 -8.13
CA VAL A 27 30.65 -16.76 -9.03
C VAL A 27 30.78 -15.29 -9.37
N ALA A 28 29.67 -14.56 -9.50
CA ALA A 28 29.77 -13.13 -9.79
C ALA A 28 30.41 -12.38 -8.62
N VAL A 29 30.04 -12.75 -7.40
CA VAL A 29 30.61 -12.11 -6.22
C VAL A 29 32.11 -12.39 -6.14
N GLY A 30 32.50 -13.64 -6.37
CA GLY A 30 33.91 -13.96 -6.37
C GLY A 30 34.67 -13.20 -7.45
N ALA A 31 34.12 -13.17 -8.66
CA ALA A 31 34.80 -12.47 -9.74
C ALA A 31 34.95 -10.99 -9.43
N GLU A 32 33.92 -10.38 -8.85
CA GLU A 32 34.01 -8.96 -8.54
C GLU A 32 35.01 -8.72 -7.41
N LEU A 33 34.91 -9.49 -6.33
CA LEU A 33 35.83 -9.31 -5.21
C LEU A 33 37.28 -9.53 -5.62
N THR A 34 37.53 -10.31 -6.67
CA THR A 34 38.90 -10.50 -7.12
C THR A 34 39.49 -9.23 -7.72
N GLY A 35 38.67 -8.20 -7.95
CA GLY A 35 39.15 -6.97 -8.54
C GLY A 35 40.10 -6.17 -7.65
N PRO A 36 39.67 -5.81 -6.42
CA PRO A 36 40.55 -5.12 -5.45
C PRO A 36 41.84 -5.90 -5.17
N PHE A 37 41.85 -7.23 -5.36
CA PHE A 37 43.06 -8.07 -5.18
C PHE A 37 43.97 -7.80 -6.38
N ILE A 38 43.42 -7.63 -7.58
CA ILE A 38 44.17 -7.24 -8.76
C ILE A 38 44.77 -5.85 -8.57
N GLY A 39 44.00 -4.94 -8.00
CA GLY A 39 44.53 -3.60 -7.73
C GLY A 39 45.69 -3.62 -6.75
N LYS A 40 45.58 -4.44 -5.70
CA LYS A 40 46.66 -4.56 -4.74
C LYS A 40 47.93 -5.06 -5.42
N LYS A 41 47.80 -6.08 -6.25
CA LYS A 41 48.98 -6.58 -6.96
C LYS A 41 49.54 -5.52 -7.91
N MET A 42 48.67 -4.84 -8.64
CA MET A 42 49.10 -3.85 -9.62
C MET A 42 49.69 -2.60 -8.96
N ILE A 43 49.44 -2.39 -7.67
CA ILE A 43 50.12 -1.33 -6.94
C ILE A 43 51.43 -1.85 -6.38
N ASP A 44 51.37 -2.94 -5.62
CA ASP A 44 52.54 -3.37 -4.84
C ASP A 44 53.67 -3.86 -5.74
N ASP A 45 53.34 -4.56 -6.83
CA ASP A 45 54.37 -5.20 -7.64
C ASP A 45 54.89 -4.30 -8.76
N HIS A 46 54.14 -3.28 -9.17
CA HIS A 46 54.53 -2.43 -10.28
C HIS A 46 54.84 -1.01 -9.84
N ILE A 47 53.89 -0.33 -9.20
CA ILE A 47 54.15 1.02 -8.71
C ILE A 47 55.17 0.98 -7.59
N LEU A 48 55.04 0.03 -6.68
CA LEU A 48 55.92 -0.10 -5.53
C LEU A 48 57.00 -1.16 -5.74
N GLY A 49 57.14 -1.68 -6.95
CA GLY A 49 58.20 -2.62 -7.22
C GLY A 49 59.58 -2.02 -7.35
N ILE A 50 59.65 -0.71 -7.59
CA ILE A 50 60.93 -0.04 -7.71
C ILE A 50 61.76 -0.18 -6.45
N GLU A 51 61.11 -0.32 -5.29
CA GLU A 51 61.85 -0.38 -4.04
C GLU A 51 62.72 -1.62 -3.95
N LYS A 52 62.33 -2.71 -4.61
CA LYS A 52 63.12 -3.93 -4.55
C LYS A 52 64.52 -3.68 -5.09
N THR A 53 65.47 -4.48 -4.59
CA THR A 53 66.87 -4.27 -4.94
C THR A 53 67.06 -4.30 -6.45
N TRP A 54 68.11 -3.64 -6.92
CA TRP A 54 68.48 -3.61 -8.32
C TRP A 54 69.92 -4.07 -8.46
N TYR A 55 70.21 -4.75 -9.57
CA TYR A 55 71.52 -5.31 -9.82
C TYR A 55 72.07 -4.80 -11.15
N GLU A 56 73.37 -4.52 -11.16
CA GLU A 56 74.05 -4.09 -12.38
C GLU A 56 74.04 -5.23 -13.39
N ALA A 57 73.24 -5.09 -14.44
CA ALA A 57 73.14 -6.15 -15.44
C ALA A 57 72.62 -5.56 -16.74
N ALA A 58 73.49 -5.49 -17.76
CA ALA A 58 73.05 -5.25 -19.12
C ALA A 58 72.71 -6.53 -19.86
N GLU A 59 72.77 -7.67 -19.17
CA GLU A 59 72.59 -8.97 -19.84
C GLU A 59 71.13 -9.18 -20.22
N LYS A 60 70.18 -9.03 -19.28
CA LYS A 60 68.74 -9.30 -19.54
C LYS A 60 68.13 -8.13 -20.33
N ASP A 61 68.52 -7.96 -21.58
CA ASP A 61 68.05 -6.88 -22.43
C ASP A 61 66.52 -6.92 -22.56
N LYS A 62 65.95 -5.81 -23.02
CA LYS A 62 64.52 -5.66 -23.22
C LYS A 62 63.78 -5.47 -21.90
N ASN A 63 64.45 -5.67 -20.78
CA ASN A 63 63.89 -5.29 -19.49
C ASN A 63 64.93 -4.70 -18.54
N ALA A 64 66.17 -4.51 -18.98
CA ALA A 64 67.20 -3.92 -18.15
C ALA A 64 67.19 -2.42 -18.35
N VAL A 65 66.89 -1.67 -17.29
CA VAL A 65 66.78 -0.23 -17.38
C VAL A 65 68.18 0.36 -17.43
N GLN A 66 68.29 1.53 -18.06
CA GLN A 66 69.58 2.18 -18.29
C GLN A 66 69.68 3.44 -17.47
N PHE A 67 70.65 3.49 -16.57
CA PHE A 67 70.95 4.70 -15.82
C PHE A 67 71.81 5.60 -16.72
N HIS A 68 72.38 6.66 -16.15
CA HIS A 68 73.33 7.44 -16.93
C HIS A 68 74.58 6.65 -17.27
N GLY A 69 74.81 5.54 -16.57
CA GLY A 69 75.94 4.68 -16.87
C GLY A 69 75.53 3.29 -17.31
N VAL A 70 75.71 2.30 -16.42
CA VAL A 70 75.40 0.91 -16.74
C VAL A 70 73.90 0.67 -16.58
N SER A 71 73.42 -0.46 -17.12
CA SER A 71 72.02 -0.82 -17.06
C SER A 71 71.76 -1.78 -15.91
N TYR A 72 70.56 -1.70 -15.35
CA TYR A 72 70.20 -2.42 -14.13
C TYR A 72 68.98 -3.30 -14.37
N VAL A 73 68.81 -4.27 -13.48
CA VAL A 73 67.71 -5.24 -13.56
C VAL A 73 67.18 -5.50 -12.16
N ARG A 74 65.87 -5.69 -12.05
CA ARG A 74 65.25 -5.91 -10.76
C ARG A 74 65.71 -7.23 -10.16
N GLU A 75 65.44 -7.40 -8.87
CA GLU A 75 65.84 -8.61 -8.17
C GLU A 75 65.04 -9.82 -8.63
N ASP A 76 63.72 -9.78 -8.46
CA ASP A 76 62.90 -10.92 -8.80
C ASP A 76 62.69 -11.07 -10.30
N ARG A 77 62.96 -10.02 -11.08
CA ARG A 77 62.91 -10.09 -12.54
C ARG A 77 64.25 -10.47 -13.14
N LEU A 78 65.12 -11.10 -12.37
CA LEU A 78 66.46 -11.47 -12.81
C LEU A 78 66.37 -12.80 -13.56
N GLN A 79 66.30 -12.72 -14.89
CA GLN A 79 66.16 -13.91 -15.71
C GLN A 79 67.44 -14.73 -15.77
N GLU A 80 68.60 -14.09 -15.70
CA GLU A 80 69.89 -14.78 -15.54
C GLU A 80 70.39 -14.45 -14.15
N PRO A 81 70.01 -15.21 -13.13
CA PRO A 81 70.44 -14.88 -11.76
C PRO A 81 71.95 -14.84 -11.63
N VAL A 82 72.44 -13.75 -11.05
CA VAL A 82 73.86 -13.57 -10.77
C VAL A 82 74.11 -13.43 -9.27
N SER A 83 73.12 -13.73 -8.45
CA SER A 83 73.25 -13.72 -6.98
C SER A 83 73.64 -12.28 -6.62
N LYS A 84 74.51 -12.06 -5.63
CA LYS A 84 74.77 -10.71 -5.15
C LYS A 84 75.07 -9.70 -6.25
N ALA A 85 76.05 -10.00 -7.10
CA ALA A 85 76.43 -9.13 -8.22
C ALA A 85 76.70 -7.74 -7.66
N LYS A 86 76.01 -6.70 -8.12
CA LYS A 86 76.23 -5.32 -7.67
C LYS A 86 74.92 -4.82 -7.06
N GLU A 87 74.88 -4.74 -5.72
CA GLU A 87 73.67 -4.36 -5.02
C GLU A 87 73.41 -2.86 -5.18
N ALA A 88 72.18 -2.50 -5.52
CA ALA A 88 71.79 -1.11 -5.67
C ALA A 88 70.34 -0.95 -5.22
N HIS A 89 69.99 0.27 -4.83
CA HIS A 89 68.66 0.60 -4.37
C HIS A 89 68.20 1.89 -5.00
N ILE A 90 66.88 2.09 -5.00
CA ILE A 90 66.26 3.37 -5.36
C ILE A 90 65.39 3.73 -4.17
N TYR A 91 65.86 4.65 -3.34
CA TYR A 91 65.13 5.08 -2.15
C TYR A 91 64.32 6.33 -2.43
N GLN A 92 63.34 6.58 -1.58
CA GLN A 92 62.45 7.72 -1.70
C GLN A 92 62.59 8.60 -0.46
N VAL A 93 62.85 9.88 -0.67
CA VAL A 93 62.91 10.85 0.42
C VAL A 93 61.99 12.01 0.04
N GLY A 94 60.98 12.26 0.86
CA GLY A 94 59.98 13.24 0.53
C GLY A 94 59.33 12.93 -0.80
N MET A 95 59.64 13.74 -1.81
CA MET A 95 59.21 13.48 -3.17
C MET A 95 60.34 12.96 -4.05
N ALA A 96 61.58 13.32 -3.75
CA ALA A 96 62.70 12.93 -4.58
C ALA A 96 62.95 11.42 -4.48
N PHE A 97 63.44 10.86 -5.58
CA PHE A 97 63.93 9.49 -5.63
C PHE A 97 65.43 9.54 -5.86
N TYR A 98 66.16 8.75 -5.08
CA TYR A 98 67.62 8.80 -5.08
C TYR A 98 68.17 7.40 -5.30
N PHE A 99 69.12 7.29 -6.22
CA PHE A 99 69.75 6.02 -6.57
C PHE A 99 71.00 5.83 -5.73
N VAL A 100 71.10 4.66 -5.09
CA VAL A 100 72.24 4.29 -4.26
C VAL A 100 72.90 3.08 -4.90
N ASP A 101 74.16 3.24 -5.30
CA ASP A 101 74.89 2.18 -5.99
C ASP A 101 75.80 1.43 -5.03
N GLN A 102 75.19 0.77 -4.05
CA GLN A 102 75.96 0.02 -3.06
C GLN A 102 74.99 -0.73 -2.15
N ALA A 103 75.48 -1.82 -1.58
CA ALA A 103 74.67 -2.65 -0.70
C ALA A 103 74.28 -1.86 0.54
N VAL A 104 73.07 -2.12 1.03
CA VAL A 104 72.54 -1.48 2.22
C VAL A 104 72.19 -2.55 3.23
N SER A 105 72.56 -2.32 4.49
CA SER A 105 72.38 -3.32 5.54
C SER A 105 71.12 -3.10 6.37
N PHE A 106 70.50 -1.92 6.28
CA PHE A 106 69.35 -1.62 7.11
C PHE A 106 68.44 -0.64 6.39
N ASP A 107 67.18 -0.60 6.82
CA ASP A 107 66.22 0.35 6.31
C ASP A 107 65.56 1.08 7.48
N GLY A 108 65.28 2.36 7.27
CA GLY A 108 64.64 3.16 8.29
C GLY A 108 64.50 4.61 7.88
N ASN A 109 64.63 5.53 8.84
CA ASN A 109 64.55 6.94 8.54
C ASN A 109 65.60 7.32 7.49
N ARG A 110 65.16 8.06 6.48
CA ARG A 110 66.00 8.41 5.34
C ARG A 110 66.17 9.92 5.30
N THR A 111 67.42 10.38 5.31
CA THR A 111 67.74 11.79 5.32
C THR A 111 68.79 12.09 4.26
N VAL A 112 68.60 13.19 3.54
CA VAL A 112 69.52 13.64 2.51
C VAL A 112 69.95 15.06 2.85
N SER A 113 71.26 15.31 2.86
CA SER A 113 71.80 16.62 3.17
C SER A 113 72.51 17.24 1.98
N ASP A 114 73.49 16.56 1.39
CA ASP A 114 74.25 17.09 0.27
C ASP A 114 74.51 15.98 -0.75
N GLY A 115 73.48 15.19 -1.06
CA GLY A 115 73.65 14.05 -1.92
C GLY A 115 74.23 12.83 -1.24
N LYS A 116 74.23 12.79 0.09
CA LYS A 116 74.74 11.65 0.85
C LYS A 116 73.56 11.12 1.68
N LEU A 117 72.79 10.21 1.10
CA LEU A 117 71.66 9.61 1.79
C LEU A 117 72.15 8.93 3.07
N THR A 118 71.42 9.15 4.16
CA THR A 118 71.77 8.61 5.47
C THR A 118 70.56 7.87 6.03
N ILE A 119 70.77 6.60 6.39
CA ILE A 119 69.74 5.79 7.02
C ILE A 119 70.33 5.27 8.34
N THR A 120 69.75 5.69 9.46
CA THR A 120 70.25 5.36 10.78
C THR A 120 69.27 4.50 11.58
N ASN A 121 68.04 4.98 11.77
CA ASN A 121 67.04 4.27 12.57
C ASN A 121 67.60 3.96 13.96
N GLY A 122 68.40 4.88 14.50
CA GLY A 122 69.01 4.69 15.79
C GLY A 122 70.18 3.72 15.79
N ASP A 123 70.66 3.30 14.63
CA ASP A 123 71.76 2.35 14.53
C ASP A 123 72.94 2.82 13.70
N LYS A 124 72.76 3.79 12.79
CA LYS A 124 73.83 4.27 11.94
C LYS A 124 74.52 3.10 11.23
N SER A 125 73.73 2.41 10.41
CA SER A 125 74.25 1.29 9.64
C SER A 125 75.40 1.75 8.75
N ARG A 126 75.21 2.85 8.03
CA ARG A 126 76.22 3.41 7.16
C ARG A 126 75.69 4.69 6.55
N ALA A 127 76.59 5.42 5.88
CA ALA A 127 76.22 6.58 5.08
C ALA A 127 76.50 6.26 3.63
N TYR A 128 75.52 6.50 2.76
CA TYR A 128 75.59 6.10 1.37
C TYR A 128 75.41 7.31 0.46
N ALA A 129 76.15 7.30 -0.64
CA ALA A 129 75.99 8.34 -1.66
C ALA A 129 74.63 8.19 -2.34
N ALA A 130 74.31 9.18 -3.16
CA ALA A 130 73.00 9.19 -3.81
C ALA A 130 73.04 10.12 -5.02
N GLU A 131 72.07 9.94 -5.89
CA GLU A 131 71.89 10.80 -7.06
C GLU A 131 70.41 11.00 -7.31
N LYS A 132 70.00 12.25 -7.45
CA LYS A 132 68.60 12.56 -7.72
C LYS A 132 68.18 11.89 -9.02
N LEU A 133 67.01 11.24 -8.99
CA LEU A 133 66.55 10.44 -10.11
C LEU A 133 66.03 11.28 -11.28
N THR A 134 66.14 12.61 -11.20
CA THR A 134 65.73 13.49 -12.28
C THR A 134 64.26 13.19 -12.59
N LYS A 135 63.82 13.38 -13.83
CA LYS A 135 62.46 13.08 -14.24
C LYS A 135 62.41 11.99 -15.31
N GLN A 136 63.20 12.13 -16.36
CA GLN A 136 63.22 11.10 -17.40
C GLN A 136 63.73 9.78 -16.85
N GLU A 137 64.74 9.82 -15.98
CA GLU A 137 65.26 8.58 -15.42
C GLU A 137 64.20 7.85 -14.62
N LEU A 138 63.42 8.58 -13.81
CA LEU A 138 62.38 7.92 -13.03
C LEU A 138 61.37 7.25 -13.95
N PHE A 139 61.04 7.88 -15.07
CA PHE A 139 60.12 7.29 -16.03
C PHE A 139 60.74 6.05 -16.68
N GLN A 140 62.04 6.09 -16.96
CA GLN A 140 62.70 4.94 -17.58
C GLN A 140 62.64 3.73 -16.65
N PHE A 141 62.84 3.93 -15.36
CA PHE A 141 62.71 2.86 -14.39
C PHE A 141 61.26 2.41 -14.22
N TYR A 142 60.30 3.15 -14.79
CA TYR A 142 58.90 2.77 -14.71
C TYR A 142 58.38 2.10 -15.97
N GLN A 143 59.03 2.31 -17.11
CA GLN A 143 58.56 1.70 -18.35
C GLN A 143 58.48 0.18 -18.30
N PRO A 144 59.44 -0.54 -17.69
CA PRO A 144 59.34 -2.01 -17.72
C PRO A 144 58.04 -2.53 -17.16
N GLU A 145 57.44 -1.83 -16.20
CA GLU A 145 56.21 -2.28 -15.59
C GLU A 145 54.98 -1.91 -16.40
N ILE A 146 55.10 -0.98 -17.34
CA ILE A 146 53.93 -0.45 -18.02
C ILE A 146 53.13 -1.58 -18.66
N LYS A 147 53.82 -2.51 -19.32
CA LYS A 147 53.11 -3.62 -19.95
C LYS A 147 52.24 -4.34 -18.93
N GLY A 148 52.83 -4.73 -17.80
CA GLY A 148 52.04 -5.35 -16.75
C GLY A 148 50.90 -4.45 -16.31
N MET A 149 51.18 -3.16 -16.15
CA MET A 149 50.12 -2.21 -15.82
C MET A 149 48.95 -2.39 -16.77
N VAL A 150 49.22 -2.45 -18.07
CA VAL A 150 48.16 -2.64 -19.04
C VAL A 150 47.52 -4.01 -18.85
N LEU A 151 48.34 -5.05 -18.74
CA LEU A 151 47.81 -6.41 -18.74
C LEU A 151 46.78 -6.59 -17.63
N LEU A 152 47.20 -6.42 -16.38
CA LEU A 152 46.27 -6.54 -15.27
C LEU A 152 45.04 -5.68 -15.50
N ILE A 153 45.25 -4.46 -16.03
CA ILE A 153 44.12 -3.57 -16.26
C ILE A 153 43.09 -4.28 -17.12
N ALA A 154 43.52 -4.81 -18.27
CA ALA A 154 42.60 -5.56 -19.12
C ALA A 154 41.92 -6.66 -18.32
N LEU A 155 42.70 -7.45 -17.58
CA LEU A 155 42.10 -8.47 -16.73
C LEU A 155 40.97 -7.87 -15.91
N TYR A 156 41.28 -6.85 -15.11
CA TYR A 156 40.23 -6.13 -14.39
C TYR A 156 39.05 -5.85 -15.31
N GLY A 157 39.30 -5.06 -16.36
CA GLY A 157 38.24 -4.77 -17.31
C GLY A 157 37.44 -6.01 -17.65
N GLY A 158 38.13 -7.05 -18.12
CA GLY A 158 37.46 -8.27 -18.50
C GLY A 158 36.52 -8.73 -17.42
N LEU A 159 37.06 -9.00 -16.23
CA LEU A 159 36.23 -9.52 -15.16
C LEU A 159 34.99 -8.68 -14.99
N LEU A 160 35.16 -7.36 -14.98
CA LEU A 160 34.02 -6.47 -14.79
C LEU A 160 32.89 -6.85 -15.72
N VAL A 161 33.15 -6.81 -17.04
CA VAL A 161 32.10 -7.16 -17.99
C VAL A 161 31.55 -8.53 -17.67
N PHE A 162 32.44 -9.50 -17.48
CA PHE A 162 32.02 -10.82 -17.04
C PHE A 162 31.03 -10.72 -15.89
N SER A 163 31.48 -10.15 -14.77
CA SER A 163 30.63 -10.12 -13.59
C SER A 163 29.27 -9.55 -13.92
N VAL A 164 29.24 -8.54 -14.78
CA VAL A 164 27.98 -7.88 -15.09
C VAL A 164 26.94 -8.91 -15.48
N PHE A 165 27.26 -9.75 -16.46
CA PHE A 165 26.32 -10.78 -16.87
C PHE A 165 25.99 -11.68 -15.70
N PHE A 166 27.00 -12.18 -15.00
CA PHE A 166 26.76 -13.06 -13.87
C PHE A 166 26.05 -12.35 -12.73
N GLN A 167 25.98 -11.02 -12.75
CA GLN A 167 25.17 -10.25 -11.80
C GLN A 167 23.74 -10.08 -12.28
N TYR A 168 23.53 -9.90 -13.59
CA TYR A 168 22.17 -9.79 -14.09
C TYR A 168 21.42 -11.09 -13.88
N GLY A 169 21.86 -12.16 -14.54
CA GLY A 169 21.16 -13.42 -14.55
C GLY A 169 20.61 -13.78 -13.20
N GLN A 170 21.50 -13.92 -12.21
CA GLN A 170 21.06 -14.43 -10.90
C GLN A 170 19.86 -13.66 -10.42
N HIS A 171 19.94 -12.32 -10.42
CA HIS A 171 18.83 -11.54 -9.90
C HIS A 171 17.55 -11.90 -10.65
N TYR A 172 17.59 -11.85 -11.98
CA TYR A 172 16.43 -12.25 -12.76
C TYR A 172 15.94 -13.62 -12.33
N LEU A 173 16.84 -14.60 -12.27
CA LEU A 173 16.42 -15.92 -11.86
C LEU A 173 15.69 -15.86 -10.53
N LEU A 174 16.30 -15.23 -9.54
CA LEU A 174 15.65 -15.14 -8.23
C LEU A 174 14.23 -14.63 -8.39
N GLN A 175 14.07 -13.53 -9.14
CA GLN A 175 12.74 -12.99 -9.37
C GLN A 175 11.78 -14.10 -9.77
N MET A 176 12.04 -14.74 -10.91
CA MET A 176 11.18 -15.83 -11.36
C MET A 176 10.85 -16.74 -10.19
N SER A 177 11.89 -17.29 -9.55
CA SER A 177 11.65 -18.22 -8.46
C SER A 177 10.57 -17.70 -7.54
N ALA A 178 10.82 -16.55 -6.91
CA ALA A 178 9.87 -16.02 -5.95
C ALA A 178 8.50 -15.93 -6.58
N ASN A 179 8.40 -15.26 -7.73
CA ASN A 179 7.10 -15.07 -8.35
C ASN A 179 6.41 -16.41 -8.56
N ARG A 180 7.14 -17.38 -9.12
CA ARG A 180 6.50 -18.65 -9.42
C ARG A 180 5.98 -19.29 -8.15
N ILE A 181 6.78 -19.25 -7.07
CA ILE A 181 6.30 -19.80 -5.81
C ILE A 181 4.97 -19.16 -5.45
N ILE A 182 4.92 -17.83 -5.51
CA ILE A 182 3.68 -17.13 -5.19
C ILE A 182 2.56 -17.66 -6.06
N GLN A 183 2.79 -17.75 -7.37
CA GLN A 183 1.80 -18.32 -8.26
C GLN A 183 1.33 -19.66 -7.70
N LYS A 184 2.26 -20.59 -7.47
CA LYS A 184 1.90 -21.84 -6.82
C LYS A 184 1.03 -21.59 -5.61
N MET A 185 1.56 -20.83 -4.65
CA MET A 185 0.80 -20.49 -3.44
C MET A 185 -0.61 -20.10 -3.81
N ARG A 186 -0.75 -19.08 -4.65
CA ARG A 186 -2.08 -18.57 -4.97
C ARG A 186 -2.97 -19.70 -5.45
N GLN A 187 -2.52 -20.47 -6.44
CA GLN A 187 -3.31 -21.58 -6.94
C GLN A 187 -3.81 -22.43 -5.77
N ASP A 188 -2.89 -22.93 -4.95
CA ASP A 188 -3.30 -23.78 -3.85
C ASP A 188 -4.36 -23.08 -3.01
N VAL A 189 -4.09 -21.84 -2.59
CA VAL A 189 -5.07 -21.10 -1.82
C VAL A 189 -6.44 -21.17 -2.49
N PHE A 190 -6.51 -20.75 -3.76
CA PHE A 190 -7.81 -20.72 -4.41
C PHE A 190 -8.43 -22.10 -4.47
N SER A 191 -7.62 -23.12 -4.77
CA SER A 191 -8.15 -24.48 -4.76
C SER A 191 -8.76 -24.79 -3.41
N HIS A 192 -8.03 -24.50 -2.34
CA HIS A 192 -8.56 -24.76 -1.00
C HIS A 192 -9.81 -23.91 -0.73
N ILE A 193 -9.92 -22.76 -1.39
CA ILE A 193 -11.11 -21.94 -1.21
C ILE A 193 -12.32 -22.59 -1.86
N GLN A 194 -12.12 -23.33 -2.95
CA GLN A 194 -13.22 -24.05 -3.58
C GLN A 194 -13.55 -25.35 -2.88
N LYS A 195 -12.76 -25.73 -1.88
CA LYS A 195 -13.07 -26.87 -1.01
C LYS A 195 -13.59 -26.44 0.34
N MET A 196 -13.93 -25.18 0.50
CA MET A 196 -14.28 -24.62 1.79
C MET A 196 -15.80 -24.73 1.99
N PRO A 197 -16.27 -24.97 3.20
CA PRO A 197 -17.72 -24.94 3.42
C PRO A 197 -18.29 -23.53 3.25
N ILE A 198 -19.54 -23.45 2.82
CA ILE A 198 -20.18 -22.16 2.65
C ILE A 198 -20.20 -21.40 3.97
N ARG A 199 -20.11 -22.13 5.07
CA ARG A 199 -19.99 -21.47 6.37
C ARG A 199 -18.81 -20.52 6.37
N TYR A 200 -17.69 -20.93 5.76
CA TYR A 200 -16.50 -20.09 5.74
C TYR A 200 -16.82 -18.70 5.23
N PHE A 201 -17.49 -18.61 4.09
CA PHE A 201 -17.85 -17.30 3.52
C PHE A 201 -19.05 -16.68 4.22
N ASP A 202 -19.83 -17.47 4.96
CA ASP A 202 -20.94 -16.90 5.73
C ASP A 202 -20.43 -16.21 6.99
N ASN A 203 -19.43 -16.76 7.65
CA ASN A 203 -18.85 -16.17 8.85
C ASN A 203 -17.65 -15.28 8.54
N LEU A 204 -17.52 -14.81 7.29
CA LEU A 204 -16.37 -14.02 6.88
C LEU A 204 -16.76 -13.13 5.71
N PRO A 205 -16.25 -11.91 5.62
CA PRO A 205 -16.58 -11.04 4.49
C PRO A 205 -15.75 -11.38 3.25
N ALA A 206 -16.19 -10.83 2.12
CA ALA A 206 -15.45 -11.04 0.87
C ALA A 206 -14.11 -10.33 0.90
N GLY A 207 -14.05 -9.12 1.44
CA GLY A 207 -12.80 -8.39 1.46
C GLY A 207 -11.69 -9.15 2.17
N LYS A 208 -12.02 -9.76 3.30
CA LYS A 208 -11.01 -10.49 4.06
C LYS A 208 -10.45 -11.64 3.24
N VAL A 209 -11.32 -12.43 2.61
CA VAL A 209 -10.84 -13.58 1.86
C VAL A 209 -10.02 -13.13 0.66
N VAL A 210 -10.49 -12.11 -0.07
CA VAL A 210 -9.74 -11.66 -1.24
C VAL A 210 -8.37 -11.16 -0.81
N ALA A 211 -8.31 -10.44 0.32
CA ALA A 211 -7.01 -10.02 0.83
C ALA A 211 -6.14 -11.22 1.17
N ARG A 212 -6.73 -12.25 1.76
CA ARG A 212 -5.99 -13.46 2.08
C ARG A 212 -5.58 -14.26 0.85
N ILE A 213 -6.12 -13.93 -0.32
CA ILE A 213 -5.72 -14.58 -1.56
C ILE A 213 -4.62 -13.82 -2.27
N THR A 214 -4.79 -12.52 -2.45
CA THR A 214 -3.94 -11.73 -3.33
C THR A 214 -2.96 -10.84 -2.58
N ASN A 215 -3.46 -9.96 -1.72
CA ASN A 215 -2.58 -9.02 -1.03
C ASN A 215 -1.61 -9.76 -0.11
N ASP A 216 -2.09 -10.78 0.60
CA ASP A 216 -1.21 -11.57 1.45
C ASP A 216 -0.15 -12.29 0.62
N THR A 217 -0.54 -12.84 -0.53
CA THR A 217 0.43 -13.50 -1.37
C THR A 217 1.41 -12.51 -1.99
N GLU A 218 0.99 -11.28 -2.21
CA GLU A 218 1.95 -10.25 -2.62
C GLU A 218 2.93 -9.92 -1.50
N ALA A 219 2.43 -9.86 -0.26
CA ALA A 219 3.33 -9.70 0.87
C ALA A 219 4.34 -10.84 0.95
N ILE A 220 3.89 -12.06 0.66
CA ILE A 220 4.81 -13.20 0.68
C ILE A 220 5.80 -13.10 -0.47
N ARG A 221 5.37 -12.58 -1.61
CA ARG A 221 6.32 -12.32 -2.70
C ARG A 221 7.42 -11.39 -2.23
N ASP A 222 7.03 -10.28 -1.59
CA ASP A 222 8.03 -9.35 -1.07
C ASP A 222 8.90 -10.01 -0.02
N LEU A 223 8.32 -10.91 0.79
CA LEU A 223 9.11 -11.64 1.78
C LEU A 223 10.20 -12.46 1.09
N TYR A 224 9.83 -13.16 0.03
CA TYR A 224 10.82 -13.99 -0.67
C TYR A 224 11.88 -13.11 -1.32
N VAL A 225 11.49 -12.00 -1.93
CA VAL A 225 12.47 -11.09 -2.52
C VAL A 225 13.40 -10.55 -1.45
N THR A 226 12.86 -10.23 -0.27
CA THR A 226 13.69 -9.75 0.83
C THR A 226 14.69 -10.82 1.27
N VAL A 227 14.21 -12.04 1.48
CA VAL A 227 15.09 -13.09 1.97
C VAL A 227 16.18 -13.38 0.96
N LEU A 228 15.84 -13.40 -0.33
CA LEU A 228 16.79 -13.82 -1.36
C LEU A 228 17.68 -12.67 -1.82
N SER A 229 17.08 -11.61 -2.36
CA SER A 229 17.87 -10.54 -2.97
C SER A 229 18.63 -9.69 -1.97
N THR A 230 18.32 -9.82 -0.67
CA THR A 230 18.99 -9.02 0.35
C THR A 230 19.83 -9.86 1.30
N PHE A 231 19.23 -10.84 1.97
CA PHE A 231 19.97 -11.59 2.98
C PHE A 231 20.96 -12.55 2.34
N VAL A 232 20.55 -13.28 1.31
CA VAL A 232 21.44 -14.22 0.66
C VAL A 232 22.58 -13.48 -0.04
N THR A 233 22.24 -12.45 -0.81
CA THR A 233 23.28 -11.70 -1.52
C THR A 233 24.23 -11.03 -0.55
N SER A 234 23.70 -10.40 0.49
CA SER A 234 24.55 -9.74 1.48
C SER A 234 25.44 -10.74 2.19
N GLY A 235 24.90 -11.89 2.56
CA GLY A 235 25.72 -12.90 3.22
C GLY A 235 26.82 -13.44 2.33
N ILE A 236 26.50 -13.67 1.06
CA ILE A 236 27.52 -14.16 0.14
C ILE A 236 28.61 -13.12 -0.04
N TYR A 237 28.21 -11.85 -0.14
CA TYR A 237 29.17 -10.73 -0.35
C TYR A 237 30.01 -10.54 0.91
N MET A 238 29.47 -10.80 2.10
CA MET A 238 30.24 -10.75 3.34
C MET A 238 31.23 -11.91 3.41
N PHE A 239 30.77 -13.12 3.10
CA PHE A 239 31.65 -14.27 3.15
C PHE A 239 32.82 -14.11 2.19
N GLY A 240 32.55 -13.66 0.96
CA GLY A 240 33.61 -13.45 0.00
C GLY A 240 34.60 -12.39 0.44
N ILE A 241 34.09 -11.24 0.90
CA ILE A 241 34.97 -10.15 1.31
C ILE A 241 35.81 -10.57 2.50
N PHE A 242 35.21 -11.26 3.46
CA PHE A 242 35.96 -11.69 4.63
C PHE A 242 37.02 -12.71 4.25
N THR A 243 36.70 -13.61 3.32
CA THR A 243 37.71 -14.55 2.83
C THR A 243 38.86 -13.82 2.17
N ALA A 244 38.56 -12.83 1.35
CA ALA A 244 39.63 -12.07 0.69
C ALA A 244 40.47 -11.33 1.71
N LEU A 245 39.84 -10.75 2.74
CA LEU A 245 40.60 -10.10 3.79
C LEU A 245 41.50 -11.09 4.52
N PHE A 246 41.00 -12.27 4.81
CA PHE A 246 41.81 -13.27 5.51
C PHE A 246 42.98 -13.73 4.65
N LEU A 247 42.77 -13.84 3.34
CA LEU A 247 43.89 -14.14 2.45
C LEU A 247 44.91 -13.02 2.47
N LEU A 248 44.45 -11.77 2.42
CA LEU A 248 45.35 -10.63 2.46
C LEU A 248 46.11 -10.59 3.78
N ASP A 249 45.38 -10.42 4.89
CA ASP A 249 45.97 -10.36 6.22
C ASP A 249 45.10 -11.15 7.18
N VAL A 250 45.67 -11.50 8.33
CA VAL A 250 44.98 -12.28 9.35
C VAL A 250 44.53 -11.41 10.52
N LYS A 251 45.47 -10.75 11.19
CA LYS A 251 45.10 -9.95 12.36
C LYS A 251 44.13 -8.83 11.99
N LEU A 252 44.42 -8.12 10.89
CA LEU A 252 43.45 -7.14 10.41
C LEU A 252 42.15 -7.81 10.00
N ALA A 253 42.23 -9.02 9.47
CA ALA A 253 41.01 -9.78 9.19
C ALA A 253 40.28 -10.14 10.48
N PHE A 254 41.01 -10.32 11.59
CA PHE A 254 40.39 -10.60 12.91
C PHE A 254 39.70 -9.34 13.39
N VAL A 255 40.27 -8.15 13.16
CA VAL A 255 39.61 -6.89 13.51
C VAL A 255 38.33 -6.72 12.68
N ALA A 256 38.43 -6.97 11.37
CA ALA A 256 37.26 -6.83 10.52
C ALA A 256 36.16 -7.82 10.89
N LEU A 257 36.54 -9.06 11.20
CA LEU A 257 35.55 -10.05 11.63
C LEU A 257 34.93 -9.68 12.97
N ALA A 258 35.59 -8.84 13.75
CA ALA A 258 35.01 -8.40 15.01
C ALA A 258 33.82 -7.46 14.84
N ILE A 259 33.38 -7.16 13.60
CA ILE A 259 32.25 -6.27 13.41
C ILE A 259 30.92 -7.00 13.30
N VAL A 260 30.92 -8.30 13.01
CA VAL A 260 29.66 -9.02 12.89
C VAL A 260 28.84 -8.93 14.17
N PRO A 261 29.40 -9.13 15.36
CA PRO A 261 28.62 -8.90 16.58
C PRO A 261 28.09 -7.48 16.67
N ILE A 262 28.82 -6.50 16.14
CA ILE A 262 28.35 -5.13 16.14
C ILE A 262 27.07 -5.01 15.32
N ILE A 263 27.07 -5.62 14.14
CA ILE A 263 25.86 -5.58 13.31
C ILE A 263 24.74 -6.34 13.99
N TRP A 264 25.06 -7.43 14.69
CA TRP A 264 24.02 -8.19 15.39
C TRP A 264 23.35 -7.33 16.45
N LEU A 265 24.14 -6.67 17.30
CA LEU A 265 23.56 -5.85 18.36
C LEU A 265 22.84 -4.63 17.78
N TRP A 266 23.42 -4.00 16.77
CA TRP A 266 22.74 -2.89 16.10
C TRP A 266 21.37 -3.33 15.61
N SER A 267 21.31 -4.43 14.86
CA SER A 267 20.04 -4.89 14.33
C SER A 267 19.06 -5.26 15.44
N VAL A 268 19.56 -5.94 16.49
CA VAL A 268 18.67 -6.36 17.56
C VAL A 268 18.00 -5.16 18.21
N ILE A 269 18.79 -4.16 18.62
CA ILE A 269 18.19 -3.03 19.32
C ILE A 269 17.38 -2.16 18.37
N TYR A 270 17.84 -1.99 17.12
CA TYR A 270 17.06 -1.24 16.16
C TYR A 270 15.69 -1.85 15.96
N ARG A 271 15.61 -3.18 15.83
CA ARG A 271 14.31 -3.85 15.73
C ARG A 271 13.52 -3.67 17.02
N ARG A 272 14.17 -3.81 18.17
CA ARG A 272 13.46 -3.74 19.45
C ARG A 272 12.75 -2.40 19.60
N TYR A 273 13.37 -1.32 19.13
CA TYR A 273 12.75 0.00 19.24
C TYR A 273 11.86 0.32 18.05
N ALA A 274 12.22 -0.12 16.85
CA ALA A 274 11.43 0.21 15.67
C ALA A 274 10.11 -0.52 15.67
N SER A 275 10.03 -1.68 16.32
CA SER A 275 8.73 -2.32 16.47
C SER A 275 7.75 -1.39 17.16
N TYR A 276 8.13 -0.88 18.33
CA TYR A 276 7.35 0.15 19.00
C TYR A 276 7.01 1.29 18.06
N TYR A 277 8.05 1.93 17.52
CA TYR A 277 7.87 3.23 16.90
C TYR A 277 7.15 3.13 15.56
N ASN A 278 7.06 1.94 14.96
CA ASN A 278 6.33 1.77 13.72
C ASN A 278 4.94 1.19 13.90
N GLN A 279 4.76 0.29 14.88
CA GLN A 279 3.41 -0.13 15.23
C GLN A 279 2.58 1.06 15.70
N LYS A 280 3.18 1.93 16.51
CA LYS A 280 2.47 3.07 17.09
C LYS A 280 2.34 4.23 16.12
N ILE A 281 2.70 4.06 14.86
CA ILE A 281 2.35 5.01 13.81
C ILE A 281 1.43 4.38 12.78
N ARG A 282 1.59 3.07 12.51
CA ARG A 282 0.64 2.39 11.65
C ARG A 282 -0.74 2.37 12.29
N SER A 283 -0.82 2.02 13.56
CA SER A 283 -2.11 2.00 14.25
C SER A 283 -2.71 3.40 14.32
N ILE A 284 -1.88 4.40 14.61
CA ILE A 284 -2.41 5.75 14.78
C ILE A 284 -2.85 6.33 13.45
N ASN A 285 -2.15 6.00 12.36
CA ASN A 285 -2.61 6.46 11.05
C ASN A 285 -3.88 5.72 10.64
N SER A 286 -4.04 4.47 11.06
CA SER A 286 -5.33 3.80 10.85
C SER A 286 -6.44 4.54 11.59
N ASP A 287 -6.19 4.93 12.84
CA ASP A 287 -7.18 5.70 13.59
C ASP A 287 -7.45 7.04 12.89
N ILE A 288 -6.42 7.68 12.37
CA ILE A 288 -6.57 8.95 11.68
C ILE A 288 -7.48 8.79 10.47
N ASN A 289 -7.23 7.75 9.67
CA ASN A 289 -8.04 7.52 8.48
C ASN A 289 -9.48 7.18 8.86
N ALA A 290 -9.66 6.38 9.91
CA ALA A 290 -11.01 6.04 10.36
C ALA A 290 -11.76 7.30 10.79
N LYS A 291 -11.10 8.17 11.55
CA LYS A 291 -11.74 9.40 11.98
C LYS A 291 -12.08 10.31 10.80
N MET A 292 -11.16 10.44 9.84
CA MET A 292 -11.41 11.30 8.70
C MET A 292 -12.56 10.76 7.84
N ASN A 293 -12.66 9.43 7.70
CA ASN A 293 -13.72 8.87 6.87
C ASN A 293 -15.06 8.90 7.59
N GLU A 294 -15.06 8.71 8.90
CA GLU A 294 -16.30 8.75 9.66
C GLU A 294 -16.86 10.15 9.78
N SER A 295 -16.08 11.18 9.41
CA SER A 295 -16.47 12.57 9.58
C SER A 295 -16.44 13.33 8.27
N ILE A 296 -16.67 12.63 7.15
CA ILE A 296 -16.75 13.26 5.83
C ILE A 296 -18.10 13.02 5.18
N GLN A 297 -18.65 11.81 5.31
CA GLN A 297 -19.99 11.56 4.77
C GLN A 297 -21.07 12.17 5.63
N GLY A 298 -20.72 12.71 6.79
CA GLY A 298 -21.67 13.39 7.64
C GLY A 298 -21.48 14.89 7.60
N MET A 299 -21.08 15.42 6.44
CA MET A 299 -20.93 16.85 6.28
C MET A 299 -22.25 17.60 6.42
N THR A 300 -23.37 16.91 6.27
CA THR A 300 -24.68 17.52 6.52
C THR A 300 -25.08 17.48 7.98
N ILE A 301 -24.49 16.58 8.77
CA ILE A 301 -24.86 16.40 10.17
C ILE A 301 -23.81 17.01 11.09
N ILE A 302 -22.53 16.73 10.83
CA ILE A 302 -21.45 17.34 11.61
C ILE A 302 -21.56 18.85 11.54
N GLN A 303 -21.94 19.38 10.38
CA GLN A 303 -22.14 20.82 10.24
C GLN A 303 -23.29 21.30 11.12
N ALA A 304 -24.42 20.59 11.09
CA ALA A 304 -25.63 21.04 11.77
C ALA A 304 -25.73 20.47 13.18
N PHE A 305 -24.67 20.59 13.95
CA PHE A 305 -24.63 20.11 15.34
C PHE A 305 -23.44 20.76 16.01
N ARG A 306 -23.21 20.46 17.28
CA ARG A 306 -22.10 21.01 18.05
C ARG A 306 -20.87 20.10 18.00
N HIS A 307 -20.42 19.75 16.79
CA HIS A 307 -19.19 19.00 16.65
C HIS A 307 -18.38 19.39 15.42
N GLN A 308 -18.78 20.42 14.68
CA GLN A 308 -17.95 20.89 13.58
C GLN A 308 -16.59 21.36 14.06
N LYS A 309 -16.50 21.76 15.33
CA LYS A 309 -15.24 22.21 15.92
C LYS A 309 -14.78 21.34 17.07
N GLU A 310 -15.49 20.26 17.38
CA GLU A 310 -15.06 19.36 18.44
C GLU A 310 -14.30 18.14 17.90
N THR A 311 -14.41 17.87 16.60
CA THR A 311 -13.60 16.81 15.99
C THR A 311 -12.11 17.10 16.17
N MET A 312 -11.73 18.37 16.02
CA MET A 312 -10.33 18.74 16.14
C MET A 312 -9.76 18.28 17.48
N ARG A 313 -10.53 18.36 18.56
CA ARG A 313 -10.01 18.03 19.87
C ARG A 313 -9.47 16.61 19.93
N GLU A 314 -10.35 15.62 19.79
CA GLU A 314 -9.90 14.24 19.89
C GLU A 314 -8.96 13.86 18.75
N PHE A 315 -9.18 14.42 17.55
CA PHE A 315 -8.21 14.14 16.50
C PHE A 315 -6.82 14.55 16.96
N GLU A 316 -6.62 15.83 17.26
CA GLU A 316 -5.29 16.29 17.64
C GLU A 316 -4.77 15.53 18.84
N GLU A 317 -5.65 15.10 19.74
CA GLU A 317 -5.20 14.20 20.80
C GLU A 317 -4.51 12.98 20.22
N LEU A 318 -5.04 12.44 19.12
CA LEU A 318 -4.38 11.32 18.44
C LEU A 318 -3.16 11.79 17.65
N ASN A 319 -3.29 12.93 16.96
CA ASN A 319 -2.32 13.37 15.97
C ASN A 319 -1.02 13.81 16.63
N GLU A 320 -1.10 14.42 17.81
CA GLU A 320 0.12 14.79 18.52
C GLU A 320 0.91 13.54 18.89
N SER A 321 0.23 12.48 19.30
CA SER A 321 0.91 11.22 19.57
C SER A 321 1.49 10.62 18.30
N HIS A 322 0.75 10.70 17.19
CA HIS A 322 1.29 10.22 15.91
C HIS A 322 2.58 10.94 15.56
N PHE A 323 2.58 12.26 15.62
CA PHE A 323 3.76 13.05 15.30
C PHE A 323 4.88 12.83 16.31
N TYR A 324 4.53 12.61 17.58
CA TYR A 324 5.52 12.33 18.60
C TYR A 324 6.24 11.02 18.32
N PHE A 325 5.50 9.98 17.92
CA PHE A 325 6.14 8.72 17.61
C PHE A 325 6.85 8.77 16.27
N GLN A 326 6.36 9.57 15.33
CA GLN A 326 7.13 9.84 14.11
C GLN A 326 8.49 10.43 14.46
N ASN A 327 8.51 11.42 15.36
CA ASN A 327 9.77 12.02 15.77
C ASN A 327 10.63 11.05 16.58
N ARG A 328 10.01 10.16 17.36
CA ARG A 328 10.79 9.15 18.06
C ARG A 328 11.46 8.19 17.09
N MET A 329 10.74 7.81 16.03
CA MET A 329 11.33 7.00 14.97
C MET A 329 12.47 7.76 14.29
N LEU A 330 12.28 9.06 14.07
CA LEU A 330 13.36 9.87 13.50
C LEU A 330 14.58 9.89 14.40
N ASN A 331 14.37 9.98 15.72
CA ASN A 331 15.48 9.93 16.65
C ASN A 331 16.21 8.59 16.58
N LEU A 332 15.46 7.48 16.58
CA LEU A 332 16.09 6.17 16.50
C LEU A 332 16.86 6.02 15.20
N ASN A 333 16.31 6.56 14.11
CA ASN A 333 17.05 6.59 12.84
C ASN A 333 18.34 7.38 13.00
N SER A 334 18.28 8.53 13.68
CA SER A 334 19.46 9.38 13.81
C SER A 334 20.57 8.69 14.58
N LEU A 335 20.22 7.94 15.63
CA LEU A 335 21.23 7.22 16.40
C LEU A 335 21.68 5.94 15.69
N MET A 336 21.22 5.69 14.48
CA MET A 336 21.59 4.51 13.69
C MET A 336 21.56 4.91 12.22
N SER A 337 21.45 3.92 11.33
CA SER A 337 21.37 4.14 9.89
C SER A 337 22.70 4.62 9.33
N HIS A 338 22.66 5.52 8.35
CA HIS A 338 23.91 5.96 7.72
C HIS A 338 24.87 6.54 8.74
N ASN A 339 24.36 7.07 9.85
CA ASN A 339 25.21 7.69 10.85
C ASN A 339 26.16 6.67 11.46
N LEU A 340 25.62 5.55 11.95
CA LEU A 340 26.48 4.52 12.51
C LEU A 340 27.36 3.90 11.44
N VAL A 341 26.87 3.84 10.20
CA VAL A 341 27.70 3.35 9.10
C VAL A 341 28.96 4.19 8.98
N ASN A 342 28.79 5.52 8.98
CA ASN A 342 29.95 6.40 8.83
C ASN A 342 30.84 6.36 10.07
N VAL A 343 30.24 6.24 11.25
CA VAL A 343 31.05 6.11 12.46
C VAL A 343 31.95 4.89 12.37
N ILE A 344 31.36 3.75 11.96
CA ILE A 344 32.14 2.52 11.84
C ILE A 344 33.19 2.66 10.75
N ARG A 345 32.84 3.34 9.65
CA ARG A 345 33.80 3.51 8.57
C ARG A 345 35.02 4.30 9.04
N ASN A 346 34.81 5.38 9.79
CA ASN A 346 35.93 6.14 10.30
C ASN A 346 36.71 5.32 11.33
N LEU A 347 36.03 4.54 12.16
CA LEU A 347 36.73 3.64 13.06
C LEU A 347 37.58 2.64 12.29
N ALA A 348 37.13 2.22 11.10
CA ALA A 348 37.91 1.29 10.28
C ALA A 348 39.13 1.98 9.70
N PHE A 349 38.98 3.21 9.23
CA PHE A 349 40.17 3.98 8.84
C PHE A 349 41.15 4.08 9.99
N VAL A 350 40.66 4.34 11.20
CA VAL A 350 41.53 4.43 12.36
C VAL A 350 42.22 3.10 12.61
N ALA A 351 41.49 2.00 12.47
CA ALA A 351 42.09 0.69 12.68
C ALA A 351 43.21 0.42 11.68
N LEU A 352 42.96 0.72 10.41
CA LEU A 352 43.99 0.55 9.39
C LEU A 352 45.22 1.35 9.74
N ILE A 353 45.04 2.65 10.01
CA ILE A 353 46.19 3.53 10.26
C ILE A 353 46.93 3.08 11.51
N TRP A 354 46.20 2.78 12.58
CA TRP A 354 46.85 2.37 13.82
C TRP A 354 47.65 1.10 13.63
N HIS A 355 47.04 0.08 13.03
CA HIS A 355 47.76 -1.19 12.85
C HIS A 355 49.00 -1.00 12.01
N PHE A 356 48.86 -0.37 10.84
CA PHE A 356 50.01 -0.20 9.95
C PHE A 356 51.11 0.59 10.62
N GLY A 357 50.77 1.75 11.21
CA GLY A 357 51.79 2.57 11.82
C GLY A 357 52.47 1.88 12.99
N GLY A 358 51.68 1.29 13.89
CA GLY A 358 52.23 0.73 15.11
C GLY A 358 52.97 -0.58 14.93
N ALA A 359 52.66 -1.35 13.89
CA ALA A 359 53.29 -2.63 13.68
C ALA A 359 54.26 -2.66 12.51
N SER A 360 54.27 -1.62 11.67
CA SER A 360 55.11 -1.60 10.48
C SER A 360 56.21 -0.54 10.57
N LEU A 361 55.86 0.70 10.88
CA LEU A 361 56.85 1.75 10.99
C LEU A 361 57.37 1.92 12.42
N ASN A 362 56.80 1.23 13.40
CA ASN A 362 57.48 1.08 14.68
C ASN A 362 58.71 0.19 14.51
N ALA A 363 58.59 -0.84 13.69
CA ALA A 363 59.73 -1.66 13.29
C ALA A 363 60.43 -1.11 12.06
N ALA A 364 59.90 -0.04 11.46
CA ALA A 364 60.53 0.62 10.32
C ALA A 364 60.65 -0.33 9.13
N GLY A 365 59.49 -0.83 8.68
CA GLY A 365 59.47 -1.72 7.54
C GLY A 365 58.12 -2.41 7.41
N ILE A 366 58.13 -3.52 6.66
CA ILE A 366 56.95 -4.35 6.41
C ILE A 366 55.71 -3.50 6.23
N VAL A 367 55.72 -2.61 5.23
CA VAL A 367 54.55 -1.83 4.84
C VAL A 367 54.14 -2.28 3.45
N SER A 368 52.87 -2.65 3.31
CA SER A 368 52.29 -3.01 2.01
C SER A 368 51.10 -2.10 1.78
N ILE A 369 51.29 -1.07 0.95
CA ILE A 369 50.19 -0.17 0.63
C ILE A 369 49.20 -0.82 -0.32
N GLY A 370 49.59 -1.86 -1.04
CA GLY A 370 48.63 -2.62 -1.81
C GLY A 370 47.60 -3.29 -0.91
N VAL A 371 48.04 -3.86 0.20
CA VAL A 371 47.11 -4.43 1.17
C VAL A 371 46.20 -3.34 1.73
N LEU A 372 46.76 -2.16 2.01
CA LEU A 372 45.95 -1.05 2.48
C LEU A 372 44.86 -0.71 1.48
N TYR A 373 45.23 -0.54 0.21
CA TYR A 373 44.25 -0.15 -0.80
C TYR A 373 43.19 -1.22 -0.98
N ALA A 374 43.60 -2.50 -0.99
CA ALA A 374 42.62 -3.56 -1.12
C ALA A 374 41.68 -3.59 0.07
N PHE A 375 42.20 -3.38 1.28
CA PHE A 375 41.35 -3.32 2.45
C PHE A 375 40.37 -2.15 2.37
N VAL A 376 40.84 -1.01 1.89
CA VAL A 376 39.97 0.16 1.77
C VAL A 376 38.81 -0.15 0.83
N ASP A 377 39.12 -0.70 -0.34
CA ASP A 377 38.07 -1.03 -1.29
C ASP A 377 37.14 -2.10 -0.73
N TYR A 378 37.70 -3.12 -0.07
CA TYR A 378 36.89 -4.21 0.46
C TYR A 378 35.93 -3.70 1.53
N LEU A 379 36.41 -2.81 2.40
CA LEU A 379 35.55 -2.31 3.46
C LEU A 379 34.53 -1.32 2.92
N ASN A 380 34.87 -0.59 1.86
CA ASN A 380 33.85 0.22 1.21
C ASN A 380 32.75 -0.64 0.63
N ARG A 381 33.11 -1.76 0.00
CA ARG A 381 32.10 -2.68 -0.52
C ARG A 381 31.28 -3.29 0.61
N LEU A 382 31.94 -3.63 1.73
CA LEU A 382 31.27 -4.25 2.86
C LEU A 382 30.20 -3.34 3.44
N PHE A 383 30.51 -2.06 3.61
CA PHE A 383 29.68 -1.14 4.37
C PHE A 383 28.53 -0.57 3.56
N GLN A 384 28.22 -1.13 2.41
CA GLN A 384 27.09 -0.66 1.62
C GLN A 384 25.76 -1.18 2.15
N PRO A 385 25.57 -2.50 2.29
CA PRO A 385 24.24 -3.06 2.50
C PRO A 385 23.80 -3.21 3.95
N ILE A 386 24.50 -2.61 4.92
CA ILE A 386 24.13 -2.81 6.31
C ILE A 386 22.77 -2.19 6.60
N THR A 387 22.55 -0.98 6.09
CA THR A 387 21.28 -0.29 6.34
C THR A 387 20.10 -1.10 5.82
N GLY A 388 20.21 -1.59 4.58
CA GLY A 388 19.15 -2.43 4.04
C GLY A 388 18.95 -3.69 4.85
N ILE A 389 20.04 -4.28 5.33
CA ILE A 389 19.94 -5.50 6.13
C ILE A 389 19.10 -5.24 7.38
N VAL A 390 19.45 -4.17 8.12
CA VAL A 390 18.73 -3.89 9.36
C VAL A 390 17.29 -3.51 9.07
N ASN A 391 17.05 -2.73 8.02
CA ASN A 391 15.70 -2.33 7.67
C ASN A 391 14.83 -3.55 7.36
N GLN A 392 15.35 -4.47 6.56
CA GLN A 392 14.57 -5.65 6.20
C GLN A 392 14.36 -6.55 7.40
N PHE A 393 15.38 -6.70 8.25
CA PHE A 393 15.21 -7.50 9.45
C PHE A 393 14.08 -6.94 10.29
N SER A 394 14.01 -5.61 10.44
CA SER A 394 12.91 -5.02 11.18
C SER A 394 11.58 -5.27 10.48
N LYS A 395 11.54 -5.10 9.15
CA LYS A 395 10.28 -5.21 8.41
C LYS A 395 9.73 -6.63 8.35
N LEU A 396 10.56 -7.64 8.64
CA LEU A 396 10.17 -9.03 8.36
C LEU A 396 8.88 -9.46 9.05
N GLU A 397 8.49 -8.83 10.17
CA GLU A 397 7.43 -9.41 10.99
C GLU A 397 6.06 -9.36 10.31
N LEU A 398 5.75 -8.26 9.60
CA LEU A 398 4.46 -8.18 8.94
C LEU A 398 4.32 -9.24 7.85
N ALA A 399 5.39 -9.47 7.09
CA ALA A 399 5.38 -10.56 6.12
C ALA A 399 5.25 -11.90 6.82
N ARG A 400 5.89 -12.06 7.99
CA ARG A 400 5.74 -13.29 8.75
C ARG A 400 4.28 -13.55 9.09
N VAL A 401 3.59 -12.54 9.60
CA VAL A 401 2.19 -12.75 10.01
C VAL A 401 1.30 -12.99 8.80
N SER A 402 1.56 -12.30 7.68
CA SER A 402 0.76 -12.55 6.49
C SER A 402 0.95 -13.97 5.97
N ALA A 403 2.20 -14.45 5.95
CA ALA A 403 2.45 -15.82 5.54
C ALA A 403 1.77 -16.79 6.50
N GLY A 404 1.78 -16.49 7.79
CA GLY A 404 1.06 -17.32 8.74
C GLY A 404 -0.43 -17.36 8.46
N ARG A 405 -1.00 -16.21 8.07
CA ARG A 405 -2.41 -16.17 7.73
C ARG A 405 -2.70 -17.09 6.54
N VAL A 406 -1.89 -16.98 5.49
CA VAL A 406 -2.13 -17.79 4.31
C VAL A 406 -1.93 -19.27 4.63
N PHE A 407 -0.96 -19.58 5.51
CA PHE A 407 -0.75 -20.97 5.89
C PHE A 407 -1.94 -21.51 6.69
N GLU A 408 -2.48 -20.71 7.60
CA GLU A 408 -3.65 -21.15 8.34
C GLU A 408 -4.83 -21.41 7.40
N LEU A 409 -5.00 -20.54 6.40
CA LEU A 409 -6.04 -20.81 5.40
C LEU A 409 -5.76 -22.10 4.65
N LEU A 410 -4.51 -22.31 4.24
CA LEU A 410 -4.12 -23.48 3.48
C LEU A 410 -4.08 -24.76 4.30
N GLU A 411 -4.21 -24.68 5.63
CA GLU A 411 -3.93 -25.80 6.50
C GLU A 411 -5.14 -26.40 7.18
N GLU A 412 -6.20 -25.64 7.43
CA GLU A 412 -7.32 -26.19 8.18
C GLU A 412 -8.00 -27.31 7.42
N LYS A 413 -8.42 -28.35 8.16
CA LYS A 413 -8.88 -29.59 7.57
C LYS A 413 -10.37 -29.63 7.28
N ASN A 414 -11.17 -28.77 7.91
CA ASN A 414 -12.62 -28.81 7.68
C ASN A 414 -12.89 -28.31 6.27
N THR A 415 -13.01 -29.25 5.33
CA THR A 415 -13.27 -28.93 3.94
C THR A 415 -14.18 -29.99 3.37
N GLU A 416 -14.79 -29.66 2.24
CA GLU A 416 -15.70 -30.56 1.54
C GLU A 416 -14.97 -31.18 0.35
N GLU A 417 -14.96 -32.51 0.28
CA GLU A 417 -14.28 -33.24 -0.78
C GLU A 417 -15.33 -33.81 -1.71
N ALA A 418 -15.37 -33.32 -2.93
CA ALA A 418 -16.36 -33.73 -3.92
C ALA A 418 -15.85 -33.32 -5.30
N GLY A 419 -16.74 -33.31 -6.29
CA GLY A 419 -16.36 -32.99 -7.65
C GLY A 419 -17.07 -33.86 -8.68
N GLU A 420 -17.90 -34.79 -8.22
CA GLU A 420 -18.55 -35.74 -9.11
C GLU A 420 -19.90 -35.21 -9.56
N PRO A 421 -20.11 -34.95 -10.85
CA PRO A 421 -21.44 -34.57 -11.33
C PRO A 421 -22.36 -35.78 -11.42
N ALA A 422 -23.57 -35.54 -11.91
CA ALA A 422 -24.59 -36.56 -12.08
C ALA A 422 -24.69 -36.97 -13.55
N LYS A 423 -25.66 -37.83 -13.87
CA LYS A 423 -25.81 -38.32 -15.24
C LYS A 423 -27.26 -38.47 -15.67
N GLU A 424 -28.22 -37.85 -15.00
CA GLU A 424 -29.62 -38.05 -15.35
C GLU A 424 -30.45 -36.88 -14.81
N ARG A 425 -31.67 -36.78 -15.31
CA ARG A 425 -32.65 -35.82 -14.82
C ARG A 425 -33.47 -36.46 -13.71
N ALA A 426 -33.57 -35.77 -12.58
CA ALA A 426 -34.17 -36.37 -11.39
C ALA A 426 -35.70 -36.33 -11.40
N LEU A 427 -36.32 -35.53 -12.25
CA LEU A 427 -37.76 -35.36 -12.33
C LEU A 427 -38.33 -34.60 -11.14
N GLY A 428 -37.48 -34.01 -10.29
CA GLY A 428 -37.96 -33.11 -9.25
C GLY A 428 -38.89 -33.73 -8.23
N ARG A 429 -38.50 -34.87 -7.68
CA ARG A 429 -39.27 -35.58 -6.66
C ARG A 429 -38.72 -35.34 -5.26
N VAL A 430 -38.26 -34.11 -4.99
CA VAL A 430 -37.59 -33.83 -3.73
C VAL A 430 -38.53 -34.10 -2.56
N GLU A 431 -38.00 -34.74 -1.52
CA GLU A 431 -38.75 -35.10 -0.33
C GLU A 431 -37.93 -34.75 0.90
N PHE A 432 -38.62 -34.44 1.99
CA PHE A 432 -38.01 -34.12 3.27
C PHE A 432 -38.54 -35.09 4.32
N ARG A 433 -37.79 -35.24 5.41
CA ARG A 433 -38.20 -36.17 6.47
C ARG A 433 -37.65 -35.64 7.80
N ASP A 434 -38.51 -35.01 8.58
CA ASP A 434 -38.21 -34.55 9.94
C ASP A 434 -36.78 -34.04 10.06
N VAL A 435 -36.45 -33.05 9.23
CA VAL A 435 -35.14 -32.42 9.30
C VAL A 435 -35.10 -31.48 10.49
N SER A 436 -34.07 -31.63 11.33
CA SER A 436 -33.88 -30.78 12.51
C SER A 436 -32.52 -30.11 12.37
N PHE A 437 -32.49 -28.96 11.73
CA PHE A 437 -31.25 -28.26 11.43
C PHE A 437 -30.97 -27.21 12.51
N ALA A 438 -29.77 -27.27 13.08
CA ALA A 438 -29.30 -26.30 14.05
C ALA A 438 -28.07 -25.61 13.50
N TYR A 439 -28.03 -24.27 13.50
CA TYR A 439 -26.90 -23.50 12.88
C TYR A 439 -25.67 -23.52 13.79
N GLN A 440 -25.71 -22.99 15.01
CA GLN A 440 -24.49 -22.90 15.82
C GLN A 440 -24.39 -24.07 16.81
N GLU A 441 -25.29 -24.12 17.78
CA GLU A 441 -25.40 -25.26 18.67
C GLU A 441 -26.63 -25.14 19.56
N GLY A 442 -27.47 -26.16 19.60
CA GLY A 442 -28.60 -26.17 20.51
C GLY A 442 -29.75 -25.30 20.08
N GLU A 443 -29.47 -24.20 19.38
CA GLU A 443 -30.49 -23.27 18.92
C GLU A 443 -30.97 -23.75 17.56
N GLU A 444 -31.94 -24.67 17.58
CA GLU A 444 -32.49 -25.20 16.34
C GLU A 444 -33.28 -24.12 15.61
N VAL A 445 -33.13 -24.08 14.29
CA VAL A 445 -33.86 -23.14 13.46
C VAL A 445 -34.95 -23.82 12.62
N LEU A 446 -34.79 -25.10 12.29
CA LEU A 446 -35.80 -25.86 11.57
C LEU A 446 -36.31 -26.97 12.48
N LYS A 447 -37.63 -27.08 12.59
CA LYS A 447 -38.29 -28.05 13.45
C LYS A 447 -39.00 -29.07 12.59
N HIS A 448 -38.38 -30.24 12.41
CA HIS A 448 -38.96 -31.36 11.68
C HIS A 448 -39.70 -30.89 10.43
N ILE A 449 -38.96 -30.17 9.57
CA ILE A 449 -39.55 -29.68 8.33
C ILE A 449 -39.70 -30.88 7.41
N SER A 450 -40.91 -31.45 7.38
CA SER A 450 -41.19 -32.66 6.62
C SER A 450 -42.22 -32.32 5.55
N PHE A 451 -41.93 -32.71 4.31
CA PHE A 451 -42.84 -32.49 3.19
C PHE A 451 -42.28 -33.22 1.99
N THR A 452 -43.06 -33.26 0.91
CA THR A 452 -42.67 -33.95 -0.31
C THR A 452 -43.27 -33.20 -1.49
N ALA A 453 -42.45 -32.41 -2.17
CA ALA A 453 -42.87 -31.71 -3.38
C ALA A 453 -42.84 -32.68 -4.55
N GLN A 454 -43.97 -32.82 -5.23
CA GLN A 454 -44.06 -33.72 -6.37
C GLN A 454 -43.55 -33.02 -7.63
N LYS A 455 -43.61 -33.74 -8.75
CA LYS A 455 -43.19 -33.14 -10.01
C LYS A 455 -43.97 -31.87 -10.31
N GLY A 456 -45.19 -31.77 -9.79
CA GLY A 456 -45.95 -30.54 -9.89
C GLY A 456 -45.17 -29.39 -9.28
N GLU A 457 -44.90 -28.38 -10.10
CA GLU A 457 -43.97 -27.33 -9.70
C GLU A 457 -44.62 -26.39 -8.69
N THR A 458 -43.89 -25.34 -8.33
CA THR A 458 -44.44 -24.22 -7.56
C THR A 458 -44.93 -24.68 -6.19
N VAL A 459 -44.00 -25.21 -5.40
CA VAL A 459 -44.23 -25.41 -3.97
C VAL A 459 -43.73 -24.15 -3.28
N ALA A 460 -44.60 -23.14 -3.20
CA ALA A 460 -44.21 -21.85 -2.66
C ALA A 460 -44.00 -21.93 -1.16
N LEU A 461 -42.96 -21.25 -0.68
CA LEU A 461 -42.62 -21.18 0.73
C LEU A 461 -42.71 -19.71 1.14
N VAL A 462 -43.89 -19.29 1.54
CA VAL A 462 -44.16 -17.91 1.96
C VAL A 462 -44.49 -17.95 3.45
N GLY A 463 -43.70 -17.26 4.25
CA GLY A 463 -43.83 -17.32 5.69
C GLY A 463 -43.28 -16.10 6.39
N HIS A 464 -42.84 -16.29 7.63
CA HIS A 464 -42.41 -15.21 8.49
C HIS A 464 -40.88 -15.08 8.49
N THR A 465 -40.42 -13.85 8.70
CA THR A 465 -38.99 -13.60 8.83
C THR A 465 -38.45 -14.31 10.07
N GLY A 466 -37.22 -14.80 9.96
CA GLY A 466 -36.62 -15.54 11.05
C GLY A 466 -37.22 -16.91 11.28
N SER A 467 -37.84 -17.49 10.25
CA SER A 467 -38.52 -18.78 10.36
C SER A 467 -37.70 -19.94 9.84
N GLY A 468 -37.00 -19.78 8.71
CA GLY A 468 -36.29 -20.87 8.10
C GLY A 468 -36.53 -21.01 6.61
N LYS A 469 -37.09 -19.98 5.98
CA LYS A 469 -37.29 -20.02 4.54
C LYS A 469 -35.97 -20.16 3.80
N SER A 470 -34.94 -19.42 4.22
CA SER A 470 -33.63 -19.54 3.59
C SER A 470 -32.90 -20.78 4.04
N SER A 471 -33.18 -21.28 5.24
CA SER A 471 -32.62 -22.57 5.64
C SER A 471 -33.03 -23.67 4.68
N ILE A 472 -34.23 -23.58 4.11
CA ILE A 472 -34.68 -24.58 3.15
C ILE A 472 -33.77 -24.58 1.93
N LEU A 473 -33.46 -23.40 1.40
CA LEU A 473 -32.54 -23.33 0.27
C LEU A 473 -31.16 -23.83 0.66
N ASN A 474 -30.69 -23.48 1.85
CA ASN A 474 -29.35 -23.90 2.26
C ASN A 474 -29.25 -25.41 2.36
N LEU A 475 -30.28 -26.05 2.91
CA LEU A 475 -30.27 -27.52 3.01
C LEU A 475 -30.52 -28.18 1.65
N LEU A 476 -31.25 -27.50 0.75
CA LEU A 476 -31.50 -28.09 -0.56
C LEU A 476 -30.21 -28.23 -1.35
N PHE A 477 -29.35 -27.22 -1.31
CA PHE A 477 -28.05 -27.28 -1.96
C PHE A 477 -26.96 -27.84 -1.07
N ARG A 478 -27.31 -28.29 0.13
CA ARG A 478 -26.35 -28.84 1.09
C ARG A 478 -25.27 -27.82 1.46
N PHE A 479 -25.58 -26.54 1.33
CA PHE A 479 -24.66 -25.53 1.83
C PHE A 479 -24.42 -25.71 3.32
N TYR A 480 -25.40 -26.27 4.02
CA TYR A 480 -25.25 -26.69 5.41
C TYR A 480 -25.88 -28.07 5.54
N ASP A 481 -25.48 -28.79 6.58
CA ASP A 481 -26.02 -30.12 6.86
C ASP A 481 -27.02 -30.03 8.02
N ALA A 482 -28.11 -30.78 7.91
CA ALA A 482 -29.20 -30.67 8.86
C ALA A 482 -28.87 -31.28 10.21
N GLN A 483 -27.86 -32.14 10.29
CA GLN A 483 -27.45 -32.72 11.57
C GLN A 483 -28.52 -33.63 12.16
N LYS A 484 -29.57 -33.92 11.39
CA LYS A 484 -30.64 -34.77 11.87
C LYS A 484 -31.61 -35.01 10.72
N GLY A 485 -32.58 -35.89 10.94
CA GLY A 485 -33.60 -36.12 9.93
C GLY A 485 -33.01 -36.69 8.65
N ASP A 486 -33.62 -36.30 7.53
CA ASP A 486 -33.13 -36.74 6.23
C ASP A 486 -33.79 -35.92 5.14
N VAL A 487 -33.11 -35.84 4.01
CA VAL A 487 -33.63 -35.25 2.79
C VAL A 487 -33.33 -36.22 1.65
N LEU A 488 -34.26 -36.34 0.71
CA LEU A 488 -34.12 -37.31 -0.37
C LEU A 488 -34.53 -36.68 -1.69
N ILE A 489 -33.97 -37.21 -2.77
CA ILE A 489 -34.40 -36.89 -4.12
C ILE A 489 -34.61 -38.23 -4.82
N ASP A 490 -35.86 -38.54 -5.14
CA ASP A 490 -36.22 -39.85 -5.69
C ASP A 490 -35.83 -40.97 -4.74
N GLY A 491 -35.95 -40.71 -3.43
CA GLY A 491 -35.64 -41.70 -2.42
C GLY A 491 -34.17 -41.82 -2.07
N LYS A 492 -33.30 -41.04 -2.70
CA LYS A 492 -31.87 -41.11 -2.44
C LYS A 492 -31.49 -40.11 -1.35
N SER A 493 -30.92 -40.62 -0.25
CA SER A 493 -30.54 -39.75 0.85
C SER A 493 -29.59 -38.68 0.37
N ILE A 494 -29.85 -37.44 0.78
CA ILE A 494 -28.99 -36.33 0.39
C ILE A 494 -27.61 -36.45 1.04
N TYR A 495 -27.56 -36.97 2.27
CA TYR A 495 -26.32 -37.08 3.01
C TYR A 495 -25.56 -38.36 2.70
N ASN A 496 -25.83 -38.98 1.55
CA ASN A 496 -25.07 -40.14 1.10
C ASN A 496 -24.67 -40.01 -0.36
N MET A 497 -24.58 -38.77 -0.86
CA MET A 497 -24.18 -38.51 -2.23
C MET A 497 -23.14 -37.39 -2.24
N SER A 498 -22.76 -36.92 -3.43
CA SER A 498 -21.76 -35.86 -3.56
C SER A 498 -22.44 -34.52 -3.80
N ARG A 499 -21.82 -33.47 -3.27
CA ARG A 499 -22.41 -32.14 -3.37
C ARG A 499 -22.53 -31.69 -4.82
N GLN A 500 -21.49 -31.93 -5.63
CA GLN A 500 -21.56 -31.55 -7.04
C GLN A 500 -22.64 -32.33 -7.76
N GLU A 501 -22.81 -33.61 -7.42
CA GLU A 501 -23.91 -34.38 -7.97
C GLU A 501 -25.25 -33.76 -7.59
N LEU A 502 -25.41 -33.42 -6.31
CA LEU A 502 -26.67 -32.86 -5.84
C LEU A 502 -27.00 -31.55 -6.55
N ARG A 503 -26.06 -30.61 -6.54
CA ARG A 503 -26.30 -29.32 -7.16
C ARG A 503 -26.39 -29.41 -8.68
N SER A 504 -26.06 -30.55 -9.27
CA SER A 504 -26.19 -30.75 -10.74
C SER A 504 -27.67 -31.00 -11.08
N HIS A 505 -28.55 -31.20 -10.09
CA HIS A 505 -29.98 -31.38 -10.34
C HIS A 505 -30.77 -30.09 -10.20
N MET A 506 -30.28 -29.13 -9.41
CA MET A 506 -31.07 -27.98 -8.99
C MET A 506 -30.36 -26.69 -9.35
N GLY A 507 -31.14 -25.72 -9.85
CA GLY A 507 -30.68 -24.38 -10.09
C GLY A 507 -31.27 -23.38 -9.11
N ILE A 508 -31.00 -22.11 -9.38
CA ILE A 508 -31.42 -21.04 -8.47
C ILE A 508 -31.39 -19.72 -9.23
N VAL A 509 -32.39 -18.89 -8.99
CA VAL A 509 -32.41 -17.51 -9.45
C VAL A 509 -32.55 -16.65 -8.20
N LEU A 510 -31.41 -16.18 -7.69
CA LEU A 510 -31.40 -15.47 -6.42
C LEU A 510 -32.01 -14.09 -6.57
N GLN A 511 -32.43 -13.52 -5.43
CA GLN A 511 -33.01 -12.18 -5.43
C GLN A 511 -32.07 -11.14 -5.99
N ASP A 512 -30.76 -11.37 -5.90
CA ASP A 512 -29.75 -10.45 -6.41
C ASP A 512 -29.10 -11.04 -7.65
N PRO A 513 -29.59 -10.74 -8.85
CA PRO A 513 -28.97 -11.30 -10.05
C PRO A 513 -27.48 -11.00 -10.09
N TYR A 514 -26.68 -12.06 -10.00
CA TYR A 514 -25.23 -11.93 -10.12
C TYR A 514 -24.88 -11.75 -11.59
N LEU A 515 -24.33 -10.58 -11.93
CA LEU A 515 -23.98 -10.24 -13.34
C LEU A 515 -22.44 -10.20 -13.43
N PHE A 516 -21.80 -11.37 -13.50
CA PHE A 516 -20.35 -11.46 -13.54
C PHE A 516 -19.80 -10.60 -14.67
N SER A 517 -18.74 -9.86 -14.38
CA SER A 517 -18.18 -8.94 -15.36
C SER A 517 -17.80 -9.68 -16.63
N GLY A 518 -18.22 -9.14 -17.78
CA GLY A 518 -17.94 -9.76 -19.05
C GLY A 518 -19.08 -9.59 -20.04
N THR A 519 -19.25 -10.56 -20.92
CA THR A 519 -20.29 -10.51 -21.93
C THR A 519 -21.58 -11.13 -21.39
N ILE A 520 -22.70 -10.66 -21.93
CA ILE A 520 -24.01 -11.16 -21.48
C ILE A 520 -24.17 -12.63 -21.83
N GLY A 521 -23.70 -13.04 -23.01
CA GLY A 521 -23.87 -14.42 -23.40
C GLY A 521 -23.13 -15.37 -22.47
N SER A 522 -21.87 -15.07 -22.19
CA SER A 522 -21.14 -15.85 -21.19
C SER A 522 -21.81 -15.76 -19.83
N ASN A 523 -22.32 -14.57 -19.50
CA ASN A 523 -22.99 -14.38 -18.22
C ASN A 523 -24.14 -15.36 -18.04
N VAL A 524 -25.06 -15.39 -19.01
CA VAL A 524 -26.17 -16.35 -18.93
C VAL A 524 -25.63 -17.76 -18.94
N SER A 525 -24.69 -18.05 -19.83
CA SER A 525 -24.04 -19.36 -19.84
C SER A 525 -23.17 -19.58 -18.63
N LEU A 526 -22.83 -18.51 -17.90
CA LEU A 526 -21.89 -18.60 -16.79
C LEU A 526 -20.60 -19.28 -17.22
N ASP A 527 -20.16 -18.96 -18.45
CA ASP A 527 -18.94 -19.54 -19.00
C ASP A 527 -18.97 -21.07 -18.88
N ASP A 528 -20.10 -21.64 -19.28
CA ASP A 528 -20.31 -23.08 -19.12
C ASP A 528 -19.29 -23.87 -19.91
N GLU A 529 -19.00 -23.43 -21.14
CA GLU A 529 -18.12 -24.14 -22.08
C GLU A 529 -18.73 -25.45 -22.57
N ARG A 530 -20.05 -25.61 -22.42
CA ARG A 530 -20.75 -26.78 -22.92
C ARG A 530 -22.06 -26.45 -23.62
N MET A 531 -22.42 -25.17 -23.71
CA MET A 531 -23.55 -24.72 -24.51
C MET A 531 -23.06 -23.69 -25.50
N THR A 532 -23.48 -23.83 -26.76
CA THR A 532 -22.98 -23.01 -27.85
C THR A 532 -24.04 -22.12 -28.46
N GLU A 533 -25.20 -22.68 -28.84
CA GLU A 533 -26.28 -21.91 -29.46
C GLU A 533 -27.56 -21.90 -28.65
N GLU A 534 -27.68 -22.74 -27.63
CA GLU A 534 -28.90 -22.75 -26.82
C GLU A 534 -29.02 -21.50 -25.97
N GLU A 535 -27.89 -20.88 -25.62
CA GLU A 535 -27.91 -19.71 -24.76
C GLU A 535 -28.69 -18.57 -25.41
N ILE A 536 -28.35 -18.23 -26.64
CA ILE A 536 -29.05 -17.15 -27.33
C ILE A 536 -30.52 -17.50 -27.51
N LYS A 537 -30.83 -18.76 -27.78
CA LYS A 537 -32.22 -19.15 -27.96
C LYS A 537 -33.03 -18.92 -26.68
N ASN A 538 -32.52 -19.46 -25.56
CA ASN A 538 -33.21 -19.40 -24.26
C ASN A 538 -33.22 -17.98 -23.70
N ALA A 539 -32.36 -17.10 -24.19
CA ALA A 539 -32.42 -15.70 -23.80
C ALA A 539 -33.43 -14.94 -24.66
N LEU A 540 -33.26 -15.01 -25.98
CA LEU A 540 -34.15 -14.32 -26.91
C LEU A 540 -35.60 -14.72 -26.70
N ARG A 541 -35.86 -15.95 -26.24
CA ARG A 541 -37.23 -16.38 -26.05
C ARG A 541 -37.99 -15.47 -25.11
N GLN A 542 -37.30 -14.79 -24.21
CA GLN A 542 -37.94 -13.96 -23.18
C GLN A 542 -37.52 -12.51 -23.22
N VAL A 543 -36.27 -12.21 -23.59
CA VAL A 543 -35.78 -10.85 -23.62
C VAL A 543 -35.46 -10.45 -25.06
N GLY A 544 -36.25 -10.97 -26.01
CA GLY A 544 -36.02 -10.65 -27.40
C GLY A 544 -36.02 -9.17 -27.72
N ALA A 545 -36.66 -8.36 -26.88
CA ALA A 545 -36.64 -6.92 -27.10
C ALA A 545 -35.27 -6.32 -26.84
N GLU A 546 -34.54 -6.83 -25.85
CA GLU A 546 -33.29 -6.20 -25.44
C GLU A 546 -32.25 -6.16 -26.56
N PRO A 547 -32.00 -7.24 -27.32
CA PRO A 547 -31.03 -7.14 -28.42
C PRO A 547 -31.38 -6.08 -29.45
N LEU A 548 -32.64 -5.69 -29.54
CA LEU A 548 -33.06 -4.70 -30.53
C LEU A 548 -32.46 -3.33 -30.29
N LEU A 549 -31.87 -3.09 -29.11
CA LEU A 549 -31.35 -1.77 -28.80
C LEU A 549 -29.94 -1.57 -29.37
N LYS A 550 -29.03 -2.50 -29.12
CA LYS A 550 -27.65 -2.33 -29.54
C LYS A 550 -26.97 -3.69 -29.67
N LYS A 551 -26.46 -3.99 -30.87
CA LYS A 551 -25.64 -5.16 -31.12
C LYS A 551 -26.29 -6.49 -30.72
N LEU A 552 -25.54 -7.37 -30.07
CA LEU A 552 -26.00 -8.71 -29.76
C LEU A 552 -25.49 -9.06 -28.36
N PRO A 553 -26.38 -9.36 -27.40
CA PRO A 553 -25.89 -9.64 -26.05
C PRO A 553 -24.91 -10.80 -26.00
N LYS A 554 -25.17 -11.86 -26.75
CA LYS A 554 -24.19 -12.94 -26.85
C LYS A 554 -22.93 -12.45 -27.57
N GLY A 555 -23.09 -11.60 -28.58
CA GLY A 555 -21.98 -11.08 -29.33
C GLY A 555 -21.20 -10.02 -28.57
N ILE A 556 -20.65 -10.40 -27.42
CA ILE A 556 -19.74 -9.57 -26.63
C ILE A 556 -20.30 -8.17 -26.40
N ASN A 557 -21.63 -8.02 -26.39
CA ASN A 557 -22.19 -6.74 -26.01
C ASN A 557 -21.91 -6.48 -24.55
N GLU A 558 -21.61 -5.23 -24.22
CA GLU A 558 -21.03 -4.87 -22.93
C GLU A 558 -21.86 -3.79 -22.24
N PRO A 559 -23.06 -4.13 -21.77
CA PRO A 559 -23.71 -3.34 -20.73
C PRO A 559 -23.34 -3.78 -19.32
N VAL A 560 -22.42 -4.72 -19.19
CA VAL A 560 -22.06 -5.33 -17.91
C VAL A 560 -20.62 -4.94 -17.59
N ILE A 561 -20.19 -3.78 -18.07
CA ILE A 561 -18.83 -3.30 -17.82
C ILE A 561 -18.84 -2.47 -16.55
N GLU A 562 -19.93 -2.53 -15.79
CA GLU A 562 -20.00 -1.86 -14.50
C GLU A 562 -20.65 -2.76 -13.45
N LYS A 563 -20.63 -4.07 -13.64
CA LYS A 563 -21.38 -5.01 -12.80
C LYS A 563 -22.84 -4.55 -12.70
N GLY A 564 -23.51 -4.66 -13.84
CA GLY A 564 -24.92 -4.33 -13.92
C GLY A 564 -25.72 -5.10 -12.89
N LEU A 567 -27.98 -0.83 -16.13
CA LEU A 567 -29.12 -1.46 -16.77
C LEU A 567 -30.32 -1.46 -15.82
N SER A 568 -31.42 -2.07 -16.25
CA SER A 568 -32.65 -2.12 -15.47
C SER A 568 -32.69 -3.41 -14.66
N SER A 569 -33.06 -3.29 -13.39
CA SER A 569 -33.08 -4.46 -12.51
C SER A 569 -33.93 -5.57 -13.10
N GLY A 570 -35.03 -5.20 -13.77
CA GLY A 570 -35.81 -6.19 -14.47
C GLY A 570 -34.98 -6.98 -15.46
N GLU A 571 -34.19 -6.27 -16.27
CA GLU A 571 -33.30 -6.91 -17.27
C GLU A 571 -32.24 -7.71 -16.52
N ARG A 572 -31.88 -7.30 -15.30
CA ARG A 572 -30.86 -8.00 -14.47
C ARG A 572 -31.45 -9.33 -14.00
N GLN A 573 -32.71 -9.33 -13.53
CA GLN A 573 -33.38 -10.56 -13.03
C GLN A 573 -33.73 -11.45 -14.22
N LEU A 574 -33.98 -10.86 -15.40
CA LEU A 574 -34.29 -11.58 -16.63
C LEU A 574 -33.09 -12.39 -17.10
N ILE A 575 -31.89 -11.81 -17.03
CA ILE A 575 -30.67 -12.53 -17.36
C ILE A 575 -30.48 -13.71 -16.40
N SER A 576 -30.75 -13.49 -15.12
CA SER A 576 -30.64 -14.59 -14.16
C SER A 576 -31.61 -15.72 -14.52
N PHE A 577 -32.83 -15.37 -14.91
CA PHE A 577 -33.80 -16.37 -15.35
C PHE A 577 -33.29 -17.11 -16.59
N ALA A 578 -32.70 -16.38 -17.53
CA ALA A 578 -32.20 -17.02 -18.75
C ALA A 578 -31.09 -18.01 -18.42
N ARG A 579 -30.20 -17.64 -17.50
CA ARG A 579 -29.17 -18.58 -17.06
C ARG A 579 -29.80 -19.82 -16.45
N ALA A 580 -30.78 -19.62 -15.56
CA ALA A 580 -31.41 -20.77 -14.90
C ALA A 580 -32.06 -21.68 -15.92
N LEU A 581 -32.65 -21.10 -16.96
CA LEU A 581 -33.28 -21.93 -17.99
C LEU A 581 -32.25 -22.65 -18.84
N ALA A 582 -31.20 -21.95 -19.28
CA ALA A 582 -30.19 -22.58 -20.12
C ALA A 582 -29.53 -23.75 -19.40
N PHE A 583 -29.12 -23.53 -18.15
CA PHE A 583 -28.59 -24.64 -17.37
C PHE A 583 -29.65 -25.72 -17.18
N ASP A 584 -30.93 -25.35 -17.18
CA ASP A 584 -32.05 -26.28 -17.23
C ASP A 584 -32.12 -27.38 -16.17
N PRO A 585 -31.95 -27.05 -14.90
CA PRO A 585 -32.09 -28.05 -13.84
C PRO A 585 -33.42 -28.78 -13.74
N ALA A 586 -33.38 -29.91 -13.02
CA ALA A 586 -34.61 -30.61 -12.70
C ALA A 586 -35.41 -29.86 -11.65
N ILE A 587 -34.78 -29.57 -10.51
CA ILE A 587 -35.39 -28.78 -9.45
C ILE A 587 -35.01 -27.33 -9.67
N LEU A 588 -35.86 -26.43 -9.18
CA LEU A 588 -35.63 -25.00 -9.33
C LEU A 588 -36.09 -24.28 -8.09
N ILE A 589 -35.24 -23.42 -7.54
CA ILE A 589 -35.56 -22.64 -6.35
C ILE A 589 -35.50 -21.17 -6.72
N LEU A 590 -36.50 -20.41 -6.26
CA LEU A 590 -36.59 -18.97 -6.49
C LEU A 590 -36.63 -18.26 -5.15
N ASP A 591 -35.45 -17.91 -4.63
CA ASP A 591 -35.37 -17.16 -3.37
C ASP A 591 -35.61 -15.68 -3.65
N GLN A 592 -36.79 -15.41 -4.18
CA GLN A 592 -37.13 -14.06 -4.62
C GLN A 592 -37.48 -13.19 -3.43
N ALA A 593 -36.76 -12.08 -3.28
CA ALA A 593 -37.00 -11.10 -2.22
C ALA A 593 -37.15 -9.73 -2.90
N THR A 594 -38.39 -9.34 -3.14
CA THR A 594 -38.68 -8.01 -3.69
C THR A 594 -39.40 -7.18 -2.63
N ALA A 595 -38.57 -6.56 -1.77
CA ALA A 595 -39.12 -5.68 -0.75
C ALA A 595 -39.53 -4.33 -1.33
N HIS A 596 -38.87 -3.91 -2.40
CA HIS A 596 -39.18 -2.65 -3.09
C HIS A 596 -39.30 -2.98 -4.57
N ILE A 597 -40.50 -3.32 -5.02
CA ILE A 597 -40.72 -3.68 -6.42
C ILE A 597 -40.44 -2.48 -7.29
N ASP A 598 -39.69 -2.68 -8.37
CA ASP A 598 -39.30 -1.61 -9.28
C ASP A 598 -40.41 -1.38 -10.29
N THR A 599 -41.44 -0.68 -9.85
CA THR A 599 -42.55 -0.29 -10.71
C THR A 599 -43.17 -1.51 -11.38
N GLU A 600 -43.65 -1.34 -12.62
CA GLU A 600 -44.30 -2.42 -13.37
C GLU A 600 -43.31 -3.24 -14.19
N THR A 601 -42.01 -2.98 -14.07
CA THR A 601 -41.02 -3.81 -14.75
C THR A 601 -41.16 -5.27 -14.35
N GLU A 602 -41.72 -5.55 -13.17
CA GLU A 602 -41.90 -6.93 -12.75
C GLU A 602 -42.91 -7.68 -13.60
N ALA A 603 -43.75 -6.97 -14.36
CA ALA A 603 -44.76 -7.64 -15.17
C ALA A 603 -44.10 -8.62 -16.14
N VAL A 604 -43.20 -8.11 -16.98
CA VAL A 604 -42.46 -9.00 -17.87
C VAL A 604 -41.70 -10.03 -17.07
N ILE A 605 -41.26 -9.68 -15.87
CA ILE A 605 -40.56 -10.64 -15.02
C ILE A 605 -41.47 -11.82 -14.75
N GLN A 606 -42.73 -11.55 -14.41
CA GLN A 606 -43.71 -12.62 -14.30
C GLN A 606 -43.86 -13.36 -15.62
N LYS A 607 -43.92 -12.61 -16.72
CA LYS A 607 -43.97 -13.25 -18.04
C LYS A 607 -42.79 -14.19 -18.21
N ALA A 608 -41.65 -13.88 -17.61
CA ALA A 608 -40.51 -14.79 -17.66
C ALA A 608 -40.71 -15.98 -16.74
N LEU A 609 -41.23 -15.74 -15.53
CA LEU A 609 -41.33 -16.82 -14.55
C LEU A 609 -42.19 -17.95 -15.09
N ASP A 610 -43.37 -17.62 -15.63
CA ASP A 610 -44.25 -18.65 -16.16
C ASP A 610 -43.58 -19.46 -17.25
N VAL A 611 -42.60 -18.88 -17.95
CA VAL A 611 -41.90 -19.61 -19.00
C VAL A 611 -41.00 -20.69 -18.41
N VAL A 612 -40.40 -20.41 -17.25
CA VAL A 612 -39.38 -21.29 -16.69
C VAL A 612 -39.98 -22.23 -15.67
N LYS A 613 -40.91 -21.75 -14.85
CA LYS A 613 -41.45 -22.59 -13.79
C LYS A 613 -42.13 -23.84 -14.36
N GLN A 614 -42.66 -23.75 -15.57
CA GLN A 614 -43.31 -24.88 -16.19
C GLN A 614 -42.31 -25.99 -16.49
N GLY A 615 -42.79 -27.24 -16.43
CA GLY A 615 -41.93 -28.36 -16.75
C GLY A 615 -40.74 -28.48 -15.81
N ARG A 616 -40.97 -28.38 -14.51
CA ARG A 616 -39.91 -28.49 -13.52
C ARG A 616 -40.55 -28.76 -12.16
N THR A 617 -39.75 -28.68 -11.11
CA THR A 617 -40.23 -28.74 -9.72
C THR A 617 -39.73 -27.47 -9.03
N THR A 618 -40.52 -26.41 -9.10
CA THR A 618 -40.10 -25.08 -8.70
C THR A 618 -40.42 -24.81 -7.24
N PHE A 619 -39.47 -24.24 -6.53
CA PHE A 619 -39.65 -23.74 -5.17
C PHE A 619 -39.58 -22.22 -5.24
N VAL A 620 -40.70 -21.55 -4.94
CA VAL A 620 -40.78 -20.10 -5.01
C VAL A 620 -40.82 -19.60 -3.58
N ILE A 621 -39.68 -19.16 -3.07
CA ILE A 621 -39.62 -18.53 -1.74
C ILE A 621 -39.86 -17.05 -1.98
N ALA A 622 -41.14 -16.69 -2.10
CA ALA A 622 -41.57 -15.32 -2.30
C ALA A 622 -42.18 -14.78 -1.02
N HIS A 623 -42.64 -13.53 -1.09
CA HIS A 623 -43.41 -12.98 0.02
C HIS A 623 -44.55 -12.09 -0.48
N ARG A 624 -44.97 -12.25 -1.74
CA ARG A 624 -46.06 -11.47 -2.31
C ARG A 624 -47.41 -12.11 -2.06
N LEU A 625 -47.50 -13.42 -2.18
CA LEU A 625 -48.74 -14.16 -1.94
C LEU A 625 -49.86 -13.74 -2.88
N SER A 626 -49.52 -13.07 -3.97
CA SER A 626 -50.49 -12.60 -4.95
C SER A 626 -50.14 -13.06 -6.36
N THR A 627 -48.86 -13.05 -6.72
CA THR A 627 -48.43 -13.51 -8.03
C THR A 627 -48.20 -15.02 -8.07
N ILE A 628 -48.41 -15.71 -6.94
CA ILE A 628 -48.18 -17.15 -6.85
C ILE A 628 -49.47 -17.83 -6.45
N ARG A 629 -50.61 -17.29 -6.82
CA ARG A 629 -51.91 -17.86 -6.37
C ARG A 629 -52.18 -19.17 -7.10
N ASN A 630 -51.37 -19.58 -8.10
CA ASN A 630 -51.53 -20.85 -8.77
C ASN A 630 -50.60 -21.93 -8.25
N ALA A 631 -49.95 -21.69 -7.11
CA ALA A 631 -49.02 -22.67 -6.56
C ALA A 631 -49.72 -23.97 -6.24
N ASP A 632 -49.05 -25.09 -6.52
CA ASP A 632 -49.66 -26.39 -6.29
C ASP A 632 -49.71 -26.73 -4.80
N GLN A 633 -48.80 -26.17 -4.01
CA GLN A 633 -48.78 -26.44 -2.58
C GLN A 633 -48.15 -25.24 -1.87
N ILE A 634 -48.99 -24.36 -1.34
CA ILE A 634 -48.52 -23.28 -0.48
C ILE A 634 -48.16 -23.88 0.88
N LEU A 635 -47.00 -23.49 1.38
CA LEU A 635 -46.56 -23.85 2.73
C LEU A 635 -46.16 -22.58 3.46
N VAL A 636 -46.71 -22.38 4.66
CA VAL A 636 -46.42 -21.20 5.47
C VAL A 636 -45.51 -21.63 6.60
N LEU A 637 -44.41 -20.89 6.83
CA LEU A 637 -43.38 -21.30 7.82
C LEU A 637 -43.20 -20.24 8.91
N ASP A 638 -43.41 -20.59 10.17
CA ASP A 638 -43.19 -19.74 11.34
C ASP A 638 -42.69 -20.62 12.47
N LYS A 639 -41.90 -20.01 13.36
CA LYS A 639 -41.33 -20.68 14.53
C LYS A 639 -40.27 -21.71 14.14
N GLY A 640 -39.98 -21.89 12.85
CA GLY A 640 -39.12 -22.97 12.41
C GLY A 640 -39.85 -24.27 12.14
N GLU A 641 -41.18 -24.26 12.19
CA GLU A 641 -42.00 -25.44 11.95
C GLU A 641 -43.09 -25.10 10.95
N ILE A 642 -43.56 -26.13 10.24
CA ILE A 642 -44.57 -25.95 9.21
C ILE A 642 -45.91 -25.70 9.89
N VAL A 643 -46.32 -24.43 9.98
CA VAL A 643 -47.56 -24.11 10.66
C VAL A 643 -48.75 -24.59 9.86
N GLU A 644 -48.75 -24.36 8.54
CA GLU A 644 -49.89 -24.73 7.70
C GLU A 644 -49.41 -25.03 6.29
N ARG A 645 -50.13 -25.93 5.64
CA ARG A 645 -49.88 -26.30 4.25
C ARG A 645 -51.20 -26.55 3.56
N GLY A 646 -51.23 -26.30 2.25
CA GLY A 646 -52.43 -26.56 1.49
C GLY A 646 -52.39 -25.82 0.16
N ASN A 647 -53.46 -25.99 -0.60
CA ASN A 647 -53.55 -25.33 -1.89
C ASN A 647 -53.82 -23.84 -1.68
N HIS A 648 -53.90 -23.10 -2.79
CA HIS A 648 -54.15 -21.67 -2.73
C HIS A 648 -55.52 -21.38 -2.10
N GLU A 649 -56.45 -22.32 -2.20
CA GLU A 649 -57.80 -22.13 -1.68
C GLU A 649 -58.05 -22.87 -0.37
N GLU A 650 -57.32 -23.96 -0.13
CA GLU A 650 -57.55 -24.73 1.09
C GLU A 650 -57.14 -23.98 2.35
N LEU A 651 -56.28 -22.96 2.22
CA LEU A 651 -55.92 -22.15 3.38
C LEU A 651 -56.93 -21.04 3.63
N MET A 652 -57.60 -20.57 2.56
CA MET A 652 -58.64 -19.52 2.69
C MET A 652 -59.78 -20.08 3.54
N ALA A 653 -60.17 -21.34 3.33
CA ALA A 653 -61.24 -21.97 4.12
C ALA A 653 -60.83 -22.15 5.57
N LEU A 654 -59.59 -22.57 5.81
CA LEU A 654 -59.13 -22.87 7.16
C LEU A 654 -58.62 -21.63 7.90
N GLU A 655 -58.55 -20.48 7.25
CA GLU A 655 -58.01 -19.26 7.84
C GLU A 655 -56.55 -19.54 8.21
N GLY A 656 -56.11 -19.25 9.43
CA GLY A 656 -54.75 -19.55 9.83
C GLY A 656 -53.75 -18.48 9.43
N GLN A 657 -52.48 -18.86 9.49
CA GLN A 657 -51.40 -17.90 9.24
C GLN A 657 -51.45 -17.38 7.81
N TYR A 658 -51.79 -18.24 6.85
CA TYR A 658 -51.89 -17.78 5.47
C TYR A 658 -52.95 -16.69 5.34
N TYR A 659 -54.10 -16.87 6.00
CA TYR A 659 -55.09 -15.82 6.03
C TYR A 659 -54.55 -14.57 6.70
N GLN A 660 -53.85 -14.74 7.83
CA GLN A 660 -53.32 -13.59 8.53
C GLN A 660 -52.45 -12.75 7.59
N MET A 661 -51.56 -13.41 6.85
CA MET A 661 -50.67 -12.67 5.95
C MET A 661 -51.41 -12.11 4.76
N TYR A 662 -52.25 -12.92 4.11
CA TYR A 662 -53.03 -12.46 2.98
C TYR A 662 -54.13 -11.48 3.40
N GLU A 663 -54.43 -11.40 4.69
CA GLU A 663 -55.36 -10.38 5.17
C GLU A 663 -54.73 -9.00 5.15
N LEU A 664 -53.41 -8.95 5.20
CA LEU A 664 -52.70 -7.66 5.05
C LEU A 664 -52.66 -7.34 3.57
N GLN A 665 -53.46 -8.01 2.73
CA GLN A 665 -53.57 -7.65 1.29
C GLN A 665 -53.34 -6.14 1.13
N PHE B 24 8.88 32.18 -4.75
CA PHE B 24 7.72 32.33 -5.66
C PHE B 24 7.61 31.11 -6.58
N SER B 25 6.46 30.87 -7.20
CA SER B 25 6.20 29.71 -8.09
C SER B 25 6.35 28.45 -7.25
N VAL B 26 7.18 27.49 -7.65
CA VAL B 26 7.31 26.25 -6.90
C VAL B 26 8.07 26.45 -5.60
N LEU B 27 8.66 27.64 -5.39
CA LEU B 27 9.36 27.90 -4.14
C LEU B 27 8.38 28.21 -3.02
N LYS B 28 7.61 29.30 -3.17
CA LYS B 28 6.69 29.70 -2.11
C LYS B 28 5.55 28.71 -1.94
N LYS B 29 5.24 27.93 -2.98
CA LYS B 29 4.08 27.04 -2.90
C LYS B 29 4.19 26.12 -1.70
N LEU B 30 5.41 25.80 -1.28
CA LEU B 30 5.67 25.09 -0.04
C LEU B 30 6.44 25.92 0.96
N GLY B 31 6.98 27.07 0.54
CA GLY B 31 7.86 27.84 1.38
C GLY B 31 7.19 28.50 2.56
N TRP B 32 5.88 28.75 2.48
CA TRP B 32 5.20 29.36 3.62
C TRP B 32 5.34 28.49 4.87
N PHE B 33 5.61 27.20 4.71
CA PHE B 33 5.75 26.32 5.86
C PHE B 33 6.96 26.69 6.71
N PHE B 34 8.14 26.80 6.08
CA PHE B 34 9.36 27.16 6.80
C PHE B 34 9.72 28.62 6.61
N LYS B 35 8.84 29.42 6.01
CA LYS B 35 8.96 30.86 6.10
C LYS B 35 8.77 31.31 7.53
N ALA B 36 7.85 30.68 8.26
CA ALA B 36 7.70 30.88 9.68
C ALA B 36 8.55 29.94 10.51
N TYR B 37 9.39 29.13 9.86
CA TYR B 37 10.27 28.17 10.53
C TYR B 37 11.70 28.31 10.02
N TRP B 38 12.08 29.50 9.54
CA TRP B 38 13.37 29.67 8.87
C TRP B 38 14.53 29.23 9.76
N LEU B 39 14.37 29.27 11.08
CA LEU B 39 15.49 28.98 11.96
C LEU B 39 16.00 27.56 11.75
N ARG B 40 15.10 26.58 11.83
CA ARG B 40 15.49 25.18 11.69
C ARG B 40 15.64 24.75 10.24
N TYR B 41 15.13 25.54 9.29
CA TYR B 41 15.33 25.28 7.87
C TYR B 41 16.47 26.09 7.28
N THR B 42 17.23 26.80 8.11
CA THR B 42 18.49 27.42 7.73
C THR B 42 19.67 26.88 8.51
N ILE B 43 19.50 26.63 9.81
CA ILE B 43 20.54 25.92 10.55
C ILE B 43 20.78 24.55 9.95
N ALA B 44 19.71 23.90 9.47
CA ALA B 44 19.87 22.61 8.83
C ALA B 44 20.75 22.71 7.59
N ILE B 45 20.47 23.70 6.73
CA ILE B 45 21.27 23.88 5.54
C ILE B 45 22.72 24.17 5.90
N VAL B 46 22.94 25.02 6.90
CA VAL B 46 24.30 25.37 7.29
C VAL B 46 25.05 24.15 7.77
N LEU B 47 24.45 23.37 8.67
CA LEU B 47 25.10 22.17 9.16
C LEU B 47 25.32 21.16 8.04
N LEU B 48 24.38 21.05 7.11
CA LEU B 48 24.54 20.13 5.99
C LEU B 48 25.73 20.51 5.13
N LEU B 49 25.88 21.80 4.81
CA LEU B 49 27.02 22.21 4.00
C LEU B 49 28.33 22.07 4.78
N ALA B 50 28.30 22.32 6.08
CA ALA B 50 29.48 22.09 6.89
C ALA B 50 29.91 20.64 6.85
N VAL B 51 28.94 19.72 6.96
CA VAL B 51 29.25 18.30 6.85
C VAL B 51 29.76 17.97 5.46
N ASN B 52 29.17 18.59 4.44
CA ASN B 52 29.62 18.35 3.07
C ASN B 52 31.09 18.68 2.91
N VAL B 53 31.51 19.83 3.43
CA VAL B 53 32.93 20.22 3.29
C VAL B 53 33.81 19.35 4.17
N ILE B 54 33.40 19.11 5.42
CA ILE B 54 34.27 18.40 6.35
C ILE B 54 34.46 16.95 5.93
N GLU B 55 33.48 16.36 5.24
CA GLU B 55 33.58 14.96 4.85
C GLU B 55 34.68 14.73 3.83
N MET B 56 35.24 15.78 3.24
CA MET B 56 36.31 15.64 2.27
C MET B 56 37.68 15.49 2.92
N PHE B 57 37.75 15.57 4.23
CA PHE B 57 39.02 15.50 4.94
C PHE B 57 39.51 14.06 5.09
N PRO B 58 38.71 13.14 5.62
CA PRO B 58 39.22 11.80 5.97
C PRO B 58 39.99 11.16 4.83
N PRO B 59 39.51 11.25 3.59
CA PRO B 59 40.30 10.68 2.48
C PRO B 59 41.67 11.32 2.31
N LYS B 60 41.73 12.65 2.32
CA LYS B 60 43.01 13.33 2.14
C LYS B 60 43.94 13.05 3.31
N LEU B 61 43.41 12.99 4.52
CA LEU B 61 44.23 12.65 5.67
C LEU B 61 44.76 11.23 5.56
N LEU B 62 43.94 10.30 5.08
CA LEU B 62 44.42 8.93 4.87
C LEU B 62 45.54 8.90 3.84
N GLY B 63 45.36 9.61 2.73
CA GLY B 63 46.41 9.67 1.73
C GLY B 63 47.70 10.26 2.29
N ASN B 64 47.57 11.32 3.09
CA ASN B 64 48.74 11.93 3.69
C ASN B 64 49.42 10.97 4.66
N ALA B 65 48.65 10.20 5.41
CA ALA B 65 49.24 9.21 6.31
C ALA B 65 50.00 8.16 5.52
N ILE B 66 49.44 7.73 4.39
CA ILE B 66 50.13 6.75 3.54
C ILE B 66 51.46 7.35 3.05
N ASP B 67 51.41 8.57 2.54
CA ASP B 67 52.62 9.19 1.99
C ASP B 67 53.65 9.47 3.07
N ASP B 68 53.21 9.71 4.30
CA ASP B 68 54.15 9.93 5.40
C ASP B 68 54.75 8.62 5.87
N MET B 69 53.99 7.53 5.82
CA MET B 69 54.55 6.22 6.09
C MET B 69 55.61 5.86 5.05
N LYS B 70 55.33 6.13 3.77
CA LYS B 70 56.28 5.79 2.73
C LYS B 70 57.59 6.53 2.91
N ALA B 71 57.52 7.83 3.20
CA ALA B 71 58.74 8.61 3.37
C ALA B 71 59.41 8.26 4.70
N GLY B 72 60.63 8.75 4.87
CA GLY B 72 61.39 8.43 6.07
C GLY B 72 60.78 9.00 7.33
N ALA B 73 60.18 10.18 7.23
CA ALA B 73 59.71 10.93 8.40
C ALA B 73 58.37 10.37 8.86
N PHE B 74 58.38 9.66 9.99
CA PHE B 74 57.14 9.18 10.62
C PHE B 74 57.48 8.74 12.04
N THR B 75 56.81 9.33 13.01
CA THR B 75 57.03 9.03 14.42
C THR B 75 55.71 8.69 15.09
N ALA B 76 55.79 8.34 16.38
CA ALA B 76 54.58 8.05 17.14
C ALA B 76 53.68 9.28 17.24
N GLU B 77 54.28 10.47 17.21
CA GLU B 77 53.47 11.69 17.31
C GLU B 77 52.55 11.84 16.12
N GLY B 78 53.05 11.58 14.91
CA GLY B 78 52.19 11.65 13.74
C GLY B 78 51.04 10.66 13.81
N LEU B 79 51.32 9.45 14.28
CA LEU B 79 50.27 8.44 14.41
C LEU B 79 49.20 8.90 15.41
N LEU B 80 49.64 9.35 16.59
CA LEU B 80 48.69 9.77 17.61
C LEU B 80 47.86 10.94 17.12
N PHE B 81 48.52 11.90 16.47
CA PHE B 81 47.87 13.11 15.89
C PHE B 81 46.83 12.69 14.86
N TYR B 82 47.17 11.74 13.97
CA TYR B 82 46.26 11.31 12.92
C TYR B 82 45.04 10.60 13.50
N ILE B 83 45.25 9.72 14.48
CA ILE B 83 44.11 9.03 15.07
C ILE B 83 43.22 10.01 15.82
N GLY B 84 43.82 10.99 16.50
CA GLY B 84 43.01 11.99 17.18
C GLY B 84 42.17 12.82 16.24
N ILE B 85 42.76 13.24 15.13
CA ILE B 85 42.02 14.07 14.18
C ILE B 85 40.92 13.24 13.52
N PHE B 86 41.19 11.97 13.22
CA PHE B 86 40.14 11.12 12.65
C PHE B 86 39.01 10.93 13.64
N PHE B 87 39.33 10.70 14.92
CA PHE B 87 38.28 10.54 15.93
C PHE B 87 37.43 11.80 16.04
N VAL B 88 38.06 12.97 16.09
CA VAL B 88 37.29 14.19 16.28
C VAL B 88 36.45 14.49 15.05
N LEU B 89 37.00 14.21 13.85
CA LEU B 89 36.19 14.40 12.65
C LEU B 89 34.99 13.46 12.65
N THR B 90 35.18 12.21 13.09
CA THR B 90 34.07 11.26 13.19
C THR B 90 33.00 11.78 14.15
N ALA B 91 33.41 12.21 15.34
CA ALA B 91 32.44 12.70 16.30
C ALA B 91 31.72 13.94 15.79
N ALA B 92 32.46 14.84 15.13
CA ALA B 92 31.85 16.06 14.61
C ALA B 92 30.80 15.73 13.56
N VAL B 93 31.14 14.85 12.61
CA VAL B 93 30.16 14.49 11.58
C VAL B 93 28.97 13.79 12.20
N TYR B 94 29.22 12.95 13.21
CA TYR B 94 28.16 12.15 13.87
C TYR B 94 27.18 13.07 14.62
N ILE B 95 27.66 14.13 15.30
CA ILE B 95 26.79 15.06 16.01
C ILE B 95 26.08 15.99 15.02
N MET B 96 26.83 16.53 14.06
CA MET B 96 26.23 17.46 13.11
C MET B 96 25.14 16.80 12.29
N SER B 97 25.34 15.56 11.86
CA SER B 97 24.29 14.84 11.14
C SER B 97 23.11 14.56 12.04
N TYR B 98 23.37 13.98 13.22
CA TYR B 98 22.31 13.63 14.16
C TYR B 98 21.47 14.84 14.53
N PHE B 99 22.02 16.04 14.42
CA PHE B 99 21.22 17.21 14.70
C PHE B 99 20.56 17.79 13.43
N TRP B 100 21.33 18.05 12.37
CA TRP B 100 20.75 18.74 11.23
C TRP B 100 19.69 17.89 10.54
N MET B 101 19.95 16.59 10.38
CA MET B 101 19.00 15.67 9.70
C MET B 101 17.78 15.49 10.62
N HIS B 102 17.97 15.47 11.94
CA HIS B 102 16.85 15.46 12.89
C HIS B 102 15.96 16.68 12.67
N GLN B 103 16.56 17.86 12.54
CA GLN B 103 15.76 19.05 12.29
C GLN B 103 15.04 18.96 10.96
N LEU B 104 15.74 18.53 9.91
CA LEU B 104 15.18 18.57 8.56
C LEU B 104 14.13 17.48 8.33
N PHE B 105 14.04 16.48 9.20
CA PHE B 105 12.98 15.49 9.11
C PHE B 105 11.88 15.70 10.14
N GLY B 106 12.19 16.29 11.30
CA GLY B 106 11.13 16.82 12.12
C GLY B 106 10.35 17.89 11.40
N GLY B 107 11.03 18.63 10.53
CA GLY B 107 10.31 19.56 9.67
C GLY B 107 9.34 18.85 8.74
N ALA B 108 9.75 17.70 8.20
CA ALA B 108 8.83 16.92 7.38
C ALA B 108 7.62 16.46 8.21
N ASN B 109 7.87 16.01 9.43
CA ASN B 109 6.78 15.59 10.30
C ASN B 109 5.81 16.74 10.57
N LEU B 110 6.35 17.92 10.89
CA LEU B 110 5.51 19.06 11.18
C LEU B 110 4.73 19.50 9.94
N MET B 111 5.35 19.46 8.77
CA MET B 111 4.64 19.82 7.55
C MET B 111 3.51 18.83 7.28
N GLU B 112 3.74 17.55 7.53
CA GLU B 112 2.67 16.56 7.40
C GLU B 112 1.50 16.91 8.31
N LYS B 113 1.82 17.22 9.57
CA LYS B 113 0.79 17.55 10.59
C LYS B 113 0.04 18.82 10.18
N ILE B 114 0.71 19.80 9.56
CA ILE B 114 0.10 21.04 9.14
C ILE B 114 -0.81 20.81 7.95
N LEU B 115 -0.35 20.02 6.97
CA LEU B 115 -1.16 19.79 5.78
C LEU B 115 -2.42 19.00 6.11
N ARG B 116 -2.31 18.00 6.98
CA ARG B 116 -3.52 17.29 7.42
C ARG B 116 -4.50 18.25 8.06
N THR B 117 -4.03 19.03 9.04
CA THR B 117 -4.92 19.94 9.73
C THR B 117 -5.61 20.88 8.76
N LYS B 118 -4.84 21.53 7.89
CA LYS B 118 -5.42 22.51 6.98
C LYS B 118 -6.41 21.86 6.01
N LEU B 119 -6.06 20.71 5.45
CA LEU B 119 -6.96 20.06 4.50
C LEU B 119 -8.30 19.76 5.15
N MET B 120 -8.30 19.08 6.30
CA MET B 120 -9.61 18.73 6.83
C MET B 120 -10.31 19.93 7.45
N GLY B 121 -9.57 20.97 7.86
CA GLY B 121 -10.22 22.17 8.30
C GLY B 121 -11.00 22.84 7.19
N HIS B 122 -10.45 22.81 5.98
CA HIS B 122 -11.23 23.21 4.82
C HIS B 122 -12.42 22.28 4.64
N LEU B 123 -12.22 20.98 4.84
CA LEU B 123 -13.32 20.03 4.69
C LEU B 123 -14.50 20.42 5.57
N LEU B 124 -14.25 20.60 6.87
CA LEU B 124 -15.33 20.92 7.80
C LEU B 124 -15.94 22.28 7.50
N THR B 125 -15.10 23.31 7.37
CA THR B 125 -15.57 24.67 7.13
C THR B 125 -16.00 24.79 5.67
N MET B 126 -17.06 24.06 5.34
CA MET B 126 -17.58 24.00 3.98
C MET B 126 -19.02 23.50 4.08
N SER B 127 -19.71 23.44 2.95
CA SER B 127 -21.07 22.93 2.85
C SER B 127 -21.08 21.76 1.88
N PRO B 128 -22.19 21.04 1.78
CA PRO B 128 -22.22 19.82 0.96
C PRO B 128 -22.83 20.00 -0.41
N PRO B 129 -23.11 21.24 -0.89
CA PRO B 129 -23.86 21.34 -2.15
C PRO B 129 -23.11 20.77 -3.34
N PHE B 130 -21.87 21.20 -3.53
CA PHE B 130 -21.03 20.74 -4.63
C PHE B 130 -19.84 19.90 -4.19
N TYR B 131 -19.55 19.84 -2.90
CA TYR B 131 -18.39 19.10 -2.41
C TYR B 131 -18.71 17.63 -2.20
N GLU B 132 -19.75 17.33 -1.41
CA GLU B 132 -20.19 15.94 -1.32
C GLU B 132 -20.62 15.40 -2.68
N LYS B 133 -20.97 16.29 -3.62
CA LYS B 133 -21.10 15.88 -5.00
C LYS B 133 -19.78 15.36 -5.53
N ASN B 134 -18.69 16.06 -5.21
CA ASN B 134 -17.36 15.58 -5.58
C ASN B 134 -17.09 14.25 -4.92
N ARG B 135 -16.42 13.36 -5.64
CA ARG B 135 -16.25 11.99 -5.16
C ARG B 135 -15.46 11.97 -3.86
N THR B 136 -15.94 11.20 -2.88
CA THR B 136 -15.22 11.02 -1.63
C THR B 136 -13.90 10.31 -1.83
N GLY B 137 -13.78 9.49 -2.89
CA GLY B 137 -12.52 8.82 -3.14
C GLY B 137 -11.37 9.79 -3.35
N ASP B 138 -11.61 10.84 -4.15
CA ASP B 138 -10.57 11.84 -4.36
C ASP B 138 -10.22 12.54 -3.06
N LEU B 139 -11.23 12.88 -2.26
CA LEU B 139 -10.98 13.62 -1.03
C LEU B 139 -10.16 12.78 -0.05
N MET B 140 -10.45 11.48 0.03
CA MET B 140 -9.69 10.62 0.94
C MET B 140 -8.32 10.29 0.38
N ALA B 141 -8.17 10.23 -0.94
CA ALA B 141 -6.86 9.98 -1.54
C ALA B 141 -5.94 11.18 -1.40
N ARG B 142 -6.47 12.39 -1.46
CA ARG B 142 -5.65 13.57 -1.26
C ARG B 142 -4.93 13.50 0.08
N GLY B 143 -5.71 13.46 1.17
CA GLY B 143 -5.22 13.56 2.52
C GLY B 143 -4.12 12.59 2.90
N THR B 144 -3.88 11.57 2.08
CA THR B 144 -2.76 10.67 2.29
C THR B 144 -1.74 10.77 1.18
N ASN B 145 -2.14 10.50 -0.07
CA ASN B 145 -1.17 10.48 -1.16
C ASN B 145 -0.49 11.83 -1.35
N ASP B 146 -1.28 12.89 -1.48
CA ASP B 146 -0.69 14.17 -1.84
C ASP B 146 -0.01 14.83 -0.64
N LEU B 147 -0.52 14.60 0.57
CA LEU B 147 0.19 15.06 1.76
C LEU B 147 1.56 14.41 1.85
N GLN B 148 1.62 13.08 1.64
CA GLN B 148 2.91 12.41 1.66
C GLN B 148 3.81 12.94 0.56
N ALA B 149 3.25 13.18 -0.63
CA ALA B 149 4.06 13.67 -1.74
C ALA B 149 4.66 15.03 -1.43
N VAL B 150 3.87 15.95 -0.88
CA VAL B 150 4.37 17.30 -0.61
C VAL B 150 5.37 17.28 0.54
N SER B 151 5.08 16.52 1.60
CA SER B 151 6.04 16.44 2.70
C SER B 151 7.35 15.83 2.24
N LEU B 152 7.28 14.79 1.42
CA LEU B 152 8.49 14.22 0.86
C LEU B 152 9.23 15.23 0.00
N THR B 153 8.50 16.02 -0.78
CA THR B 153 9.13 17.13 -1.48
C THR B 153 9.96 17.94 -0.50
N THR B 154 9.28 18.57 0.48
CA THR B 154 9.97 19.49 1.39
C THR B 154 11.22 18.87 1.96
N GLY B 155 11.13 17.64 2.48
CA GLY B 155 12.31 17.04 3.08
C GLY B 155 13.32 16.42 2.12
N PHE B 156 12.90 15.35 1.45
CA PHE B 156 13.81 14.58 0.63
C PHE B 156 14.22 15.34 -0.62
N GLY B 157 13.29 16.05 -1.26
CA GLY B 157 13.67 16.80 -2.45
C GLY B 157 14.70 17.85 -2.14
N ILE B 158 14.58 18.50 -0.98
CA ILE B 158 15.58 19.47 -0.56
C ILE B 158 16.92 18.80 -0.30
N LEU B 159 16.91 17.64 0.38
CA LEU B 159 18.16 16.94 0.63
C LEU B 159 18.82 16.54 -0.69
N THR B 160 18.04 16.06 -1.65
CA THR B 160 18.58 15.69 -2.95
C THR B 160 19.11 16.91 -3.69
N LEU B 161 18.43 18.05 -3.61
CA LEU B 161 18.94 19.27 -4.20
C LEU B 161 20.32 19.60 -3.62
N VAL B 162 20.44 19.55 -2.30
CA VAL B 162 21.70 19.91 -1.66
C VAL B 162 22.81 18.95 -2.06
N ASP B 163 22.51 17.65 -2.08
CA ASP B 163 23.55 16.65 -2.34
C ASP B 163 23.78 16.39 -3.82
N SER B 164 22.98 16.97 -4.72
CA SER B 164 23.17 16.79 -6.14
C SER B 164 23.57 18.06 -6.87
N THR B 165 23.42 19.23 -6.24
CA THR B 165 23.90 20.48 -6.82
C THR B 165 25.23 20.92 -6.21
N MET B 166 25.50 20.58 -4.95
CA MET B 166 26.73 20.96 -4.28
C MET B 166 27.68 19.79 -4.13
N PHE B 167 27.24 18.71 -3.46
CA PHE B 167 28.11 17.52 -3.19
C PHE B 167 28.80 17.07 -4.48
N MET B 168 28.11 17.09 -5.63
CA MET B 168 28.74 16.81 -6.91
C MET B 168 29.83 17.84 -7.21
N MET B 169 29.49 19.13 -7.10
CA MET B 169 30.44 20.18 -7.43
C MET B 169 31.58 20.22 -6.43
N THR B 170 31.29 20.04 -5.14
CA THR B 170 32.33 20.03 -4.12
C THR B 170 33.34 18.92 -4.37
N ILE B 171 32.87 17.68 -4.58
CA ILE B 171 33.80 16.58 -4.78
C ILE B 171 34.52 16.73 -6.11
N PHE B 172 33.81 17.20 -7.14
CA PHE B 172 34.45 17.46 -8.42
C PHE B 172 35.65 18.37 -8.23
N LEU B 173 35.47 19.47 -7.52
CA LEU B 173 36.58 20.42 -7.36
C LEU B 173 37.60 19.94 -6.35
N THR B 174 37.19 19.18 -5.33
CA THR B 174 38.16 18.65 -4.37
C THR B 174 39.12 17.69 -5.06
N MET B 175 38.63 16.91 -6.03
CA MET B 175 39.51 16.06 -6.80
C MET B 175 40.09 16.74 -8.03
N GLY B 176 39.62 17.93 -8.39
CA GLY B 176 40.18 18.65 -9.51
C GLY B 176 41.24 19.67 -9.13
N PHE B 177 41.32 19.99 -7.84
CA PHE B 177 42.33 20.90 -7.33
C PHE B 177 43.33 20.25 -6.41
N LEU B 178 42.93 19.20 -5.69
CA LEU B 178 43.81 18.54 -4.73
C LEU B 178 44.33 17.19 -5.22
N ILE B 179 43.80 16.65 -6.32
CA ILE B 179 44.30 15.40 -6.87
C ILE B 179 44.83 15.66 -8.27
N SER B 180 43.95 16.01 -9.20
CA SER B 180 44.37 16.40 -10.54
C SER B 180 43.16 16.79 -11.36
N TRP B 181 43.39 17.58 -12.40
CA TRP B 181 42.38 17.93 -13.39
C TRP B 181 42.39 17.01 -14.59
N LYS B 182 43.28 16.02 -14.61
CA LYS B 182 43.30 15.00 -15.65
C LYS B 182 42.62 13.72 -15.19
N LEU B 183 43.11 13.14 -14.10
CA LEU B 183 42.49 11.94 -13.55
C LEU B 183 41.02 12.15 -13.27
N THR B 184 40.64 13.36 -12.85
CA THR B 184 39.25 13.63 -12.47
C THR B 184 38.31 13.44 -13.64
N PHE B 185 38.59 14.10 -14.76
CA PHE B 185 37.68 14.00 -15.91
C PHE B 185 37.62 12.58 -16.42
N ALA B 186 38.75 11.88 -16.45
CA ALA B 186 38.76 10.50 -16.91
C ALA B 186 37.87 9.63 -16.03
N ALA B 187 38.09 9.69 -14.72
CA ALA B 187 37.31 8.86 -13.81
C ALA B 187 35.87 9.34 -13.66
N ILE B 188 35.54 10.52 -14.19
CA ILE B 188 34.19 11.06 -14.07
C ILE B 188 33.37 10.91 -15.35
N ILE B 189 34.01 10.68 -16.49
CA ILE B 189 33.27 10.59 -17.76
C ILE B 189 32.16 9.55 -17.71
N PRO B 190 32.30 8.38 -17.06
CA PRO B 190 31.22 7.39 -17.13
C PRO B 190 29.99 7.72 -16.31
N LEU B 191 30.07 8.66 -15.35
CA LEU B 191 28.96 8.87 -14.43
C LEU B 191 27.81 9.62 -15.09
N PRO B 192 28.06 10.60 -15.96
CA PRO B 192 26.94 11.16 -16.74
C PRO B 192 26.20 10.10 -17.55
N VAL B 193 26.95 9.16 -18.15
CA VAL B 193 26.31 8.07 -18.88
C VAL B 193 25.48 7.22 -17.94
N MET B 194 26.01 6.93 -16.76
CA MET B 194 25.26 6.17 -15.77
C MET B 194 23.96 6.87 -15.42
N ALA B 195 24.01 8.18 -15.19
CA ALA B 195 22.81 8.92 -14.81
C ALA B 195 21.77 8.92 -15.92
N ILE B 196 22.21 9.16 -17.17
CA ILE B 196 21.25 9.20 -18.26
C ILE B 196 20.65 7.81 -18.48
N ALA B 197 21.45 6.75 -18.34
CA ALA B 197 20.92 5.41 -18.46
C ALA B 197 19.90 5.11 -17.37
N ILE B 198 20.17 5.56 -16.14
CA ILE B 198 19.22 5.36 -15.06
C ILE B 198 17.90 6.06 -15.39
N SER B 199 17.99 7.29 -15.90
CA SER B 199 16.77 8.02 -16.26
C SER B 199 16.01 7.29 -17.36
N LEU B 200 16.72 6.79 -18.36
CA LEU B 200 16.03 6.06 -19.44
C LEU B 200 15.38 4.79 -18.93
N TYR B 201 16.06 4.06 -18.03
CA TYR B 201 15.48 2.85 -17.46
C TYR B 201 14.23 3.18 -16.67
N GLY B 202 14.27 4.24 -15.87
CA GLY B 202 13.10 4.65 -15.13
C GLY B 202 11.96 5.08 -16.03
N SER B 203 12.28 5.63 -17.19
CA SER B 203 11.24 6.06 -18.12
C SER B 203 10.38 4.91 -18.59
N LYS B 204 10.92 3.69 -18.57
CA LYS B 204 10.22 2.52 -19.07
C LYS B 204 9.75 1.57 -17.98
N ILE B 205 10.50 1.40 -16.89
CA ILE B 205 10.03 0.55 -15.81
C ILE B 205 8.69 1.03 -15.30
N HIS B 206 8.52 2.34 -15.16
CA HIS B 206 7.22 2.87 -14.76
C HIS B 206 6.16 2.58 -15.82
N GLU B 207 6.53 2.72 -17.10
CA GLU B 207 5.57 2.45 -18.17
C GLU B 207 5.09 1.01 -18.14
N ARG B 208 5.96 0.08 -17.80
CA ARG B 208 5.62 -1.34 -17.80
C ARG B 208 5.21 -1.74 -16.40
N PHE B 209 5.25 -0.86 -15.42
CA PHE B 209 4.72 -1.18 -14.10
C PHE B 209 3.21 -1.00 -14.04
N THR B 210 2.68 -0.04 -14.79
CA THR B 210 1.23 0.09 -14.87
C THR B 210 0.60 -1.21 -15.36
N GLU B 211 1.26 -1.89 -16.30
CA GLU B 211 0.71 -3.12 -16.84
C GLU B 211 0.59 -4.18 -15.75
N ALA B 212 1.66 -4.40 -14.99
CA ALA B 212 1.61 -5.38 -13.92
C ALA B 212 0.58 -5.01 -12.87
N GLN B 213 0.56 -3.73 -12.46
CA GLN B 213 -0.36 -3.32 -11.40
C GLN B 213 -1.81 -3.47 -11.84
N ASN B 214 -2.12 -3.11 -13.09
CA ASN B 214 -3.51 -3.17 -13.52
C ASN B 214 -3.94 -4.60 -13.86
N ALA B 215 -3.02 -5.44 -14.33
CA ALA B 215 -3.38 -6.85 -14.51
C ALA B 215 -3.59 -7.53 -13.16
N PHE B 216 -2.79 -7.18 -12.16
CA PHE B 216 -3.03 -7.66 -10.81
C PHE B 216 -4.37 -7.15 -10.29
N GLY B 217 -4.72 -5.91 -10.61
CA GLY B 217 -6.02 -5.40 -10.24
C GLY B 217 -7.15 -6.16 -10.90
N ALA B 218 -6.96 -6.55 -12.16
CA ALA B 218 -7.98 -7.36 -12.84
C ALA B 218 -8.14 -8.71 -12.19
N LEU B 219 -7.02 -9.34 -11.80
CA LEU B 219 -7.11 -10.60 -11.07
C LEU B 219 -7.82 -10.39 -9.73
N ASN B 220 -7.54 -9.29 -9.05
CA ASN B 220 -8.23 -8.99 -7.79
C ASN B 220 -9.72 -8.82 -8.02
N ASP B 221 -10.10 -8.11 -9.08
CA ASP B 221 -11.51 -7.94 -9.40
C ASP B 221 -12.18 -9.28 -9.65
N ARG B 222 -11.52 -10.15 -10.41
CA ARG B 222 -12.12 -11.45 -10.71
C ARG B 222 -12.24 -12.31 -9.46
N VAL B 223 -11.24 -12.27 -8.59
CA VAL B 223 -11.33 -13.04 -7.35
C VAL B 223 -12.46 -12.53 -6.49
N LEU B 224 -12.63 -11.20 -6.42
CA LEU B 224 -13.73 -10.64 -5.65
C LEU B 224 -15.07 -11.07 -6.24
N GLU B 225 -15.17 -11.05 -7.56
CA GLU B 225 -16.41 -11.40 -8.26
C GLU B 225 -16.72 -12.89 -8.05
N SER B 226 -15.69 -13.75 -8.01
CA SER B 226 -15.87 -15.18 -7.79
C SER B 226 -16.12 -15.51 -6.33
N VAL B 227 -15.71 -14.65 -5.40
CA VAL B 227 -15.93 -14.93 -3.99
C VAL B 227 -17.26 -14.36 -3.49
N SER B 228 -17.76 -13.30 -4.12
CA SER B 228 -19.10 -12.82 -3.78
C SER B 228 -20.18 -13.74 -4.34
N GLY B 229 -20.01 -14.21 -5.58
CA GLY B 229 -20.98 -15.09 -6.19
C GLY B 229 -20.66 -16.55 -5.99
N VAL B 230 -20.23 -16.92 -4.78
CA VAL B 230 -19.88 -18.30 -4.52
C VAL B 230 -21.10 -19.20 -4.55
N ARG B 231 -22.23 -18.71 -4.04
CA ARG B 231 -23.43 -19.54 -3.99
C ARG B 231 -23.88 -19.94 -5.38
N VAL B 232 -23.85 -18.99 -6.32
CA VAL B 232 -24.25 -19.32 -7.69
C VAL B 232 -23.21 -20.23 -8.33
N ILE B 233 -21.93 -19.94 -8.15
CA ILE B 233 -20.88 -20.75 -8.77
C ILE B 233 -21.03 -22.21 -8.34
N ARG B 234 -21.04 -22.49 -7.09
CA ARG B 234 -21.23 -23.82 -6.58
C ARG B 234 -22.65 -24.33 -6.88
N ALA B 235 -23.67 -23.50 -7.08
CA ALA B 235 -25.02 -23.97 -7.40
C ALA B 235 -25.05 -24.63 -8.77
N TYR B 236 -24.37 -24.05 -9.74
CA TYR B 236 -24.28 -24.61 -11.08
C TYR B 236 -22.99 -25.38 -11.30
N VAL B 237 -22.32 -25.79 -10.22
CA VAL B 237 -21.10 -26.58 -10.25
C VAL B 237 -20.02 -26.18 -11.24
N GLN B 238 -19.77 -24.86 -11.34
CA GLN B 238 -18.71 -24.31 -12.18
C GLN B 238 -17.40 -23.96 -11.51
N GLU B 239 -17.15 -24.49 -10.30
CA GLU B 239 -15.98 -24.06 -9.55
C GLU B 239 -14.68 -24.43 -10.25
N THR B 240 -14.64 -25.54 -10.97
CA THR B 240 -13.41 -25.90 -11.69
C THR B 240 -13.14 -24.92 -12.82
N ASN B 241 -14.18 -24.46 -13.52
CA ASN B 241 -13.99 -23.41 -14.51
C ASN B 241 -13.40 -22.20 -13.79
N ASP B 242 -14.08 -21.74 -12.74
CA ASP B 242 -13.53 -20.66 -11.93
C ASP B 242 -12.05 -20.80 -11.61
N VAL B 243 -11.63 -21.99 -11.17
CA VAL B 243 -10.20 -22.29 -10.84
C VAL B 243 -9.40 -22.18 -12.13
N ARG B 244 -9.96 -22.59 -13.26
CA ARG B 244 -9.30 -22.48 -14.59
C ARG B 244 -9.18 -21.00 -14.95
N ARG B 245 -10.19 -20.18 -14.63
CA ARG B 245 -10.19 -18.73 -14.92
C ARG B 245 -9.20 -18.05 -13.97
N PHE B 246 -9.10 -18.49 -12.72
CA PHE B 246 -8.20 -17.89 -11.71
C PHE B 246 -6.74 -18.16 -12.08
N ASN B 247 -6.42 -19.33 -12.63
CA ASN B 247 -5.07 -19.72 -13.01
C ASN B 247 -4.62 -18.95 -14.25
N GLU B 248 -5.52 -18.74 -15.20
CA GLU B 248 -5.17 -17.92 -16.37
C GLU B 248 -4.74 -16.51 -15.94
N MET B 249 -5.55 -15.87 -15.09
CA MET B 249 -5.20 -14.52 -14.67
C MET B 249 -3.93 -14.50 -13.86
N THR B 250 -3.70 -15.52 -13.02
CA THR B 250 -2.46 -15.58 -12.27
C THR B 250 -1.27 -15.68 -13.22
N ALA B 251 -1.42 -16.44 -14.30
CA ALA B 251 -0.36 -16.54 -15.30
C ALA B 251 -0.11 -15.18 -15.95
N ASP B 252 -1.18 -14.43 -16.23
CA ASP B 252 -0.99 -13.10 -16.81
C ASP B 252 -0.26 -12.17 -15.85
N VAL B 253 -0.62 -12.23 -14.57
CA VAL B 253 0.07 -11.42 -13.57
C VAL B 253 1.55 -11.78 -13.52
N TYR B 254 1.85 -13.08 -13.52
CA TYR B 254 3.25 -13.50 -13.51
C TYR B 254 3.98 -13.00 -14.74
N GLN B 255 3.34 -13.09 -15.91
CA GLN B 255 3.98 -12.64 -17.14
C GLN B 255 4.30 -11.16 -17.08
N LYS B 256 3.36 -10.35 -16.58
CA LYS B 256 3.65 -8.92 -16.43
C LYS B 256 4.79 -8.69 -15.47
N ASN B 257 4.81 -9.42 -14.36
CA ASN B 257 5.88 -9.27 -13.39
C ASN B 257 7.23 -9.61 -14.01
N MET B 258 7.27 -10.61 -14.90
CA MET B 258 8.50 -10.94 -15.61
C MET B 258 8.89 -9.83 -16.57
N LYS B 259 7.93 -9.29 -17.33
CA LYS B 259 8.25 -8.21 -18.25
C LYS B 259 8.77 -6.99 -17.51
N VAL B 260 8.44 -6.86 -16.22
CA VAL B 260 8.98 -5.76 -15.43
C VAL B 260 10.33 -6.13 -14.83
N ALA B 261 10.49 -7.36 -14.36
CA ALA B 261 11.74 -7.78 -13.73
C ALA B 261 12.88 -7.83 -14.74
N PHE B 262 12.55 -8.10 -16.01
CA PHE B 262 13.55 -8.08 -17.11
C PHE B 262 14.28 -6.73 -17.07
N ILE B 263 13.53 -5.62 -17.03
CA ILE B 263 14.12 -4.29 -16.96
C ILE B 263 14.73 -4.06 -15.58
N ASP B 264 14.04 -4.46 -14.52
CA ASP B 264 14.51 -4.16 -13.18
C ASP B 264 15.88 -4.73 -12.91
N SER B 265 16.21 -5.89 -13.51
CA SER B 265 17.50 -6.52 -13.30
C SER B 265 18.63 -5.84 -14.07
N LEU B 266 18.33 -4.75 -14.80
CA LEU B 266 19.34 -3.97 -15.49
C LEU B 266 19.87 -2.81 -14.66
N PHE B 267 19.39 -2.64 -13.43
CA PHE B 267 19.83 -1.52 -12.60
C PHE B 267 21.19 -1.82 -11.99
N GLU B 268 21.26 -2.85 -11.15
CA GLU B 268 22.52 -3.16 -10.48
C GLU B 268 23.64 -3.46 -11.47
N PRO B 269 23.42 -4.23 -12.53
CA PRO B 269 24.52 -4.43 -13.49
C PRO B 269 25.05 -3.14 -14.08
N THR B 270 24.19 -2.17 -14.39
CA THR B 270 24.68 -0.96 -15.04
C THR B 270 25.47 -0.08 -14.08
N VAL B 271 25.01 0.06 -12.84
CA VAL B 271 25.77 0.84 -11.87
C VAL B 271 27.07 0.14 -11.55
N LYS B 272 27.04 -1.20 -11.43
CA LYS B 272 28.28 -1.94 -11.21
C LYS B 272 29.26 -1.73 -12.36
N LEU B 273 28.76 -1.80 -13.59
CA LEU B 273 29.64 -1.63 -14.74
C LEU B 273 30.24 -0.24 -14.77
N LEU B 274 29.41 0.79 -14.61
CA LEU B 274 29.87 2.16 -14.77
C LEU B 274 30.51 2.73 -13.52
N VAL B 275 30.52 1.98 -12.42
CA VAL B 275 31.34 2.30 -11.27
C VAL B 275 32.67 1.56 -11.31
N GLY B 276 32.67 0.31 -11.77
CA GLY B 276 33.93 -0.39 -11.99
C GLY B 276 34.74 0.22 -13.11
N ALA B 277 34.08 0.73 -14.14
CA ALA B 277 34.79 1.46 -15.19
C ALA B 277 35.41 2.73 -14.62
N SER B 278 34.68 3.44 -13.77
CA SER B 278 35.23 4.62 -13.12
C SER B 278 36.44 4.26 -12.27
N TYR B 279 36.32 3.21 -11.45
CA TYR B 279 37.44 2.79 -10.62
C TYR B 279 38.63 2.36 -11.46
N LEU B 280 38.39 1.65 -12.55
CA LEU B 280 39.48 1.18 -13.38
C LEU B 280 40.17 2.33 -14.10
N ILE B 281 39.40 3.28 -14.63
CA ILE B 281 40.02 4.46 -15.23
C ILE B 281 40.85 5.19 -14.19
N GLY B 282 40.29 5.38 -13.00
CA GLY B 282 41.04 6.05 -11.95
C GLY B 282 42.34 5.34 -11.64
N LEU B 283 42.29 4.04 -11.43
CA LEU B 283 43.48 3.29 -11.03
C LEU B 283 44.50 3.24 -12.16
N GLY B 284 44.08 2.88 -13.37
CA GLY B 284 45.01 2.78 -14.46
C GLY B 284 45.65 4.11 -14.81
N TYR B 285 44.83 5.15 -14.99
CA TYR B 285 45.36 6.46 -15.32
C TYR B 285 46.17 7.04 -14.18
N GLY B 286 45.81 6.73 -12.92
CA GLY B 286 46.61 7.21 -11.81
C GLY B 286 47.97 6.55 -11.74
N ALA B 287 48.03 5.25 -12.00
CA ALA B 287 49.33 4.59 -12.08
C ALA B 287 50.14 5.14 -13.25
N PHE B 288 49.50 5.40 -14.38
CA PHE B 288 50.19 5.96 -15.52
C PHE B 288 50.77 7.33 -15.18
N LEU B 289 49.96 8.20 -14.56
CA LEU B 289 50.44 9.52 -14.15
C LEU B 289 51.56 9.41 -13.14
N VAL B 290 51.42 8.52 -12.16
CA VAL B 290 52.47 8.33 -11.17
C VAL B 290 53.77 7.95 -11.86
N PHE B 291 53.68 7.09 -12.88
CA PHE B 291 54.87 6.74 -13.65
C PHE B 291 55.49 7.96 -14.30
N ARG B 292 54.71 9.03 -14.49
CA ARG B 292 55.24 10.32 -14.91
C ARG B 292 55.45 11.26 -13.73
N ASN B 293 55.36 10.75 -12.50
CA ASN B 293 55.56 11.53 -11.29
C ASN B 293 54.67 12.77 -11.28
N GLU B 294 53.36 12.53 -11.40
CA GLU B 294 52.36 13.58 -11.25
C GLU B 294 51.46 13.38 -10.05
N LEU B 295 51.39 12.18 -9.49
CA LEU B 295 50.67 11.91 -8.27
C LEU B 295 51.59 11.22 -7.27
N THR B 296 51.03 10.86 -6.13
CA THR B 296 51.66 9.96 -5.17
C THR B 296 50.76 8.73 -5.04
N LEU B 297 51.08 7.87 -4.09
CA LEU B 297 50.19 6.74 -3.81
C LEU B 297 49.08 7.14 -2.86
N GLY B 298 49.41 7.95 -1.85
CA GLY B 298 48.37 8.46 -0.97
C GLY B 298 47.31 9.22 -1.73
N GLU B 299 47.72 9.99 -2.73
CA GLU B 299 46.74 10.67 -3.58
C GLU B 299 45.86 9.69 -4.31
N LEU B 300 46.44 8.58 -4.77
CA LEU B 300 45.65 7.55 -5.44
C LEU B 300 44.60 6.97 -4.51
N VAL B 301 45.00 6.64 -3.28
CA VAL B 301 44.05 6.09 -2.31
C VAL B 301 42.97 7.11 -1.99
N SER B 302 43.36 8.38 -1.81
CA SER B 302 42.38 9.41 -1.51
C SER B 302 41.40 9.59 -2.65
N PHE B 303 41.89 9.57 -3.89
CA PHE B 303 41.00 9.71 -5.03
C PHE B 303 40.04 8.54 -5.13
N ASN B 304 40.51 7.34 -4.81
CA ASN B 304 39.60 6.20 -4.82
C ASN B 304 38.55 6.32 -3.74
N VAL B 305 38.92 6.82 -2.55
CA VAL B 305 37.92 7.04 -1.52
C VAL B 305 36.91 8.09 -1.97
N TYR B 306 37.39 9.13 -2.64
CA TYR B 306 36.48 10.13 -3.19
C TYR B 306 35.50 9.50 -4.17
N LEU B 307 36.01 8.67 -5.08
CA LEU B 307 35.13 7.96 -6.00
C LEU B 307 34.11 7.14 -5.22
N GLY B 308 34.54 6.52 -4.12
CA GLY B 308 33.61 5.76 -3.32
C GLY B 308 32.50 6.60 -2.73
N MET B 309 32.82 7.83 -2.33
CA MET B 309 31.85 8.72 -1.71
C MET B 309 31.02 9.50 -2.73
N MET B 310 31.27 9.33 -4.03
CA MET B 310 30.58 10.06 -5.08
C MET B 310 29.39 9.29 -5.65
N ILE B 311 29.13 8.09 -5.15
CA ILE B 311 28.06 7.27 -5.72
C ILE B 311 26.69 7.89 -5.46
N TRP B 312 26.42 8.31 -4.23
CA TRP B 312 25.08 8.72 -3.85
C TRP B 312 24.53 9.85 -4.73
N PRO B 313 25.27 10.90 -5.05
CA PRO B 313 24.70 11.99 -5.86
C PRO B 313 24.11 11.53 -7.18
N MET B 314 24.65 10.47 -7.79
CA MET B 314 24.13 10.03 -9.08
C MET B 314 22.69 9.54 -8.98
N PHE B 315 22.34 8.87 -7.88
CA PHE B 315 20.95 8.53 -7.63
C PHE B 315 20.15 9.71 -7.07
N ALA B 316 20.82 10.58 -6.31
CA ALA B 316 20.14 11.73 -5.74
C ALA B 316 19.59 12.65 -6.82
N ILE B 317 20.32 12.81 -7.93
CA ILE B 317 19.82 13.65 -9.02
C ILE B 317 18.51 13.10 -9.58
N GLY B 318 18.47 11.78 -9.80
CA GLY B 318 17.24 11.17 -10.30
C GLY B 318 16.09 11.32 -9.32
N GLU B 319 16.36 11.09 -8.03
CA GLU B 319 15.32 11.28 -7.03
C GLU B 319 14.82 12.71 -7.02
N LEU B 320 15.74 13.67 -7.13
CA LEU B 320 15.36 15.08 -7.17
C LEU B 320 14.41 15.36 -8.33
N ILE B 321 14.80 14.94 -9.54
CA ILE B 321 13.98 15.27 -10.70
C ILE B 321 12.62 14.57 -10.60
N ASN B 322 12.61 13.32 -10.11
CA ASN B 322 11.35 12.61 -9.96
C ASN B 322 10.43 13.34 -9.00
N VAL B 323 10.94 13.75 -7.84
CA VAL B 323 10.08 14.36 -6.84
C VAL B 323 9.62 15.74 -7.30
N MET B 324 10.50 16.51 -7.94
CA MET B 324 10.11 17.83 -8.40
C MET B 324 9.20 17.78 -9.62
N GLN B 325 9.14 16.65 -10.33
CA GLN B 325 8.16 16.50 -11.39
C GLN B 325 6.82 16.03 -10.83
N ARG B 326 6.85 15.17 -9.81
CA ARG B 326 5.61 14.68 -9.22
C ARG B 326 4.91 15.76 -8.40
N GLY B 327 5.68 16.50 -7.58
CA GLY B 327 5.07 17.46 -6.68
C GLY B 327 4.31 18.55 -7.38
N ASN B 328 4.79 18.99 -8.55
CA ASN B 328 4.13 20.10 -9.23
C ASN B 328 2.65 19.83 -9.46
N ALA B 329 2.26 18.56 -9.65
CA ALA B 329 0.86 18.19 -9.81
C ALA B 329 0.25 17.64 -8.53
N SER B 330 1.00 16.86 -7.76
CA SER B 330 0.49 16.32 -6.51
C SER B 330 0.20 17.42 -5.48
N LEU B 331 0.70 18.63 -5.71
CA LEU B 331 0.35 19.79 -4.91
C LEU B 331 -0.67 20.68 -5.59
N ASP B 332 -0.71 20.71 -6.92
CA ASP B 332 -1.80 21.36 -7.61
C ASP B 332 -3.14 20.73 -7.20
N ARG B 333 -3.14 19.42 -6.96
CA ARG B 333 -4.36 18.76 -6.51
C ARG B 333 -4.81 19.39 -5.20
N VAL B 334 -3.95 19.35 -4.18
CA VAL B 334 -4.31 19.92 -2.89
C VAL B 334 -4.70 21.38 -2.99
N ASN B 335 -4.03 22.14 -3.87
CA ASN B 335 -4.39 23.54 -4.06
C ASN B 335 -5.81 23.67 -4.60
N GLU B 336 -6.18 22.81 -5.54
CA GLU B 336 -7.53 22.89 -6.11
C GLU B 336 -8.59 22.46 -5.11
N THR B 337 -8.28 21.47 -4.26
CA THR B 337 -9.23 21.02 -3.25
C THR B 337 -9.07 21.74 -1.92
N LEU B 338 -8.29 22.81 -1.87
CA LEU B 338 -8.13 23.58 -0.64
C LEU B 338 -8.39 25.07 -0.82
N SER B 339 -8.02 25.64 -1.96
CA SER B 339 -8.10 27.08 -2.17
C SER B 339 -9.12 27.49 -3.22
N TYR B 340 -9.11 26.85 -4.39
CA TYR B 340 -10.04 27.25 -5.45
C TYR B 340 -11.48 27.17 -5.00
N GLU B 341 -11.78 26.27 -4.05
CA GLU B 341 -13.14 26.12 -3.57
C GLU B 341 -13.67 27.43 -3.01
N THR B 342 -14.70 27.99 -3.65
CA THR B 342 -15.33 29.27 -3.20
C THR B 342 -16.86 29.10 -3.16
N ASP B 343 -17.44 28.76 -2.00
CA ASP B 343 -18.91 28.62 -1.83
C ASP B 343 -19.35 29.46 -0.63
N VAL B 344 -20.66 29.50 -0.35
CA VAL B 344 -21.23 30.29 0.80
C VAL B 344 -21.56 29.33 1.94
N THR B 345 -20.78 29.34 3.02
CA THR B 345 -21.00 28.47 4.21
C THR B 345 -21.25 29.38 5.43
N ASP B 346 -21.19 30.70 5.24
CA ASP B 346 -21.34 31.68 6.35
C ASP B 346 -22.53 32.61 6.09
N PRO B 347 -23.04 33.35 7.10
CA PRO B 347 -24.22 34.22 6.93
C PRO B 347 -23.88 35.55 6.23
N LYS B 348 -24.71 36.60 6.35
CA LYS B 348 -24.46 37.86 5.59
C LYS B 348 -24.47 39.08 6.51
N GLN B 349 -25.61 39.73 6.73
CA GLN B 349 -25.67 41.00 7.49
C GLN B 349 -25.90 40.72 8.97
N PRO B 350 -25.59 41.67 9.89
CA PRO B 350 -25.86 41.49 11.31
C PRO B 350 -27.35 41.22 11.51
N ALA B 351 -28.21 41.72 10.61
CA ALA B 351 -29.67 41.48 10.66
C ALA B 351 -29.93 40.08 11.20
N ASP B 352 -30.86 39.92 12.15
CA ASP B 352 -31.13 38.65 12.78
C ASP B 352 -32.35 38.78 13.67
N LEU B 353 -32.98 37.64 13.95
CA LEU B 353 -34.10 37.55 14.88
C LEU B 353 -33.70 36.65 16.03
N LYS B 354 -33.67 37.22 17.24
CA LYS B 354 -33.22 36.44 18.40
C LYS B 354 -34.13 35.26 18.66
N GLU B 355 -35.42 35.37 18.32
CA GLU B 355 -36.37 34.29 18.56
C GLU B 355 -36.82 33.71 17.23
N PRO B 356 -36.73 32.39 17.04
CA PRO B 356 -37.24 31.76 15.81
C PRO B 356 -38.66 31.24 15.91
N GLY B 357 -39.42 31.62 16.93
CA GLY B 357 -40.72 31.06 17.20
C GLY B 357 -41.56 30.84 15.96
N ASP B 358 -41.86 31.91 15.23
CA ASP B 358 -42.65 31.80 14.02
C ASP B 358 -41.73 31.66 12.80
N ILE B 359 -42.15 30.80 11.87
CA ILE B 359 -41.46 30.60 10.60
C ILE B 359 -42.48 30.87 9.50
N VAL B 360 -42.19 31.82 8.62
CA VAL B 360 -43.07 32.15 7.51
C VAL B 360 -42.27 32.06 6.23
N PHE B 361 -42.78 31.30 5.26
CA PHE B 361 -42.18 31.19 3.94
C PHE B 361 -42.92 32.12 2.98
N SER B 362 -42.19 32.61 1.98
CA SER B 362 -42.75 33.58 1.03
C SER B 362 -42.16 33.30 -0.35
N HIS B 363 -42.91 32.59 -1.18
CA HIS B 363 -42.57 32.39 -2.59
C HIS B 363 -41.22 31.68 -2.74
N VAL B 364 -40.89 30.82 -1.77
CA VAL B 364 -39.61 30.14 -1.80
C VAL B 364 -39.55 29.22 -3.01
N SER B 365 -38.42 29.22 -3.70
CA SER B 365 -38.18 28.38 -4.88
C SER B 365 -36.81 27.72 -4.77
N PHE B 366 -36.53 27.14 -3.62
CA PHE B 366 -35.23 26.51 -3.39
C PHE B 366 -34.99 25.39 -4.40
N THR B 367 -33.76 25.33 -4.90
CA THR B 367 -33.35 24.32 -5.87
C THR B 367 -32.05 23.68 -5.41
N TYR B 368 -31.85 22.42 -5.80
CA TYR B 368 -30.67 21.68 -5.43
C TYR B 368 -29.52 21.95 -6.40
N PRO B 369 -28.27 21.80 -5.96
CA PRO B 369 -27.10 22.12 -6.79
C PRO B 369 -26.64 20.97 -7.68
N ASN B 375 -37.49 20.74 -8.17
CA ASN B 375 -37.34 20.91 -6.69
C ASN B 375 -38.52 21.75 -6.19
N LEU B 376 -38.37 23.08 -6.05
CA LEU B 376 -39.43 23.96 -5.57
C LEU B 376 -39.84 24.91 -6.69
N GLN B 377 -41.09 25.34 -6.64
CA GLN B 377 -41.59 26.34 -7.59
C GLN B 377 -42.76 27.06 -6.95
N ASP B 378 -42.52 28.27 -6.45
CA ASP B 378 -43.57 29.12 -5.88
C ASP B 378 -44.27 28.42 -4.72
N ILE B 379 -43.51 28.17 -3.66
CA ILE B 379 -44.01 27.52 -2.46
C ILE B 379 -44.13 28.57 -1.36
N SER B 380 -45.24 28.52 -0.62
CA SER B 380 -45.51 29.49 0.44
C SER B 380 -46.32 28.83 1.53
N PHE B 381 -45.84 28.94 2.77
CA PHE B 381 -46.52 28.37 3.93
C PHE B 381 -46.03 29.07 5.18
N THR B 382 -46.72 28.83 6.29
CA THR B 382 -46.49 29.56 7.52
C THR B 382 -46.45 28.61 8.70
N VAL B 383 -45.67 28.99 9.72
CA VAL B 383 -45.60 28.27 10.99
C VAL B 383 -45.55 29.30 12.11
N ARG B 384 -45.80 28.85 13.33
CA ARG B 384 -45.89 29.74 14.47
C ARG B 384 -45.30 29.07 15.70
N LYS B 385 -44.89 29.89 16.66
CA LYS B 385 -44.30 29.38 17.90
C LYS B 385 -45.29 28.44 18.58
N GLY B 386 -44.78 27.29 19.03
CA GLY B 386 -45.64 26.31 19.66
C GLY B 386 -46.64 25.67 18.71
N GLN B 387 -46.20 25.29 17.51
CA GLN B 387 -47.06 24.67 16.52
C GLN B 387 -46.42 23.37 16.05
N THR B 388 -47.05 22.24 16.38
CA THR B 388 -46.62 20.95 15.87
C THR B 388 -47.27 20.74 14.51
N VAL B 389 -46.50 20.89 13.44
CA VAL B 389 -47.00 20.84 12.08
C VAL B 389 -46.50 19.57 11.42
N GLY B 390 -47.21 19.13 10.38
CA GLY B 390 -46.82 17.96 9.61
C GLY B 390 -46.91 18.19 8.12
N ILE B 391 -46.04 17.54 7.36
CA ILE B 391 -46.00 17.66 5.90
C ILE B 391 -45.91 16.28 5.30
N ALA B 392 -46.59 16.08 4.17
CA ALA B 392 -46.60 14.80 3.47
C ALA B 392 -46.69 15.06 1.97
N GLY B 393 -46.72 13.98 1.20
CA GLY B 393 -46.82 14.07 -0.23
C GLY B 393 -46.46 12.76 -0.89
N LYS B 394 -46.25 12.83 -2.20
CA LYS B 394 -45.93 11.66 -3.01
C LYS B 394 -44.42 11.61 -3.27
N THR B 395 -43.99 10.64 -4.07
CA THR B 395 -42.58 10.49 -4.42
C THR B 395 -42.28 11.27 -5.69
N GLY B 396 -41.08 11.84 -5.74
CA GLY B 396 -40.71 12.71 -6.83
C GLY B 396 -41.15 14.15 -6.67
N SER B 397 -41.76 14.49 -5.53
CA SER B 397 -42.20 15.84 -5.24
C SER B 397 -41.35 16.43 -4.13
N GLY B 398 -41.11 17.74 -4.20
CA GLY B 398 -40.29 18.40 -3.20
C GLY B 398 -40.85 18.23 -1.81
N LYS B 399 -40.21 17.39 -1.01
CA LYS B 399 -40.57 17.20 0.38
C LYS B 399 -39.38 17.38 1.32
N THR B 400 -38.21 16.90 0.94
CA THR B 400 -36.99 17.22 1.68
C THR B 400 -36.51 18.62 1.38
N THR B 401 -36.77 19.12 0.17
CA THR B 401 -36.32 20.46 -0.20
C THR B 401 -36.85 21.53 0.74
N ILE B 402 -37.97 21.27 1.41
CA ILE B 402 -38.54 22.26 2.33
C ILE B 402 -37.59 22.47 3.51
N ILE B 403 -37.34 21.42 4.29
CA ILE B 403 -36.53 21.56 5.48
C ILE B 403 -35.04 21.62 5.18
N LYS B 404 -34.60 21.02 4.07
CA LYS B 404 -33.18 21.07 3.73
C LYS B 404 -32.72 22.51 3.52
N GLN B 405 -33.52 23.31 2.83
CA GLN B 405 -33.17 24.72 2.64
C GLN B 405 -33.12 25.44 3.98
N LEU B 406 -34.05 25.13 4.88
CA LEU B 406 -34.06 25.76 6.20
C LEU B 406 -32.79 25.45 6.99
N LEU B 407 -32.07 24.38 6.65
CA LEU B 407 -30.82 24.04 7.32
C LEU B 407 -29.62 24.75 6.71
N ARG B 408 -29.80 25.45 5.59
CA ARG B 408 -28.74 26.22 4.95
C ARG B 408 -27.55 25.34 4.58
N GLN B 409 -27.81 24.40 3.67
CA GLN B 409 -26.78 23.50 3.17
C GLN B 409 -26.64 23.54 1.65
N TYR B 410 -27.48 24.28 0.94
CA TYR B 410 -27.48 24.33 -0.51
C TYR B 410 -27.81 25.75 -0.95
N PRO B 411 -27.46 26.11 -2.19
CA PRO B 411 -27.67 27.50 -2.64
C PRO B 411 -29.12 27.91 -2.57
N PRO B 412 -29.39 29.16 -2.18
CA PRO B 412 -30.79 29.61 -2.09
C PRO B 412 -31.38 29.94 -3.44
N GLY B 413 -32.69 29.77 -3.54
CA GLY B 413 -33.46 30.05 -4.74
C GLY B 413 -34.18 31.38 -4.65
N GLU B 414 -35.36 31.44 -5.26
CA GLU B 414 -36.17 32.65 -5.26
C GLU B 414 -36.98 32.75 -3.98
N GLY B 415 -37.64 33.90 -3.80
CA GLY B 415 -38.51 34.10 -2.66
C GLY B 415 -37.77 34.53 -1.41
N SER B 416 -38.35 34.19 -0.26
CA SER B 416 -37.78 34.56 1.02
C SER B 416 -38.23 33.57 2.08
N ILE B 417 -37.33 33.27 3.01
CA ILE B 417 -37.64 32.46 4.19
C ILE B 417 -37.28 33.32 5.40
N THR B 418 -38.29 33.97 5.97
CA THR B 418 -38.10 34.91 7.07
C THR B 418 -38.66 34.31 8.35
N PHE B 419 -37.86 34.34 9.41
CA PHE B 419 -38.38 33.93 10.72
C PHE B 419 -39.38 34.96 11.24
N SER B 420 -39.09 36.25 11.06
CA SER B 420 -40.08 37.29 11.33
C SER B 420 -40.44 37.99 10.02
N GLY B 421 -39.57 38.85 9.49
CA GLY B 421 -39.88 39.52 8.23
C GLY B 421 -38.80 39.54 7.17
N VAL B 422 -37.55 39.26 7.53
CA VAL B 422 -36.42 39.51 6.63
C VAL B 422 -35.84 38.28 5.95
N PRO B 423 -35.14 38.43 4.82
CA PRO B 423 -34.59 37.28 4.09
C PRO B 423 -33.85 36.28 4.97
N ILE B 424 -33.68 35.06 4.45
CA ILE B 424 -33.05 33.99 5.21
C ILE B 424 -31.56 34.25 5.40
N GLN B 425 -30.89 34.84 4.41
CA GLN B 425 -29.43 34.90 4.44
C GLN B 425 -28.92 35.61 5.68
N GLN B 426 -29.62 36.65 6.13
CA GLN B 426 -29.15 37.42 7.27
C GLN B 426 -29.14 36.62 8.56
N ILE B 427 -29.88 35.52 8.63
CA ILE B 427 -29.92 34.75 9.88
C ILE B 427 -28.55 34.15 10.15
N PRO B 428 -27.98 34.33 11.35
CA PRO B 428 -26.66 33.75 11.62
C PRO B 428 -26.69 32.22 11.61
N LEU B 429 -25.57 31.64 11.22
CA LEU B 429 -25.49 30.19 11.11
C LEU B 429 -25.45 29.53 12.49
N ASP B 430 -24.64 30.06 13.41
CA ASP B 430 -24.48 29.43 14.71
C ASP B 430 -25.80 29.33 15.45
N ARG B 431 -26.52 30.46 15.56
CA ARG B 431 -27.81 30.44 16.26
C ARG B 431 -28.81 29.56 15.53
N LEU B 432 -28.84 29.63 14.20
CA LEU B 432 -29.81 28.84 13.45
C LEU B 432 -29.64 27.36 13.72
N ARG B 433 -28.43 26.85 13.49
CA ARG B 433 -28.13 25.40 13.67
C ARG B 433 -28.38 25.04 15.15
N GLY B 434 -28.14 25.94 16.10
CA GLY B 434 -28.43 25.66 17.50
C GLY B 434 -29.92 25.54 17.75
N TRP B 435 -30.73 26.32 17.05
CA TRP B 435 -32.18 26.23 17.20
C TRP B 435 -32.72 24.91 16.64
N ILE B 436 -32.23 24.48 15.48
CA ILE B 436 -32.80 23.32 14.81
C ILE B 436 -32.44 22.06 15.57
N GLY B 437 -33.43 21.21 15.82
CA GLY B 437 -33.19 19.85 16.27
C GLY B 437 -33.65 18.88 15.20
N TYR B 438 -32.70 18.30 14.47
CA TYR B 438 -33.01 17.58 13.24
C TYR B 438 -32.75 16.09 13.41
N VAL B 439 -33.61 15.28 12.81
CA VAL B 439 -33.44 13.83 12.71
C VAL B 439 -33.54 13.47 11.24
N PRO B 440 -32.49 12.93 10.62
CA PRO B 440 -32.52 12.72 9.17
C PRO B 440 -33.08 11.36 8.78
N GLN B 441 -33.73 11.35 7.61
CA GLN B 441 -34.26 10.09 7.07
C GLN B 441 -33.14 9.10 6.80
N ASP B 442 -32.03 9.57 6.22
CA ASP B 442 -30.83 8.75 6.04
C ASP B 442 -29.95 8.93 7.27
N HIS B 443 -30.31 8.22 8.34
CA HIS B 443 -29.70 8.45 9.64
C HIS B 443 -28.21 8.09 9.61
N LEU B 444 -27.44 8.82 10.41
CA LEU B 444 -25.99 8.62 10.53
C LEU B 444 -25.56 8.82 11.98
N LEU B 445 -24.67 7.96 12.44
CA LEU B 445 -24.10 8.05 13.78
C LEU B 445 -22.58 8.05 13.69
N PHE B 446 -21.94 8.91 14.48
CA PHE B 446 -20.48 9.02 14.48
C PHE B 446 -19.84 8.36 15.69
N SER B 447 -20.24 8.78 16.89
CA SER B 447 -19.59 8.31 18.11
C SER B 447 -19.73 6.79 18.23
N ARG B 448 -18.65 6.14 18.68
CA ARG B 448 -18.65 4.69 18.75
C ARG B 448 -19.46 4.06 19.87
N THR B 449 -20.05 4.87 20.73
CA THR B 449 -20.80 4.38 21.88
C THR B 449 -22.05 5.26 21.86
N VAL B 450 -23.18 4.63 22.21
CA VAL B 450 -24.45 5.34 22.20
C VAL B 450 -24.44 6.48 23.21
N LYS B 451 -23.74 6.30 24.33
CA LYS B 451 -23.63 7.36 25.31
C LYS B 451 -23.06 8.64 24.70
N GLU B 452 -22.00 8.50 23.90
CA GLU B 452 -21.41 9.67 23.26
C GLU B 452 -22.26 10.15 22.10
N ASN B 453 -23.11 9.28 21.54
CA ASN B 453 -24.02 9.71 20.49
C ASN B 453 -25.17 10.53 21.05
N ILE B 454 -25.50 10.32 22.32
CA ILE B 454 -26.54 11.11 22.97
C ILE B 454 -25.95 12.36 23.61
N LEU B 455 -24.73 12.26 24.14
CA LEU B 455 -24.00 13.43 24.63
C LEU B 455 -23.57 14.36 23.50
N TYR B 456 -23.80 13.95 22.26
CA TYR B 456 -23.41 14.72 21.04
C TYR B 456 -24.31 15.95 20.90
N ALA B 473 -37.55 9.62 24.85
CA ALA B 473 -37.49 9.03 23.51
C ALA B 473 -37.84 7.54 23.53
N HIS B 474 -38.31 7.03 24.66
CA HIS B 474 -38.69 5.62 24.81
C HIS B 474 -37.49 4.68 24.71
N PHE B 475 -36.28 5.22 24.80
CA PHE B 475 -35.08 4.39 24.80
C PHE B 475 -34.70 3.90 26.19
N GLU B 476 -35.40 4.35 27.23
CA GLU B 476 -35.20 3.76 28.55
C GLU B 476 -35.53 2.28 28.55
N LYS B 477 -36.42 1.85 27.66
CA LYS B 477 -36.72 0.43 27.52
C LYS B 477 -35.70 -0.25 26.61
N ASP B 478 -35.27 0.44 25.54
CA ASP B 478 -34.24 -0.12 24.68
C ASP B 478 -32.94 -0.37 25.44
N LEU B 479 -32.71 0.41 26.51
CA LEU B 479 -31.58 0.12 27.38
C LEU B 479 -31.71 -1.26 27.99
N HIS B 480 -32.92 -1.61 28.42
CA HIS B 480 -33.21 -2.95 28.95
C HIS B 480 -33.63 -3.89 27.82
N MET B 481 -32.80 -3.98 26.78
CA MET B 481 -33.05 -4.81 25.63
C MET B 481 -31.71 -5.30 25.11
N LEU B 482 -31.69 -5.77 23.86
CA LEU B 482 -30.49 -6.38 23.28
C LEU B 482 -29.23 -5.53 23.46
N PRO B 483 -29.22 -4.23 23.15
CA PRO B 483 -28.01 -3.44 23.35
C PRO B 483 -27.77 -3.06 24.80
N GLU B 487 -22.88 1.66 27.26
CA GLU B 487 -23.82 1.95 26.17
C GLU B 487 -23.39 1.24 24.88
N THR B 488 -22.73 0.10 25.01
CA THR B 488 -22.42 -0.80 23.89
C THR B 488 -21.67 0.00 22.82
N MET B 489 -22.04 -0.10 21.56
CA MET B 489 -21.29 0.52 20.47
C MET B 489 -22.22 0.73 19.29
N VAL B 490 -21.84 1.66 18.41
CA VAL B 490 -22.56 1.95 17.18
C VAL B 490 -21.57 1.87 16.02
N GLY B 491 -21.93 1.12 14.99
CA GLY B 491 -21.08 0.96 13.83
C GLY B 491 -19.85 0.13 14.13
N SER B 498 -30.03 -2.39 14.85
CA SER B 498 -31.44 -2.25 14.51
C SER B 498 -31.74 -0.85 14.00
N GLY B 499 -32.32 -0.78 12.80
CA GLY B 499 -32.59 0.51 12.18
C GLY B 499 -33.54 1.36 13.02
N GLY B 500 -34.62 0.76 13.51
CA GLY B 500 -35.56 1.51 14.34
C GLY B 500 -34.92 2.01 15.62
N GLN B 501 -34.10 1.17 16.26
CA GLN B 501 -33.44 1.59 17.49
C GLN B 501 -32.49 2.76 17.22
N LYS B 502 -31.75 2.72 16.11
CA LYS B 502 -30.87 3.83 15.79
C LYS B 502 -31.65 5.09 15.43
N GLN B 503 -32.80 4.94 14.79
CA GLN B 503 -33.66 6.10 14.57
C GLN B 503 -34.14 6.68 15.90
N ARG B 504 -34.45 5.82 16.87
CA ARG B 504 -34.81 6.30 18.20
C ARG B 504 -33.64 7.04 18.84
N ILE B 505 -32.42 6.54 18.66
CA ILE B 505 -31.24 7.23 19.17
C ILE B 505 -31.11 8.60 18.53
N SER B 506 -31.34 8.69 17.22
CA SER B 506 -31.30 9.98 16.55
C SER B 506 -32.36 10.92 17.10
N ILE B 507 -33.56 10.39 17.36
CA ILE B 507 -34.64 11.22 17.89
C ILE B 507 -34.25 11.76 19.27
N ALA B 508 -33.71 10.89 20.13
CA ALA B 508 -33.29 11.32 21.45
C ALA B 508 -32.18 12.36 21.36
N ARG B 509 -31.21 12.14 20.47
CA ARG B 509 -30.11 13.08 20.32
C ARG B 509 -30.60 14.44 19.87
N ALA B 510 -31.52 14.48 18.89
CA ALA B 510 -32.05 15.75 18.43
C ALA B 510 -32.86 16.43 19.53
N LEU B 511 -33.63 15.66 20.30
CA LEU B 511 -34.43 16.25 21.37
C LEU B 511 -33.56 16.78 22.49
N MET B 512 -32.40 16.16 22.74
CA MET B 512 -31.55 16.61 23.84
C MET B 512 -31.10 18.05 23.66
N ALA B 513 -31.13 18.57 22.43
CA ALA B 513 -30.85 19.98 22.21
C ALA B 513 -31.87 20.88 22.87
N ASN B 514 -33.03 20.34 23.25
CA ASN B 514 -34.15 21.14 23.73
C ASN B 514 -34.38 22.31 22.78
N PRO B 515 -34.60 22.04 21.50
CA PRO B 515 -34.58 23.10 20.49
C PRO B 515 -35.92 23.81 20.40
N GLU B 516 -36.02 24.73 19.44
CA GLU B 516 -37.24 25.45 19.15
C GLU B 516 -37.84 25.10 17.80
N ILE B 517 -37.03 24.57 16.88
CA ILE B 517 -37.50 24.15 15.55
C ILE B 517 -37.01 22.72 15.35
N LEU B 518 -37.83 21.74 15.71
CA LEU B 518 -37.47 20.34 15.60
C LEU B 518 -38.02 19.78 14.29
N ILE B 519 -37.13 19.31 13.43
CA ILE B 519 -37.50 18.76 12.13
C ILE B 519 -37.33 17.25 12.18
N LEU B 520 -38.40 16.52 11.88
CA LEU B 520 -38.38 15.07 11.78
C LEU B 520 -38.67 14.69 10.34
N ASP B 521 -37.74 13.99 9.71
CA ASP B 521 -37.80 13.64 8.29
C ASP B 521 -37.88 12.13 8.16
N GLN B 522 -39.09 11.60 8.05
CA GLN B 522 -39.33 10.17 7.92
C GLN B 522 -38.60 9.40 9.02
N SER B 523 -38.63 9.94 10.23
CA SER B 523 -37.97 9.35 11.38
C SER B 523 -38.83 8.32 12.09
N LEU B 524 -40.04 8.07 11.62
CA LEU B 524 -40.95 7.11 12.24
C LEU B 524 -41.38 6.01 11.29
N SER B 525 -40.74 5.90 10.12
CA SER B 525 -41.09 4.87 9.15
C SER B 525 -40.62 3.49 9.59
N ALA B 526 -39.62 3.41 10.48
CA ALA B 526 -39.08 2.13 10.90
C ALA B 526 -39.87 1.52 12.05
N VAL B 527 -40.34 2.35 12.98
CA VAL B 527 -41.08 1.86 14.15
C VAL B 527 -42.53 1.62 13.77
N ASP B 528 -43.26 0.94 14.65
CA ASP B 528 -44.65 0.60 14.36
C ASP B 528 -45.54 1.84 14.48
N ALA B 529 -46.78 1.68 14.00
CA ALA B 529 -47.74 2.80 14.05
C ALA B 529 -48.05 3.19 15.50
N LYS B 530 -48.23 2.20 16.38
CA LYS B 530 -48.43 2.52 17.78
C LYS B 530 -47.21 3.22 18.37
N THR B 531 -46.02 2.75 18.04
CA THR B 531 -44.80 3.36 18.57
C THR B 531 -44.67 4.80 18.11
N GLU B 532 -44.90 5.07 16.82
CA GLU B 532 -44.76 6.42 16.32
C GLU B 532 -45.86 7.33 16.85
N ALA B 533 -47.08 6.80 17.01
CA ALA B 533 -48.14 7.59 17.61
C ALA B 533 -47.78 7.98 19.04
N ALA B 534 -47.25 7.03 19.82
CA ALA B 534 -46.84 7.34 21.18
C ALA B 534 -45.71 8.36 21.17
N ILE B 535 -44.75 8.22 20.25
CA ILE B 535 -43.63 9.16 20.20
C ILE B 535 -44.13 10.57 19.91
N ILE B 536 -45.00 10.71 18.91
CA ILE B 536 -45.47 12.04 18.54
C ILE B 536 -46.31 12.64 19.66
N LYS B 537 -47.15 11.82 20.31
CA LYS B 537 -47.93 12.33 21.42
C LYS B 537 -47.04 12.81 22.56
N ASN B 538 -46.02 12.02 22.90
CA ASN B 538 -45.12 12.37 23.99
C ASN B 538 -44.35 13.65 23.67
N ILE B 539 -43.84 13.78 22.45
CA ILE B 539 -43.06 14.96 22.10
C ILE B 539 -43.96 16.19 22.05
N ARG B 540 -45.18 16.04 21.52
CA ARG B 540 -46.11 17.17 21.49
C ARG B 540 -46.46 17.63 22.89
N GLU B 541 -46.69 16.68 23.81
CA GLU B 541 -47.04 17.05 25.18
C GLU B 541 -45.86 17.72 25.88
N ASN B 542 -44.66 17.13 25.76
CA ASN B 542 -43.47 17.76 26.33
C ASN B 542 -43.19 19.10 25.65
N ARG B 543 -43.14 19.10 24.32
CA ARG B 543 -42.89 20.31 23.54
C ARG B 543 -44.19 20.98 23.13
N LYS B 544 -45.06 21.25 24.12
CA LYS B 544 -46.35 21.86 23.83
C LYS B 544 -46.18 23.28 23.28
N GLY B 545 -45.28 24.06 23.89
CA GLY B 545 -45.08 25.43 23.47
C GLY B 545 -43.95 25.58 22.48
N LYS B 546 -43.63 24.50 21.76
CA LYS B 546 -42.51 24.49 20.83
C LYS B 546 -42.97 23.99 19.47
N THR B 547 -42.26 24.39 18.42
CA THR B 547 -42.62 24.08 17.05
C THR B 547 -42.02 22.75 16.62
N THR B 548 -42.72 22.06 15.72
CA THR B 548 -42.24 20.80 15.16
C THR B 548 -42.62 20.75 13.69
N PHE B 549 -41.84 20.02 12.88
CA PHE B 549 -42.05 19.93 11.40
C PHE B 549 -42.04 18.45 11.02
N ILE B 550 -42.97 17.65 11.57
CA ILE B 550 -43.04 16.24 11.26
C ILE B 550 -43.13 16.03 9.75
N LEU B 551 -42.45 14.98 9.27
CA LEU B 551 -42.46 14.65 7.85
C LEU B 551 -42.33 13.13 7.83
N THR B 552 -43.24 12.46 7.14
CA THR B 552 -43.20 11.00 7.04
C THR B 552 -44.16 10.58 5.93
N HIS B 553 -43.89 9.40 5.37
CA HIS B 553 -44.74 8.89 4.30
C HIS B 553 -46.12 8.55 4.81
N ARG B 554 -46.21 8.02 6.04
CA ARG B 554 -47.50 7.70 6.63
C ARG B 554 -48.33 8.97 6.80
N LEU B 555 -49.51 9.00 6.19
CA LEU B 555 -50.40 10.16 6.27
C LEU B 555 -51.31 10.04 7.49
N SER B 556 -50.72 9.83 8.65
CA SER B 556 -51.50 9.70 9.89
C SER B 556 -51.02 10.64 10.99
N ALA B 557 -49.71 10.85 11.11
CA ALA B 557 -49.14 11.71 12.14
C ALA B 557 -48.72 13.07 11.58
N VAL B 558 -49.01 13.36 10.32
CA VAL B 558 -48.60 14.59 9.66
C VAL B 558 -49.78 15.38 9.14
N GLU B 559 -50.99 15.11 9.63
CA GLU B 559 -52.18 15.83 9.18
C GLU B 559 -52.88 16.56 10.31
N HIS B 560 -53.20 15.87 11.40
CA HIS B 560 -54.10 16.42 12.41
C HIS B 560 -53.39 17.27 13.46
N ALA B 561 -52.06 17.31 13.45
CA ALA B 561 -51.35 18.07 14.47
C ALA B 561 -51.69 19.54 14.38
N ASP B 562 -51.28 20.20 13.31
CA ASP B 562 -51.67 21.59 13.06
C ASP B 562 -52.15 21.82 11.63
N LEU B 563 -51.54 21.16 10.65
CA LEU B 563 -51.78 21.45 9.24
C LEU B 563 -51.01 20.43 8.42
N ILE B 564 -51.41 20.27 7.16
CA ILE B 564 -50.72 19.39 6.22
C ILE B 564 -50.49 20.16 4.92
N LEU B 565 -49.23 20.24 4.50
CA LEU B 565 -48.86 20.86 3.23
C LEU B 565 -48.56 19.75 2.23
N VAL B 566 -49.62 19.18 1.67
CA VAL B 566 -49.45 18.10 0.70
C VAL B 566 -48.74 18.64 -0.53
N MET B 567 -47.70 17.93 -0.97
CA MET B 567 -46.88 18.34 -2.10
C MET B 567 -47.07 17.32 -3.22
N ASP B 568 -47.43 17.82 -4.41
CA ASP B 568 -47.64 16.98 -5.59
C ASP B 568 -46.90 17.59 -6.76
N GLY B 569 -46.14 16.77 -7.47
CA GLY B 569 -45.37 17.27 -8.59
C GLY B 569 -44.39 18.33 -8.13
N GLY B 570 -44.38 19.47 -8.84
CA GLY B 570 -43.52 20.58 -8.52
C GLY B 570 -44.20 21.71 -7.76
N VAL B 571 -45.47 21.57 -7.40
CA VAL B 571 -46.22 22.59 -6.68
C VAL B 571 -46.97 21.92 -5.54
N ILE B 572 -47.74 22.73 -4.81
CA ILE B 572 -48.50 22.24 -3.67
C ILE B 572 -49.86 21.75 -4.15
N ALA B 573 -50.31 20.62 -3.61
CA ALA B 573 -51.66 20.16 -3.87
C ALA B 573 -52.68 21.04 -3.15
N GLU B 574 -52.42 21.34 -1.88
CA GLU B 574 -53.28 22.21 -1.07
C GLU B 574 -52.57 22.48 0.25
N ARG B 575 -53.10 23.43 1.00
CA ARG B 575 -52.57 23.83 2.30
C ARG B 575 -53.61 23.65 3.39
N GLY B 576 -54.37 22.56 3.32
CA GLY B 576 -55.42 22.29 4.28
C GLY B 576 -54.91 21.58 5.52
N THR B 577 -55.86 21.13 6.33
CA THR B 577 -55.58 20.38 7.54
C THR B 577 -56.16 18.96 7.41
N HIS B 578 -56.08 18.19 8.49
CA HIS B 578 -56.56 16.81 8.45
C HIS B 578 -58.04 16.76 8.06
N GLN B 579 -58.87 17.58 8.69
CA GLN B 579 -60.29 17.53 8.41
C GLN B 579 -60.58 17.89 6.96
N GLU B 580 -59.91 18.93 6.44
CA GLU B 580 -60.06 19.27 5.04
C GLU B 580 -59.44 18.19 4.15
N LEU B 581 -58.37 17.55 4.61
CA LEU B 581 -57.74 16.49 3.82
C LEU B 581 -58.72 15.34 3.55
N LEU B 582 -59.66 15.11 4.46
CA LEU B 582 -60.66 14.07 4.23
C LEU B 582 -61.51 14.38 3.00
N ALA B 583 -61.92 15.63 2.85
CA ALA B 583 -62.73 16.06 1.71
C ALA B 583 -61.80 16.72 0.70
N ASN B 584 -61.21 15.89 -0.16
CA ASN B 584 -60.29 16.37 -1.19
C ASN B 584 -60.15 15.27 -2.23
N ASN B 585 -59.19 15.45 -3.15
CA ASN B 585 -58.98 14.47 -4.20
C ASN B 585 -58.60 13.12 -3.62
N GLY B 586 -59.07 12.05 -4.27
CA GLY B 586 -58.75 10.71 -3.83
C GLY B 586 -57.26 10.47 -3.79
N TRP B 587 -56.75 10.14 -2.61
CA TRP B 587 -55.31 9.99 -2.40
C TRP B 587 -55.11 8.97 -1.28
N TYR B 588 -53.90 8.96 -0.71
CA TYR B 588 -53.56 8.05 0.38
C TYR B 588 -54.25 8.53 1.65
N ARG B 589 -55.55 8.24 1.75
CA ARG B 589 -56.35 8.65 2.94
C ARG B 589 -56.28 7.49 3.94
N GLU B 590 -57.12 7.49 4.97
CA GLU B 590 -57.16 6.45 5.99
C GLU B 590 -57.64 5.11 5.44
N GLN B 591 -57.98 5.02 4.15
CA GLN B 591 -58.41 3.76 3.57
C GLN B 591 -57.29 2.72 3.62
N TYR B 592 -56.06 3.13 3.32
CA TYR B 592 -54.95 2.20 3.19
C TYR B 592 -54.35 1.79 4.54
N GLU B 593 -54.88 2.34 5.64
CA GLU B 593 -54.41 2.01 7.01
C GLU B 593 -55.60 1.55 7.85
N ARG B 594 -55.77 0.23 8.02
CA ARG B 594 -56.89 -0.35 8.82
C ARG B 594 -57.72 0.78 9.45
P POV C . 46.90 -14.95 -4.70
C1 POV C . 48.93 -16.51 -5.29
C2 POV C . 49.74 -15.46 -6.05
C3 POV C . 49.30 -15.40 -7.51
C210 POV C . 42.86 -22.41 2.64
C310 POV C . 44.84 -12.90 -8.66
O11 POV C . 48.19 -15.88 -4.27
C211 POV C . 42.68 -21.58 1.38
C311 POV C . 44.15 -12.15 -7.52
O12 POV C . 46.07 -14.45 -3.36
C212 POV C . 41.24 -21.09 1.26
C312 POV C . 43.86 -13.08 -6.34
O13 POV C . 47.30 -13.81 -5.52
C213 POV C . 40.96 -20.69 -0.19
C313 POV C . 42.76 -14.09 -6.67
O14 POV C . 46.01 -15.65 -5.62
C214 POV C . 39.52 -20.18 -0.32
C314 POV C . 42.59 -15.10 -5.54
C215 POV C . 39.12 -20.16 -1.79
C315 POV C . 42.25 -14.45 -4.20
C216 POV C . 40.07 -19.28 -2.58
C316 POV C . 40.98 -13.60 -4.29
C21 POV C . 51.96 -14.69 -5.92
O21 POV C . 51.10 -15.80 -6.00
O22 POV C . 52.60 -14.50 -4.93
C23 POV C . 47.51 -25.45 4.97
C24 POV C . 48.55 -24.38 4.64
C25 POV C . 48.47 -24.02 3.15
C26 POV C . 47.60 -22.77 2.95
C27 POV C . 46.18 -22.99 3.46
C28 POV C . 45.32 -21.80 3.02
C29 POV C . 43.93 -21.90 3.62
C31 POV C . 49.99 -14.67 -9.66
O31 POV C . 50.32 -14.83 -8.29
C32 POV C . 51.09 -14.40 -10.68
O32 POV C . 48.86 -14.75 -10.01
C33 POV C . 50.48 -14.31 -12.10
C34 POV C . 49.61 -13.04 -12.20
C35 POV C . 48.26 -13.42 -12.82
C36 POV C . 47.36 -12.16 -12.97
C37 POV C . 46.94 -11.57 -11.63
C38 POV C . 46.16 -12.60 -10.77
C39 POV C . 45.49 -11.87 -9.61
H29 POV C . 43.71 -21.63 4.65
H1 POV C . 48.27 -17.03 -5.97
H1A POV C . 49.60 -17.25 -4.86
H2 POV C . 49.60 -14.48 -5.59
H3 POV C . 49.06 -16.39 -7.87
H3A POV C . 48.38 -14.81 -7.60
H310 POV C . 45.60 -13.57 -8.26
H31A POV C . 44.12 -13.51 -9.19
H210 POV C . 42.27 -23.30 2.84
H211 POV C . 43.36 -20.73 1.40
H21A POV C . 42.95 -22.17 0.51
H311 POV C . 44.78 -11.32 -7.19
H31B POV C . 43.22 -11.71 -7.88
H212 POV C . 40.56 -21.88 1.57
H21B POV C . 41.07 -20.25 1.93
H32 POV C . 51.61 -13.48 -10.45
H312 POV C . 44.77 -13.61 -6.07
H32A POV C . 51.83 -15.20 -10.66
H31C POV C . 43.57 -12.49 -5.47
H213 POV C . 41.65 -19.92 -0.50
H21C POV C . 41.12 -21.55 -0.85
H33 POV C . 51.27 -14.29 -12.85
H313 POV C . 41.82 -13.56 -6.85
H33A POV C . 49.88 -15.19 -12.29
H31D POV C . 43.01 -14.61 -7.60
H24 POV C . 48.39 -23.49 5.25
H214 POV C . 38.85 -20.83 0.25
H24A POV C . 49.56 -24.74 4.87
H21D POV C . 39.44 -19.19 0.12
H34 POV C . 49.47 -12.60 -11.22
H314 POV C . 41.78 -15.80 -5.81
H34A POV C . 50.12 -12.30 -12.81
H31E POV C . 43.49 -15.69 -5.44
H25 POV C . 49.46 -23.85 2.74
H215 POV C . 39.13 -21.17 -2.19
H25A POV C . 48.03 -24.86 2.60
H21E POV C . 38.09 -19.80 -1.88
H35 POV C . 48.41 -13.87 -13.80
H315 POV C . 42.13 -15.22 -3.43
H35A POV C . 47.76 -14.15 -12.19
H31F POV C . 43.09 -13.82 -3.88
H26 POV C . 48.05 -21.92 3.47
H26A POV C . 47.58 -22.52 1.89
H36 POV C . 47.89 -11.41 -13.56
H316 POV C . 40.79 -13.16 -3.32
H36A POV C . 46.47 -12.44 -13.54
H31G POV C . 41.13 -12.83 -5.03
H31H POV C . 40.15 -14.25 -4.59
H27 POV C . 45.77 -23.91 3.06
H27A POV C . 46.17 -23.07 4.54
H37 POV C . 47.83 -11.24 -11.08
H37A POV C . 46.33 -10.69 -11.79
H28 POV C . 45.79 -20.87 3.33
H28A POV C . 45.26 -21.78 1.93
H38 POV C . 45.42 -13.10 -11.39
H38A POV C . 46.84 -13.37 -10.41
H39 POV C . 44.74 -11.18 -9.98
H39A POV C . 46.23 -11.28 -9.07
N POV D . 46.55 -9.85 20.44
P POV D . 45.72 -14.40 19.93
C1 POV D . 44.91 -16.82 20.66
C2 POV D . 43.72 -16.38 21.50
C3 POV D . 43.95 -16.53 22.99
C210 POV D . 38.21 -18.36 12.35
C310 POV D . 39.26 -18.29 6.17
C11 POV D . 45.18 -11.99 20.88
O11 POV D . 45.94 -15.80 20.69
C211 POV D . 37.77 -17.24 11.46
C311 POV D . 37.80 -17.99 6.00
C12 POV D . 46.47 -11.37 20.40
O12 POV D . 45.39 -13.40 21.15
C212 POV D . 36.28 -17.14 11.32
C312 POV D . 37.33 -16.75 6.71
C13 POV D . 45.40 -9.25 19.71
O13 POV D . 44.50 -14.49 19.07
C313 POV D . 35.86 -16.51 6.67
C14 POV D . 46.54 -9.37 21.85
O14 POV D . 47.05 -14.05 19.32
C314 POV D . 35.38 -15.58 7.74
C15 POV D . 47.81 -9.42 19.79
C315 POV D . 33.99 -15.08 7.53
C316 POV D . 32.95 -16.15 7.45
C21 POV D . 41.67 -16.59 20.32
O21 POV D . 42.58 -17.18 21.11
C22 POV D . 41.89 -16.85 18.85
O22 POV D . 40.79 -15.92 20.76
C23 POV D . 41.81 -18.29 18.47
C24 POV D . 41.87 -18.50 16.98
C25 POV D . 41.56 -19.91 16.55
C26 POV D . 41.80 -20.19 15.09
C27 POV D . 41.07 -19.26 14.13
C28 POV D . 39.57 -19.33 14.20
C29 POV D . 38.92 -18.22 13.44
C31 POV D . 43.02 -14.51 23.76
O31 POV D . 42.90 -15.83 23.69
O32 POV D . 42.36 -13.76 23.09
C33 POV D . 44.91 -19.25 11.70
C34 POV D . 43.53 -18.65 11.85
C35 POV D . 43.24 -17.50 10.93
C36 POV D . 42.93 -17.89 9.52
C37 POV D . 41.51 -18.32 9.30
C38 POV D . 41.14 -18.48 7.85
C39 POV D . 39.66 -18.59 7.60
H29 POV D . 39.05 -17.21 13.82
H1 POV D . 45.29 -17.76 21.04
H1A POV D . 44.58 -16.99 19.64
H2 POV D . 43.56 -15.32 21.32
H3 POV D . 43.94 -17.59 23.27
H3A POV D . 44.92 -16.14 23.26
H310 POV D . 39.52 -19.14 5.54
H31A POV D . 39.84 -17.45 5.81
H210 POV D . 37.91 -19.36 12.07
H11 POV D . 44.84 -11.49 21.78
H11A POV D . 44.40 -11.87 20.13
H211 POV D . 38.15 -16.30 11.86
H21A POV D . 38.22 -17.37 10.48
H311 POV D . 37.58 -17.88 4.93
H31B POV D . 37.21 -18.85 6.35
H12 POV D . 46.63 -11.68 19.37
H12A POV D . 47.29 -11.77 21.00
H22 POV D . 41.16 -16.29 18.27
H22A POV D . 42.88 -16.47 18.57
H312 POV D . 37.65 -16.81 7.76
H31C POV D . 37.84 -15.88 6.28
H13 POV D . 45.49 -8.16 19.76
H13A POV D . 45.43 -9.58 18.68
H13B POV D . 44.48 -9.56 20.18
H23 POV D . 42.62 -18.83 18.95
H23A POV D . 40.88 -18.70 18.86
H313 POV D . 35.58 -16.10 5.70
H31D POV D . 35.34 -17.46 6.78
H14 POV D . 46.61 -8.29 21.85
H14A POV D . 45.62 -9.70 22.32
H14B POV D . 47.39 -9.80 22.37
H24 POV D . 41.16 -17.83 16.50
H24A POV D . 42.87 -18.24 16.62
H34 POV D . 42.80 -19.43 11.67
H314 POV D . 35.42 -16.09 8.69
H34A POV D . 43.41 -18.33 12.88
H31E POV D . 36.05 -14.73 7.79
H15 POV D . 47.87 -8.33 19.81
H15A POV D . 48.64 -9.85 20.33
H15B POV D . 47.81 -9.76 18.76
H25 POV D . 42.18 -20.60 17.13
H25A POV D . 40.52 -20.13 16.77
H35 POV D . 42.40 -16.93 11.33
H315 POV D . 33.74 -14.40 8.35
H35A POV D . 44.11 -16.83 10.94
H31F POV D . 33.96 -14.48 6.61
H26 POV D . 42.87 -20.11 14.88
H26A POV D . 41.50 -21.21 14.87
H36 POV D . 43.15 -17.05 8.86
H316 POV D . 31.97 -15.68 7.31
H36A POV D . 43.60 -18.70 9.23
H31G POV D . 33.18 -16.80 6.61
H31H POV D . 32.95 -16.72 8.38
H27 POV D . 41.37 -18.23 14.34
H27A POV D . 41.37 -19.49 13.11
H37 POV D . 41.34 -19.26 9.81
H37A POV D . 40.85 -17.59 9.75
H28 POV D . 39.23 -20.29 13.82
H28A POV D . 39.26 -19.27 15.25
H38 POV D . 41.53 -17.64 7.29
H38A POV D . 41.63 -19.37 7.46
H39 POV D . 39.14 -17.92 8.27
H39A POV D . 39.33 -19.60 7.84
C210 POV E . 49.12 -13.81 -20.23
C310 POV E . 39.66 -10.59 -20.81
C211 POV E . 49.52 -13.89 -21.71
C311 POV E . 39.90 -11.91 -20.07
C212 POV E . 50.08 -12.54 -22.16
C312 POV E . 39.85 -11.71 -18.55
C213 POV E . 50.23 -12.54 -23.67
C313 POV E . 39.21 -12.91 -17.86
C214 POV E . 50.61 -11.13 -24.13
C314 POV E . 37.68 -12.81 -17.97
C215 POV E . 49.91 -10.81 -25.47
C315 POV E . 37.01 -13.85 -17.08
C216 POV E . 48.41 -10.67 -25.24
C316 POV E . 37.22 -15.25 -17.66
C22 POV E . 41.49 -15.68 -17.95
C23 POV E . 42.95 -15.21 -17.97
C24 POV E . 43.47 -15.15 -16.53
C25 POV E . 44.98 -14.84 -16.52
C26 POV E . 45.26 -13.45 -17.07
C27 POV E . 45.76 -13.51 -18.52
C28 POV E . 47.20 -14.01 -18.56
C29 POV E . 47.65 -14.14 -20.01
C35 POV E . 44.79 -10.79 -21.73
C36 POV E . 44.49 -10.08 -20.40
C37 POV E . 43.05 -10.36 -19.96
C38 POV E . 42.09 -9.89 -21.07
C39 POV E . 40.72 -9.52 -20.48
H29 POV E . 46.97 -14.44 -20.82
H310 POV E . 39.65 -10.78 -21.89
H31A POV E . 38.67 -10.21 -20.54
H210 POV E . 49.81 -13.54 -19.44
H211 POV E . 50.25 -14.67 -21.86
H21A POV E . 48.65 -14.15 -22.31
H311 POV E . 39.16 -12.65 -20.36
H31B POV E . 40.88 -12.32 -20.35
H212 POV E . 49.42 -11.74 -21.84
H21B POV E . 51.04 -12.37 -21.67
H312 POV E . 40.86 -11.56 -18.16
H31C POV E . 39.29 -10.80 -18.32
H23 POV E . 43.56 -15.89 -18.55
H213 POV E . 51.00 -13.25 -23.98
H23A POV E . 43.02 -14.23 -18.44
H21C POV E . 49.31 -12.86 -24.15
H313 POV E . 39.55 -13.83 -18.33
H31D POV E . 39.51 -12.95 -16.82
H24 POV E . 42.94 -14.37 -15.98
H214 POV E . 50.32 -10.40 -23.38
H24A POV E . 43.27 -16.09 -16.02
H21D POV E . 51.69 -11.06 -24.26
H314 POV E . 37.36 -11.81 -17.67
H31E POV E . 37.37 -12.95 -19.00
H25 POV E . 45.37 -14.92 -15.50
H215 POV E . 50.32 -9.89 -25.88
H25A POV E . 45.50 -15.59 -17.11
H21E POV E . 50.11 -11.60 -26.19
H315 POV E . 37.42 -13.80 -16.07
H31F POV E . 35.95 -13.64 -17.00
H26 POV E . 44.36 -12.84 -17.03
H26A POV E . 46.01 -12.95 -16.45
H36 POV E . 45.19 -10.43 -19.63
H316 POV E . 36.73 -15.98 -17.01
H36A POV E . 44.66 -9.01 -20.50
H31G POV E . 36.78 -15.29 -18.65
H31H POV E . 38.28 -15.45 -17.71
H27 POV E . 45.12 -14.19 -19.10
H27A POV E . 45.69 -12.53 -18.98
H37 POV E . 42.91 -11.42 -19.77
H37A POV E . 42.84 -9.83 -19.03
H28 POV E . 47.86 -13.30 -18.04
H28A POV E . 47.29 -14.97 -18.06
H38 POV E . 42.51 -9.04 -21.58
H38A POV E . 41.98 -10.68 -21.81
H39 POV E . 40.40 -8.56 -20.89
H39A POV E . 40.80 -9.41 -19.40
N POV F . 19.16 -27.96 -0.92
P POV F . 16.14 -31.85 0.40
C1 POV F . 17.17 -33.46 -1.40
C2 POV F . 18.41 -34.31 -1.71
C3 POV F . 19.63 -33.39 -1.81
C210 POV F . 20.48 -28.46 -9.51
C310 POV F . 22.70 -30.80 2.29
C11 POV F . 17.73 -29.85 -0.16
O11 POV F . 17.28 -32.94 -0.10
C211 POV F . 21.31 -29.73 -9.71
C311 POV F . 22.95 -30.85 0.77
C12 POV F . 17.83 -28.56 -0.99
O12 POV F . 16.44 -30.38 -0.30
C212 POV F . 22.63 -29.63 -8.94
C312 POV F . 23.79 -29.65 0.28
C13 POV F . 20.17 -28.88 -1.42
O13 POV F . 14.79 -32.33 0.11
C213 POV F . 23.56 -28.63 -9.62
C313 POV F . 23.10 -28.33 0.62
C14 POV F . 19.17 -26.78 -1.79
O14 POV F . 16.09 -31.75 1.86
C214 POV F . 24.96 -28.76 -9.02
C314 POV F . 23.59 -27.22 -0.31
C15 POV F . 19.45 -27.56 0.45
C215 POV F . 25.85 -27.60 -9.46
C315 POV F . 23.18 -25.86 0.25
C216 POV F . 26.10 -27.66 -10.96
C316 POV F . 23.44 -24.76 -0.77
C217 POV F . 27.16 -26.62 -11.33
C218 POV F . 27.41 -26.64 -12.84
C21 POV F . 17.15 -35.77 -3.12
O21 POV F . 18.29 -34.98 -2.93
C22 POV F . 15.97 -35.23 -3.96
O22 POV F . 17.10 -36.86 -2.66
C23 POV F . 16.46 -34.73 -5.33
C24 POV F . 17.18 -33.38 -5.17
C25 POV F . 17.47 -32.78 -6.54
C26 POV F . 18.30 -31.50 -6.34
C27 POV F . 18.41 -30.76 -7.68
C28 POV F . 19.24 -29.49 -7.47
C29 POV F . 19.17 -28.63 -8.73
C31 POV F . 21.09 -34.86 -0.63
O31 POV F . 20.51 -33.57 -0.72
C32 POV F . 21.81 -35.27 0.65
O32 POV F . 21.01 -35.62 -1.54
C33 POV F . 21.06 -36.45 1.30
C34 POV F . 19.73 -35.96 1.90
C35 POV F . 19.99 -35.30 3.26
C36 POV F . 19.08 -34.07 3.46
C37 POV F . 19.56 -32.85 2.66
C38 POV F . 20.90 -32.33 3.21
C39 POV F . 21.20 -30.94 2.62
H29 POV F . 18.24 -28.16 -9.06
H1 POV F . 17.07 -32.65 -2.13
H1A POV F . 16.27 -34.08 -1.48
H2 POV F . 18.52 -35.04 -0.90
H3 POV F . 20.17 -33.59 -2.74
H3A POV F . 19.31 -32.35 -1.84
H310 POV F . 23.26 -31.59 2.77
H31A POV F . 23.08 -29.86 2.69
H210 POV F . 20.81 -27.49 -9.90
H11 POV F . 18.47 -30.57 -0.49
H11A POV F . 17.93 -29.63 0.88
H211 POV F . 20.74 -30.59 -9.36
H21A POV F . 21.50 -29.89 -10.76
H311 POV F . 23.46 -31.77 0.51
H31B POV F . 22.00 -30.86 0.25
H12 POV F . 17.09 -27.84 -0.65
H12A POV F . 17.59 -28.79 -2.04
H22 POV F . 15.22 -36.02 -4.11
H212 POV F . 22.44 -29.33 -7.91
H22A POV F . 15.47 -34.43 -3.43
H21B POV F . 23.11 -30.61 -8.91
H32 POV F . 22.84 -35.56 0.43
H312 POV F . 24.77 -29.68 0.74
H32A POV F . 21.86 -34.43 1.35
H31C POV F . 23.94 -29.72 -0.79
H13 POV F . 21.15 -28.41 -1.35
H13A POV F . 20.15 -29.78 -0.81
H13B POV F . 19.94 -29.13 -2.45
H23 POV F . 17.12 -35.46 -5.78
H213 POV F . 23.60 -28.81 -10.70
H23A POV F . 15.61 -34.60 -6.00
H21C POV F . 23.19 -27.61 -9.48
H33 POV F . 20.87 -37.22 0.55
H313 POV F . 22.02 -28.43 0.53
H33A POV F . 21.68 -36.91 2.07
H31D POV F . 23.31 -28.06 1.65
H14 POV F . 20.16 -26.32 -1.73
H14A POV F . 18.95 -27.07 -2.80
H14B POV F . 18.42 -26.07 -1.43
H24 POV F . 16.58 -32.70 -4.56
H214 POV F . 24.89 -28.78 -7.93
H24A POV F . 18.11 -33.53 -4.62
H21D POV F . 25.41 -29.71 -9.31
H34 POV F . 19.26 -35.25 1.23
H314 POV F . 24.67 -27.27 -0.42
H34A POV F . 19.05 -36.79 2.01
H31E POV F . 23.18 -27.35 -1.31
H15 POV F . 20.44 -27.10 0.48
H15A POV F . 18.70 -26.83 0.77
H15B POV F . 19.41 -28.44 1.09
H25 POV F . 18.01 -33.48 -7.17
H215 POV F . 25.37 -26.65 -9.21
H25A POV F . 16.54 -32.54 -7.05
H21E POV F . 26.79 -27.64 -8.93
H35 POV F . 19.82 -36.01 4.06
H315 POV F . 22.11 -25.88 0.52
H35A POV F . 21.04 -34.98 3.33
H31F POV F . 23.72 -25.65 1.17
H26 POV F . 17.84 -30.85 -5.60
H216 POV F . 26.43 -28.66 -11.25
H26A POV F . 19.29 -31.76 -5.97
H21F POV F . 25.18 -27.46 -11.51
H36 POV F . 18.06 -34.32 3.15
H316 POV F . 23.14 -23.81 -0.35
H36A POV F . 19.03 -33.81 4.51
H31G POV F . 24.50 -24.74 -1.00
H31H POV F . 22.86 -24.97 -1.67
H27 POV F . 18.88 -31.39 -8.42
H217 POV F . 26.84 -25.63 -11.02
H27A POV F . 17.43 -30.50 -8.05
H21G POV F . 28.09 -26.85 -10.80
H37 POV F . 19.68 -33.12 1.61
H37A POV F . 18.81 -32.06 2.70
H28 POV F . 18.87 -28.93 -6.61
H218 POV F . 28.16 -25.90 -13.08
H28A POV F . 20.28 -29.75 -7.26
H21H POV F . 27.75 -27.64 -13.13
H21J POV F . 26.48 -26.41 -13.34
H38 POV F . 20.85 -32.27 4.30
H38A POV F . 21.70 -33.03 2.97
H39 POV F . 20.90 -30.17 3.32
H39A POV F . 20.61 -30.80 1.71
P POV G . 13.52 -24.50 10.69
C1 POV G . 12.50 -22.31 11.71
C2 POV G . 12.09 -20.90 11.33
C3 POV G . 13.27 -20.01 11.01
O11 POV G . 13.04 -22.97 10.55
O12 POV G . 14.79 -24.39 11.66
O13 POV G . 13.96 -24.99 9.35
O14 POV G . 12.45 -25.24 11.45
C21 POV G . 10.28 -19.55 12.15
O21 POV G . 11.33 -20.34 12.44
C22 POV G . 10.62 -18.43 11.21
O22 POV G . 9.18 -19.76 12.59
C23 POV G . 9.48 -17.50 10.96
C24 POV G . 9.88 -16.30 10.12
C25 POV G . 10.42 -16.65 8.76
C26 POV G . 10.89 -15.46 7.98
C27 POV G . 9.90 -14.31 7.94
C31 POV G . 13.81 -20.56 8.76
O31 POV G . 13.23 -19.70 9.60
C32 POV G . 12.99 -20.76 7.52
O32 POV G . 14.85 -21.11 8.98
C33 POV G . 12.65 -19.48 6.81
C34 POV G . 13.30 -19.36 5.45
C35 POV G . 12.76 -20.30 4.43
C36 POV G . 13.48 -20.24 3.12
C37 POV G . 13.20 -19.01 2.32
C38 POV G . 13.82 -19.02 0.94
C39 POV G . 15.33 -19.07 0.94
H1 POV G . 13.24 -22.28 12.51
H1A POV G . 11.64 -22.85 12.09
H2 POV G . 11.49 -20.94 10.42
H3 POV G . 13.23 -19.10 11.60
H3A POV G . 14.21 -20.52 11.26
H22 POV G . 11.45 -17.86 11.62
H22A POV G . 10.95 -18.84 10.27
H32 POV G . 13.54 -21.40 6.83
H32A POV G . 12.07 -21.28 7.78
H23 POV G . 8.68 -18.04 10.45
H23A POV G . 9.08 -17.15 11.91
H33 POV G . 11.56 -19.42 6.69
H33A POV G . 12.94 -18.63 7.43
H24 POV G . 9.01 -15.65 10.01
H24A POV G . 10.64 -15.73 10.67
H34 POV G . 13.18 -18.34 5.10
H34A POV G . 14.37 -19.54 5.57
H25 POV G . 11.25 -17.34 8.88
H25A POV G . 9.65 -17.16 8.19
H35 POV G . 12.82 -21.32 4.81
H35A POV G . 11.71 -20.08 4.26
H26 POV G . 11.83 -15.10 8.40
H26A POV G . 11.11 -15.77 6.96
H36 POV G . 14.55 -20.31 3.31
H36A POV G . 13.20 -21.12 2.53
H37 POV G . 12.13 -18.88 2.22
H37A POV G . 13.58 -18.14 2.87
H38 POV G . 13.44 -19.89 0.40
H38A POV G . 13.50 -18.14 0.41
C21 POV H . 10.05 -31.12 7.16
C22 POV H . 10.69 -29.73 7.39
C23 POV H . 12.14 -29.74 6.87
C24 POV H . 12.77 -28.37 7.14
C25 POV H . 14.18 -28.34 6.55
C26 POV H . 14.81 -26.96 6.77
C27 POV H . 16.17 -26.91 6.09
H22 POV H . 10.11 -28.97 6.87
H22A POV H . 10.67 -29.49 8.45
H23 POV H . 12.70 -30.52 7.38
H23A POV H . 12.15 -29.96 5.81
H24 POV H . 12.16 -27.58 6.70
H24A POV H . 12.81 -28.18 8.21
H25 POV H . 14.79 -29.11 7.02
H25A POV H . 14.14 -28.56 5.49
H26 POV H . 14.15 -26.18 6.38
H26A POV H . 14.91 -26.77 7.85
C2 POV I . 12.55 -14.16 -20.76
C3 POV I . 12.80 -15.33 -19.83
C210 POV I . 22.90 -14.90 -18.56
C310 POV I . 20.94 -18.06 -22.51
C211 POV I . 24.05 -15.84 -18.41
C311 POV I . 22.23 -17.40 -22.88
C212 POV I . 24.68 -15.76 -17.06
C312 POV I . 23.45 -18.29 -22.71
C213 POV I . 25.63 -16.90 -16.73
C313 POV I . 23.81 -18.56 -21.29
C314 POV I . 25.14 -19.23 -21.11
C315 POV I . 25.57 -19.36 -19.67
C316 POV I . 26.99 -19.85 -19.51
C21 POV I . 13.87 -12.17 -20.55
O21 POV I . 12.85 -12.91 -20.08
C22 POV I . 15.06 -12.12 -19.65
O22 POV I . 13.82 -11.62 -21.62
C23 POV I . 16.32 -12.58 -20.31
C24 POV I . 16.36 -14.08 -20.54
C25 POV I . 17.03 -14.87 -19.43
C26 POV I . 18.52 -14.68 -19.37
C27 POV I . 19.19 -15.43 -18.23
C28 POV I . 20.53 -14.87 -17.83
C29 POV I . 21.65 -15.25 -18.75
C31 POV I . 12.65 -16.96 -21.52
O31 POV I . 12.16 -16.50 -20.37
C32 POV I . 13.87 -17.80 -21.29
O32 POV I . 12.15 -16.73 -22.60
C33 POV I . 15.09 -17.25 -21.95
C34 POV I . 15.14 -17.54 -23.44
C35 POV I . 16.46 -17.21 -24.09
C36 POV I . 17.46 -18.35 -24.09
C37 POV I . 17.92 -18.81 -22.73
C38 POV I . 18.53 -17.73 -21.87
C39 POV I . 19.78 -17.12 -22.44
H29 POV I . 21.41 -15.86 -19.62
H3 POV I . 13.86 -15.50 -19.72
H3A POV I . 12.40 -15.11 -18.84
H310 POV I . 20.72 -18.85 -23.23
H31A POV I . 21.06 -18.55 -21.54
H210 POV I . 23.13 -13.83 -18.54
H211 POV I . 23.71 -16.86 -18.59
H21A POV I . 24.80 -15.61 -19.17
H311 POV I . 22.18 -17.08 -23.92
H31B POV I . 22.37 -16.51 -22.27
H22 POV I . 15.20 -11.11 -19.29
H212 POV I . 25.23 -14.82 -16.99
H22A POV I . 14.87 -12.74 -18.78
H21B POV I . 23.90 -15.73 -16.31
H32 POV I . 14.05 -17.88 -20.22
H312 POV I . 23.27 -19.23 -23.22
H32A POV I . 13.68 -18.80 -21.66
H31C POV I . 24.29 -17.81 -23.21
H23 POV I . 16.42 -12.08 -21.27
H23A POV I . 17.17 -12.29 -19.70
H33 POV I . 15.12 -16.17 -21.78
H313 POV I . 23.80 -17.62 -20.73
H33A POV I . 15.97 -17.67 -21.46
H31D POV I . 23.04 -19.19 -20.84
H24 POV I . 15.33 -14.45 -20.65
H24A POV I . 16.87 -14.29 -21.47
H34 POV I . 14.92 -18.59 -23.59
H314 POV I . 25.11 -20.21 -21.56
H34A POV I . 14.35 -16.97 -23.93
H31E POV I . 25.90 -18.65 -21.65
H25 POV I . 16.60 -14.57 -18.48
H25A POV I . 16.81 -15.92 -19.56
H35 POV I . 16.26 -16.91 -25.12
H315 POV I . 25.47 -18.39 -19.18
H35A POV I . 16.90 -16.36 -23.59
H31F POV I . 24.90 -20.06 -19.17
H26 POV I . 18.96 -15.01 -20.31
H26A POV I . 18.74 -13.62 -19.27
H36 POV I . 17.02 -19.20 -24.61
H316 POV I . 27.22 -19.92 -18.45
H36A POV I . 18.33 -18.04 -24.66
H31G POV I . 27.08 -20.83 -19.98
H31H POV I . 27.66 -19.14 -19.99
H27 POV I . 18.54 -15.41 -17.36
H27A POV I . 19.32 -16.47 -18.51
H37 POV I . 17.07 -19.24 -22.20
H37A POV I . 18.64 -19.61 -22.85
H28 POV I . 20.46 -13.79 -17.77
H28A POV I . 20.77 -15.22 -16.81
H38 POV I . 17.79 -16.94 -21.72
H38A POV I . 18.76 -18.14 -20.89
H39 POV I . 20.06 -16.26 -21.83
H39A POV I . 19.57 -16.75 -23.44
PG ATP J . -36.14 -13.27 5.90
O1G ATP J . -35.14 -12.30 6.45
O2G ATP J . -37.60 -12.82 6.07
O3G ATP J . -35.90 -13.63 4.44
PB ATP J . -35.99 -16.21 6.37
O1B ATP J . -35.58 -16.46 4.98
O2B ATP J . -37.33 -16.81 6.79
O3B ATP J . -36.06 -14.67 6.68
PA ATP J . -33.56 -17.55 7.38
O1A ATP J . -33.77 -18.89 6.81
O2A ATP J . -32.52 -16.70 6.65
O3A ATP J . -34.90 -16.72 7.42
O5' ATP J . -33.13 -17.66 8.90
C5' ATP J . -33.87 -18.49 9.82
C4' ATP J . -33.01 -18.83 11.01
O4' ATP J . -31.66 -19.00 10.52
C3' ATP J . -32.94 -17.65 11.98
O3' ATP J . -32.71 -18.24 13.26
C2' ATP J . -31.61 -16.99 11.61
O2' ATP J . -31.06 -16.49 12.83
C1' ATP J . -30.79 -18.23 11.31
N9 ATP J . -29.62 -17.93 10.49
C8 ATP J . -29.60 -17.38 9.23
N7 ATP J . -28.40 -17.22 8.74
C5 ATP J . -27.57 -17.69 9.74
C6 ATP J . -26.17 -17.79 9.84
N6 ATP J . -25.32 -17.42 8.88
N1 ATP J . -25.66 -18.31 10.99
C2 ATP J . -26.50 -18.69 11.95
N3 ATP J . -27.83 -18.64 11.96
C4 ATP J . -28.31 -18.13 10.83
H5'1 ATP J . -34.78 -17.99 10.14
H5'2 ATP J . -34.17 -19.41 9.31
H4' ATP J . -33.42 -19.71 11.50
H3' ATP J . -33.80 -16.99 11.97
HO3' ATP J . -32.65 -17.55 13.93
H2' ATP J . -31.67 -16.22 10.84
HO2' ATP J . -30.22 -16.06 12.64
H1' ATP J . -30.44 -18.70 12.22
H8 ATP J . -30.50 -17.11 8.70
HN61 ATP J . -24.32 -17.51 9.02
HN62 ATP J . -25.68 -17.02 8.01
H2 ATP J . -26.03 -19.09 12.84
N POV K . 46.83 20.22 -14.31
P POV K . 44.68 21.42 -18.59
C1 POV K . 42.09 21.62 -18.11
C2 POV K . 41.95 23.14 -18.00
C11 POV K . 46.24 20.39 -16.73
O11 POV K . 43.10 21.30 -19.04
C12 POV K . 46.11 19.60 -15.42
O12 POV K . 45.03 20.28 -17.44
C13 POV K . 46.25 21.51 -13.96
O13 POV K . 45.00 22.76 -18.09
C14 POV K . 46.71 19.36 -13.15
O14 POV K . 45.58 21.31 -19.73
C15 POV K . 48.24 20.35 -14.67
C21 POV K . 40.31 23.29 -16.33
O21 POV K . 41.65 23.49 -16.69
C22 POV K . 39.88 23.44 -14.86
O22 POV K . 39.52 23.00 -17.17
C23 POV K . 38.43 23.01 -14.68
C24 POV K . 37.49 23.95 -15.45
H1 POV K . 42.35 21.20 -17.14
H1A POV K . 41.15 21.17 -18.41
H11 POV K . 46.47 21.44 -16.53
H11A POV K . 47.07 20.00 -17.33
H12 POV K . 46.47 18.59 -15.57
H12A POV K . 45.05 19.53 -15.15
H22 POV K . 40.53 22.85 -14.23
H22A POV K . 40.00 24.48 -14.56
H13 POV K . 46.82 21.94 -13.13
H13A POV K . 46.31 22.17 -14.83
H13B POV K . 45.22 21.38 -13.67
H23 POV K . 38.28 21.99 -15.02
H23A POV K . 38.16 23.03 -13.62
H14 POV K . 47.24 19.81 -12.31
H14A POV K . 45.65 19.25 -12.89
H14B POV K . 47.13 18.38 -13.38
H15 POV K . 48.77 20.82 -13.83
H15A POV K . 48.65 19.36 -14.86
H15B POV K . 48.33 20.97 -15.56
C310 POV L . 41.69 18.34 2.45
C311 POV L . 40.87 19.64 2.47
C312 POV L . 39.95 19.71 1.26
C313 POV L . 38.90 20.80 1.48
C314 POV L . 38.03 20.91 0.24
C315 POV L . 36.99 22.02 0.42
C316 POV L . 35.99 21.62 1.50
C33 POV L . 48.31 18.04 0.28
C34 POV L . 46.98 18.50 0.89
C35 POV L . 47.23 19.09 2.28
C36 POV L . 45.94 19.71 2.84
C37 POV L . 44.81 18.67 2.87
C38 POV L . 43.68 19.16 3.79
C39 POV L . 42.50 18.19 3.74
H310 POV L . 41.02 17.48 2.33
H31A POV L . 42.36 18.34 1.59
H311 POV L . 40.29 19.69 3.39
H31B POV L . 41.55 20.50 2.47
H312 POV L . 40.52 19.92 0.35
H31C POV L . 39.46 18.75 1.10
H313 POV L . 38.29 20.55 2.35
H31D POV L . 39.39 21.75 1.69
H34 POV L . 46.51 19.24 0.24
H314 POV L . 38.64 21.12 -0.63
H34A POV L . 46.29 17.66 0.95
H31E POV L . 37.52 19.96 0.06
H35 POV L . 47.57 18.31 2.96
H315 POV L . 37.49 22.94 0.70
H35A POV L . 48.01 19.85 2.23
H31F POV L . 36.48 22.20 -0.52
H36 POV L . 46.11 20.09 3.85
H316 POV L . 35.26 22.43 1.62
H36A POV L . 45.63 20.56 2.23
H31G POV L . 35.48 20.71 1.19
H31H POV L . 36.51 21.47 2.44
H37 POV L . 44.43 18.51 1.87
H37A POV L . 45.19 17.71 3.23
H38 POV L . 44.06 19.25 4.82
H38A POV L . 43.36 20.16 3.48
H39 POV L . 41.85 18.38 4.60
H39A POV L . 42.87 17.17 3.84
C310 POV M . 45.87 4.37 -20.01
C311 POV M . 44.84 4.27 -18.88
C312 POV M . 44.04 2.97 -19.02
C313 POV M . 42.73 3.09 -18.25
C314 POV M . 41.81 1.93 -18.65
C315 POV M . 40.40 2.18 -18.14
C316 POV M . 39.48 1.05 -18.59
C32 POV M . 50.79 9.33 -26.17
C33 POV M . 49.67 9.02 -25.17
C34 POV M . 50.15 9.35 -23.75
C35 POV M . 49.01 9.14 -22.74
C36 POV M . 48.64 7.66 -22.64
C37 POV M . 47.69 7.45 -21.46
C38 POV M . 47.30 5.98 -21.32
C39 POV M . 46.37 5.81 -20.12
H310 POV M . 46.71 3.70 -19.82
H31A POV M . 45.43 4.06 -20.95
H311 POV M . 45.34 4.30 -17.91
H31B POV M . 44.17 5.13 -18.92
H312 POV M . 43.84 2.77 -20.07
H31C POV M . 44.63 2.14 -18.65
H33 POV M . 48.78 9.59 -25.42
H313 POV M . 42.91 3.07 -17.18
H33A POV M . 49.40 7.97 -25.24
H31D POV M . 42.24 4.04 -18.46
H34 POV M . 51.00 8.73 -23.49
H314 POV M . 41.80 1.82 -19.73
H34A POV M . 50.49 10.38 -23.71
H31E POV M . 42.20 1.00 -18.25
H35 POV M . 49.33 9.50 -21.76
H315 POV M . 40.41 2.24 -17.05
H35A POV M . 48.15 9.73 -23.03
H31F POV M . 40.03 3.14 -18.51
H36 POV M . 48.14 7.33 -23.57
H316 POV M . 38.48 1.23 -18.22
H36A POV M . 49.53 7.04 -22.53
H31G POV M . 39.47 1.00 -19.68
H31H POV M . 39.85 0.11 -18.19
H37 POV M . 48.19 7.78 -20.54
H37A POV M . 46.80 8.07 -21.57
H38 POV M . 46.79 5.64 -22.23
H38A POV M . 48.19 5.36 -21.21
H39 POV M . 45.53 6.50 -20.20
H39A POV M . 46.91 6.09 -19.20
C2 POV N . 45.29 18.95 -23.14
C3 POV N . 43.86 19.44 -23.34
C21 POV N . 45.78 17.29 -21.53
O21 POV N . 45.23 17.60 -22.79
C22 POV N . 45.05 16.30 -20.60
O22 POV N . 46.80 17.79 -21.18
C23 POV N . 43.77 16.94 -20.06
C24 POV N . 43.03 15.95 -19.15
C25 POV N . 42.42 14.81 -19.98
C26 POV N . 41.37 14.06 -19.16
C27 POV N . 40.68 13.05 -20.07
C28 POV N . 39.46 12.45 -19.36
C31 POV N . 41.61 18.69 -23.06
O31 POV N . 42.99 18.46 -22.88
C32 POV N . 40.93 19.94 -22.47
O32 POV N . 40.96 17.93 -23.70
C33 POV N . 40.61 19.70 -20.99
C34 POV N . 39.76 18.44 -20.77
C35 POV N . 38.47 18.49 -21.59
C36 POV N . 37.44 17.48 -21.06
C37 POV N . 38.02 16.06 -20.93
C38 POV N . 38.55 15.58 -22.29
H3 POV N . 43.70 20.38 -22.81
H3A POV N . 43.68 19.65 -24.40
H22 POV N . 44.81 15.39 -21.15
H22A POV N . 45.71 16.01 -19.78
H32 POV N . 41.59 20.80 -22.58
H32A POV N . 40.02 20.16 -23.02
H23 POV N . 44.02 17.85 -19.51
H23A POV N . 43.13 17.24 -20.88
H33 POV N . 41.53 19.63 -20.42
H33A POV N . 40.06 20.57 -20.60
H24 POV N . 43.71 15.55 -18.41
H24A POV N . 42.24 16.47 -18.61
H34 POV N . 40.34 17.57 -21.04
H34A POV N . 39.51 18.34 -19.70
H25 POV N . 41.98 15.22 -20.89
H25A POV N . 43.21 14.13 -20.29
H35 POV N . 38.05 19.49 -21.56
H35A POV N . 38.69 18.28 -22.64
H26 POV N . 41.84 13.56 -18.32
H26A POV N . 40.64 14.76 -18.76
H36 POV N . 37.08 17.82 -20.09
H36A POV N . 36.57 17.46 -21.72
H27 POV N . 40.36 13.53 -21.00
H27A POV N . 41.38 12.25 -20.34
H37 POV N . 38.83 16.07 -20.20
H37A POV N . 37.25 15.39 -20.57
C2 POV O . 13.92 5.69 -25.59
C3 POV O . 13.58 4.57 -26.57
C210 POV O . 19.54 13.12 -24.44
C310 POV O . 17.94 0.95 -31.71
C211 POV O . 18.58 14.26 -24.12
C311 POV O . 17.69 0.29 -33.07
C212 POV O . 18.82 15.43 -25.08
C312 POV O . 18.63 -0.91 -33.28
C213 POV O . 18.41 15.05 -26.50
C313 POV O . 19.85 -0.51 -34.11
C214 POV O . 18.79 16.18 -27.44
C314 POV O . 20.74 0.45 -33.34
C215 POV O . 18.44 15.81 -28.88
C216 POV O . 19.07 16.81 -29.84
C217 POV O . 20.07 16.11 -30.76
C218 POV O . 21.29 15.64 -29.96
C21 POV O . 12.61 7.40 -24.63
O21 POV O . 13.07 6.78 -25.82
C22 POV O . 11.74 8.67 -24.71
O22 POV O . 12.91 6.94 -23.58
C23 POV O . 12.49 9.78 -25.46
C24 POV O . 13.71 10.21 -24.66
C25 POV O . 14.51 11.25 -25.47
C26 POV O . 15.71 11.78 -24.67
C27 POV O . 16.67 10.64 -24.34
C28 POV O . 17.98 11.19 -23.76
C29 POV O . 18.85 11.82 -24.85
C31 POV O . 12.10 4.00 -28.30
O31 POV O . 12.42 4.91 -27.28
C32 POV O . 11.01 4.34 -29.33
O32 POV O . 12.69 2.97 -28.36
C33 POV O . 11.05 3.39 -30.54
C34 POV O . 11.67 4.10 -31.76
C35 POV O . 13.16 4.48 -31.55
C36 POV O . 14.10 3.33 -31.94
C37 POV O . 14.53 2.52 -30.71
C38 POV O . 15.55 1.43 -31.11
C39 POV O . 16.91 2.05 -31.46
H29 POV O . 18.96 11.37 -25.85
H3 POV O . 14.41 4.40 -27.25
H3A POV O . 13.43 3.63 -26.02
H310 POV O . 17.88 0.20 -30.92
H31A POV O . 18.95 1.37 -31.68
H210 POV O . 20.63 13.21 -24.37
H211 POV O . 17.55 13.92 -24.21
H21A POV O . 18.71 14.59 -23.09
H311 POV O . 16.66 -0.05 -33.14
H31B POV O . 17.84 1.01 -33.87
H22 POV O . 10.80 8.44 -25.22
H212 POV O . 18.25 16.30 -24.75
H22A POV O . 11.48 9.00 -23.71
H21B POV O . 19.87 15.71 -25.06
H32 POV O . 10.04 4.28 -28.84
H312 POV O . 18.96 -1.29 -32.30
H32A POV O . 11.14 5.37 -29.66
H31C POV O . 18.09 -1.72 -33.77
H23 POV O . 12.80 9.41 -26.45
H213 POV O . 18.92 14.13 -26.80
H23A POV O . 11.83 10.62 -25.63
H21C POV O . 17.34 14.85 -26.55
H33 POV O . 11.62 2.50 -30.30
H313 POV O . 20.41 -1.40 -34.38
H33A POV O . 10.04 3.07 -30.79
H31D POV O . 19.53 -0.05 -35.04
H24 POV O . 13.41 10.64 -23.71
H214 POV O . 18.26 17.09 -27.15
H24A POV O . 14.35 9.36 -24.43
H21D POV O . 19.86 16.40 -27.37
H34 POV O . 11.59 3.45 -32.64
H34A POV O . 11.11 5.01 -31.98
H25 POV O . 14.86 10.80 -26.40
H215 POV O . 18.79 14.80 -29.10
H25A POV O . 13.85 12.08 -25.75
H21E POV O . 17.35 15.79 -29.01
H35 POV O . 13.39 5.36 -32.16
H35A POV O . 13.32 4.75 -30.52
H26 POV O . 16.22 12.55 -25.24
H216 POV O . 18.29 17.29 -30.44
H26A POV O . 15.35 12.25 -23.75
H21F POV O . 19.56 17.60 -29.28
H36 POV O . 13.61 2.68 -32.66
H36A POV O . 14.98 3.74 -32.43
H27 POV O . 16.22 9.96 -23.64
H217 POV O . 19.60 15.26 -31.24
H27A POV O . 16.89 10.07 -25.25
H21G POV O . 20.39 16.79 -31.55
H37 POV O . 14.97 3.18 -29.96
H37A POV O . 13.65 2.06 -30.25
H28 POV O . 17.76 11.94 -23.00
H218 POV O . 21.98 15.15 -30.64
H28A POV O . 18.53 10.40 -23.26
H21H POV O . 21.77 16.51 -29.51
H21J POV O . 20.97 14.95 -29.19
H38 POV O . 15.66 0.73 -30.29
H38A POV O . 15.16 0.87 -31.96
H39 POV O . 17.24 2.70 -30.64
H39A POV O . 16.81 2.68 -32.34
N POV P . 5.36 35.38 6.32
P POV P . 8.82 35.89 8.20
C1 POV P . 11.10 36.24 9.46
C2 POV P . 12.16 37.31 9.20
C3 POV P . 12.11 38.33 10.33
C210 POV P . 20.05 41.44 4.43
C310 POV P . 19.99 44.37 11.56
C11 POV P . 6.95 37.25 6.91
O11 POV P . 9.83 36.79 9.14
C211 POV P . 20.34 42.58 3.45
C311 POV P . 21.16 45.27 11.12
C12 POV P . 6.48 36.21 5.86
O12 POV P . 7.33 36.62 8.10
C212 POV P . 20.10 43.93 4.15
C312 POV P . 21.33 45.29 9.59
C13 POV P . 4.27 36.22 6.80
O13 POV P . 9.37 35.64 6.88
C213 POV P . 20.08 45.06 3.11
C313 POV P . 20.19 46.01 8.86
C14 POV P . 4.87 34.61 5.18
O14 POV P . 8.68 34.53 8.73
C214 POV P . 21.48 45.30 2.53
C314 POV P . 20.14 47.49 9.27
C15 POV P . 5.79 34.45 7.35
C215 POV P . 21.36 45.90 1.12
C315 POV P . 19.13 48.22 8.39
C216 POV P . 22.74 45.90 0.45
C316 POV P . 19.12 49.71 8.78
C217 POV P . 23.14 44.47 0.04
C218 POV P . 24.34 44.02 0.88
C21 POV P . 13.00 38.35 7.23
O21 POV P . 11.88 37.93 7.97
C22 POV P . 12.99 39.74 6.58
O22 POV P . 13.94 37.64 7.12
C23 POV P . 14.35 39.98 5.90
C24 POV P . 14.43 39.17 4.60
C25 POV P . 15.67 38.29 4.56
C26 POV P . 16.95 39.15 4.62
C27 POV P . 18.15 38.26 4.29
C28 POV P . 19.46 38.97 4.62
C29 POV P . 19.69 40.15 3.69
C31 POV P . 13.82 39.92 9.86
O31 POV P . 12.45 39.61 9.83
C32 POV P . 14.27 41.39 9.72
O32 POV P . 14.63 39.06 10.00
C33 POV P . 15.76 41.53 10.03
C34 POV P . 16.26 42.95 9.70
C35 POV P . 15.39 44.07 10.31
C36 POV P . 15.29 44.03 11.85
C37 POV P . 16.31 44.96 12.52
C38 POV P . 17.70 44.30 12.56
C39 POV P . 18.73 45.20 11.86
H29 POV P . 19.61 40.08 2.59
H1 POV P . 11.29 35.35 8.86
H1A POV P . 11.12 35.93 10.50
H2 POV P . 13.15 36.85 9.16
H3 POV P . 11.12 38.36 10.76
H3A POV P . 12.81 38.05 11.11
H310 POV P . 19.77 43.65 10.76
H31A POV P . 20.27 43.80 12.43
H210 POV P . 20.09 41.53 5.51
H11 POV P . 7.78 37.82 6.50
H11A POV P . 6.15 37.95 7.10
H211 POV P . 21.37 42.53 3.12
H21A POV P . 19.71 42.50 2.58
H311 POV P . 20.98 46.28 11.49
H31B POV P . 22.07 44.92 11.60
H12 POV P . 7.32 35.56 5.61
H12A POV P . 6.19 36.73 4.95
H22 POV P . 12.19 39.81 5.84
H212 POV P . 19.16 43.91 4.69
H22A POV P . 12.80 40.50 7.33
H21B POV P . 20.88 44.12 4.88
H32 POV P . 14.05 41.73 8.71
H312 POV P . 22.28 45.78 9.36
H32A POV P . 13.68 42.01 10.39
H31C POV P . 21.40 44.27 9.23
H13 POV P . 3.45 35.58 7.14
H13A POV P . 4.63 36.82 7.63
H13B POV P . 3.93 36.86 5.99
H23 POV P . 14.48 41.05 5.69
H213 POV P . 19.39 44.80 2.31
H23A POV P . 15.16 39.68 6.58
H21C POV P . 19.71 45.97 3.57
H33 POV P . 15.94 41.32 11.08
H313 POV P . 20.34 45.94 7.79
H33A POV P . 16.33 40.81 9.45
H31D POV P . 19.25 45.54 9.09
H14 POV P . 4.03 34.00 5.51
H14A POV P . 4.53 35.30 4.40
H14B POV P . 5.67 33.99 4.80
H24 POV P . 13.54 38.55 4.50
H214 POV P . 22.04 45.97 3.18
H24A POV P . 14.43 39.86 3.75
H21D POV P . 22.03 44.36 2.49
H34 POV P . 17.29 43.07 10.05
H314 POV P . 19.85 47.57 10.32
H34A POV P . 16.29 43.08 8.62
H31E POV P . 21.13 47.95 9.17
H15 POV P . 4.92 33.86 7.67
H15A POV P . 6.56 33.80 6.95
H15B POV P . 6.18 35.01 8.20
H25 POV P . 15.67 37.60 5.40
H215 POV P . 20.66 45.32 0.53
H25A POV P . 15.68 37.70 3.66
H21E POV P . 20.98 46.91 1.18
H35 POV P . 15.80 45.04 10.02
H315 POV P . 19.40 48.11 7.34
H35A POV P . 14.39 44.01 9.89
H31F POV P . 18.14 47.80 8.52
H26 POV P . 16.88 39.98 3.92
H216 POV P . 22.71 46.53 -0.44
H26A POV P . 17.06 39.58 5.61
H21F POV P . 23.48 46.32 1.12
H36 POV P . 14.29 44.31 12.16
H316 POV P . 18.40 50.22 8.15
H36A POV P . 15.44 43.01 12.19
H31G POV P . 18.83 49.80 9.82
H31H POV P . 20.11 50.12 8.63
H27 POV P . 18.08 37.33 4.85
H217 POV P . 22.31 43.80 0.20
H27A POV P . 18.13 38.00 3.23
H21G POV P . 23.39 44.45 -1.01
H37 POV P . 16.37 45.90 11.97
H37A POV P . 15.99 45.19 13.53
H28 POV P . 19.43 39.32 5.65
H218 POV P . 24.61 43.00 0.58
H28A POV P . 20.29 38.27 4.55
H21H POV P . 25.18 44.69 0.69
H21J POV P . 24.07 44.03 1.93
H38 POV P . 18.00 44.14 13.59
H38A POV P . 17.67 43.33 12.08
H39 POV P . 18.98 46.05 12.49
H39A POV P . 18.31 45.61 10.94
PG ATP Q . -38.14 12.32 0.65
O1G ATP Q . -38.61 12.72 2.02
O2G ATP Q . -36.65 12.55 0.44
O3G ATP Q . -38.48 10.88 0.29
PB ATP Q . -39.03 13.24 -2.05
O1B ATP Q . -40.45 13.26 -2.46
O2B ATP Q . -38.19 12.10 -2.63
O3B ATP Q . -38.85 13.20 -0.47
PA ATP Q . -37.31 15.11 -3.57
O1A ATP Q . -36.41 16.18 -3.09
O2A ATP Q . -36.60 13.89 -4.14
O3A ATP Q . -38.28 14.60 -2.42
O5' ATP Q . -38.33 15.65 -4.66
C5' ATP Q . -38.07 16.85 -5.40
C4' ATP Q . -36.93 16.63 -6.37
O4' ATP Q . -35.72 16.70 -5.59
C3' ATP Q . -36.92 15.20 -6.92
O3' ATP Q . -37.10 15.35 -8.33
C2' ATP Q . -35.47 14.73 -6.74
O2' ATP Q . -34.98 14.49 -8.05
C1' ATP Q . -34.75 16.00 -6.31
N9 ATP Q . -33.67 15.71 -5.36
C8 ATP Q . -33.76 15.08 -4.15
N7 ATP Q . -32.62 14.98 -3.52
C5 ATP Q . -31.71 15.58 -4.38
C6 ATP Q . -30.32 15.79 -4.29
N6 ATP Q . -29.56 15.40 -3.27
N1 ATP Q . -29.72 16.41 -5.33
C2 ATP Q . -30.46 16.80 -6.37
N3 ATP Q . -31.78 16.66 -6.56
C4 ATP Q . -32.34 16.04 -5.53
H5'1 ATP Q . -38.95 17.15 -5.95
H5'2 ATP Q . -37.82 17.66 -4.72
H4' ATP Q . -37.01 17.35 -7.17
H3' ATP Q . -37.66 14.55 -6.46
HO3' ATP Q . -37.11 14.48 -8.74
H2' ATP Q . -35.36 13.87 -6.08
HO2' ATP Q . -34.06 14.19 -8.00
H1' ATP Q . -34.33 16.51 -7.16
H8 ATP Q . -34.69 14.72 -3.75
HN61 ATP Q . -28.57 15.58 -3.26
HN62 ATP Q . -29.99 14.92 -2.47
H2 ATP Q . -29.92 17.30 -7.17
#